data_6TM0
#
_entry.id   6TM0
#
_cell.length_a   116.331
_cell.length_b   107.380
_cell.length_c   160.451
_cell.angle_alpha   90.000
_cell.angle_beta   90.070
_cell.angle_gamma   90.000
#
_symmetry.space_group_name_H-M   'C 1 2 1'
#
loop_
_entity.id
_entity.type
_entity.pdbx_description
1 polymer 'Mgp-operon protein 3'
2 branched 'N-acetyl-alpha-neuraminic acid-(2-6)-beta-D-galactopyranose-(1-4)-beta-D-glucopyranose'
#
_entity_poly.entity_id   1
_entity_poly.type   'polypeptide(L)'
_entity_poly.pdbx_seq_one_letter_code
;SLANTYLLQDHNTLTPYTPFTTPLNGGLDVVRAAHLHPSYELVDWKRVGDTKLVALVRSALVRVKFQDTTSSDQSNTNQN
ALSFDTQESQKALNGSQSGSSDTSGSNSQDFASYVLIFKAAPRATWVFERKIKLALPYVKQESQGSGDQGSNGKGSLYKT
LQDLLVEQPVTPYTPNAGLARVNGVAQDTVHFGSGQESSWNSQRSQKGLKNNPGPKAVTGFKLDKGRAYRKLNESWPVYE
PLDSTKEGKGKDESSWKNSEKTTAENDAPLVGMVGSGAAGSASSLQGNGSNSSGLKSLLRSAPVSVPPSSTSNQTLSLSN
PAPVGPQAVVSQPAGGATAAVSVNRTASDTATFSKYLNTAQALHQMGVIVPGLEKWGGNNGTGVVASRQDATSTNLPHAA
GASQTGLGTGSPREPALTATSQRAVTVVAGPLRAGNSSETDALPNVITQLYHTSTAQLAYLNGQIVVMGSDRVPSLWYWV
VGEDQESGKATWWAKTELNWGTDKQKQFVENQLGFKDDSNSDSKNSNLKAQGLTQPAYLIAGLDVVADHLVFAAFKAGAV
GYDMTTDSSASTYNQALAWSTTAGLDSDGGYKALVENTAGLNGPINGLFTLLDTFAYVTPVSGMKGGSQNNEEVQTTYPV
KSDQKATAKIASLINASPLNSYGDDGVTVFDALGLNFNFKLNEERLPSRTDQLLVYGIVNESELKSARENAQSTSDDNSN
TKVKWTNTASHYLPVPYYYSANFPEAGNRRRAEQRNGVKISTLESQATDGFANSLLNFGTGLKAGVDPAPVARGHKPNYS
AVLLVRGGVVRLNFNPDTDKLLDSTDKNSEPISFSYTPFGSAESAVDLTTLKDVTYIAESGLWFYTFDNGEKPTYDGKQQ
QVKNRKGYAVITVSRTGIEFNEDANTTTLSQAPAALAVQNGIASSQDDLTGILPLSDEFSAVITKDQTWTGKVDIYKNTN
GLFEKDDQLSENVKRR
;
_entity_poly.pdbx_strand_id   A,B
#
loop_
_chem_comp.id
_chem_comp.type
_chem_comp.name
_chem_comp.formula
BGC D-saccharide, beta linking beta-D-glucopyranose 'C6 H12 O6'
GAL D-saccharide, beta linking beta-D-galactopyranose 'C6 H12 O6'
SIA D-saccharide, alpha linking 'N-acetyl-alpha-neuraminic acid' 'C11 H19 N O9'
#
# COMPACT_ATOMS: atom_id res chain seq x y z
N SER A 1 -21.95 -20.03 43.91
CA SER A 1 -23.24 -19.97 44.60
C SER A 1 -23.94 -21.33 44.47
N LEU A 2 -25.24 -21.38 44.73
CA LEU A 2 -26.02 -22.60 44.54
C LEU A 2 -26.84 -22.29 43.30
N ALA A 3 -27.33 -21.03 43.23
CA ALA A 3 -28.06 -20.45 42.09
C ALA A 3 -27.28 -20.60 40.79
N ASN A 4 -25.94 -20.60 40.85
CA ASN A 4 -25.18 -20.77 39.62
C ASN A 4 -25.32 -22.21 39.10
N THR A 5 -25.60 -22.33 37.79
CA THR A 5 -25.78 -23.58 37.06
C THR A 5 -24.62 -23.74 36.09
N TYR A 6 -24.12 -24.97 35.95
CA TYR A 6 -23.07 -25.29 35.02
C TYR A 6 -23.76 -26.04 33.89
N LEU A 7 -23.55 -25.63 32.61
CA LEU A 7 -24.17 -26.29 31.45
C LEU A 7 -23.25 -27.35 30.88
N LEU A 8 -23.80 -28.49 30.41
CA LEU A 8 -23.02 -29.61 29.84
C LEU A 8 -23.68 -30.17 28.60
N GLN A 9 -22.91 -30.42 27.52
CA GLN A 9 -23.37 -30.97 26.26
C GLN A 9 -23.35 -32.50 26.19
N ASP A 10 -24.26 -33.07 25.39
CA ASP A 10 -24.36 -34.47 25.02
C ASP A 10 -25.05 -34.45 23.69
N HIS A 11 -24.25 -34.60 22.62
CA HIS A 11 -24.68 -34.51 21.22
C HIS A 11 -25.30 -33.12 20.98
N ASN A 12 -26.60 -33.04 20.73
CA ASN A 12 -27.28 -31.77 20.46
C ASN A 12 -27.92 -31.11 21.69
N THR A 13 -27.86 -31.79 22.85
CA THR A 13 -28.47 -31.35 24.12
C THR A 13 -27.50 -30.63 25.08
N LEU A 14 -27.97 -29.54 25.72
CA LEU A 14 -27.22 -28.79 26.72
C LEU A 14 -28.00 -28.89 28.04
N THR A 15 -27.53 -29.73 28.97
CA THR A 15 -28.24 -29.96 30.25
C THR A 15 -27.68 -29.10 31.41
N PRO A 16 -28.58 -28.37 32.10
CA PRO A 16 -28.15 -27.55 33.25
C PRO A 16 -27.94 -28.37 34.52
N TYR A 17 -26.80 -28.15 35.17
CA TYR A 17 -26.42 -28.84 36.39
C TYR A 17 -26.22 -27.87 37.58
N THR A 18 -26.67 -28.27 38.77
CA THR A 18 -26.52 -27.48 39.99
C THR A 18 -25.23 -27.90 40.73
N PRO A 19 -24.80 -27.19 41.81
CA PRO A 19 -23.62 -27.63 42.57
C PRO A 19 -23.88 -28.85 43.47
N PHE A 20 -25.13 -29.33 43.53
CA PHE A 20 -25.49 -30.56 44.23
C PHE A 20 -25.17 -31.76 43.34
N THR A 21 -24.69 -31.48 42.09
CA THR A 21 -24.26 -32.37 41.00
C THR A 21 -25.48 -32.95 40.24
N THR A 22 -26.70 -32.50 40.57
CA THR A 22 -27.91 -33.00 39.93
C THR A 22 -28.43 -32.06 38.84
N PRO A 23 -29.01 -32.60 37.75
CA PRO A 23 -29.50 -31.73 36.69
C PRO A 23 -30.90 -31.17 36.96
N LEU A 24 -31.10 -29.88 36.65
CA LEU A 24 -32.35 -29.17 36.83
C LEU A 24 -33.47 -29.60 35.87
N ASN A 25 -33.14 -30.11 34.67
CA ASN A 25 -34.11 -30.62 33.68
C ASN A 25 -33.39 -31.47 32.66
N GLY A 26 -34.15 -32.12 31.76
CA GLY A 26 -33.61 -32.94 30.68
C GLY A 26 -32.74 -32.21 29.66
N GLY A 27 -32.56 -30.90 29.83
CA GLY A 27 -31.74 -30.06 28.95
C GLY A 27 -32.48 -29.43 27.78
N LEU A 28 -31.71 -28.77 26.89
CA LEU A 28 -32.20 -28.09 25.69
C LEU A 28 -31.62 -28.73 24.41
N ASP A 29 -32.48 -29.36 23.59
CA ASP A 29 -32.08 -29.95 22.31
C ASP A 29 -32.08 -28.79 21.28
N VAL A 30 -30.91 -28.14 21.15
CA VAL A 30 -30.66 -26.98 20.29
C VAL A 30 -31.28 -27.12 18.89
N VAL A 31 -31.07 -28.29 18.24
CA VAL A 31 -31.60 -28.62 16.90
C VAL A 31 -33.11 -28.56 16.87
N ARG A 32 -33.77 -29.36 17.71
CA ARG A 32 -35.22 -29.44 17.77
C ARG A 32 -35.89 -28.13 18.23
N ALA A 33 -35.18 -27.30 19.01
CA ALA A 33 -35.69 -26.00 19.46
C ALA A 33 -35.66 -25.03 18.27
N ALA A 34 -34.62 -25.10 17.45
CA ALA A 34 -34.45 -24.24 16.29
C ALA A 34 -35.42 -24.60 15.11
N HIS A 35 -36.24 -25.68 15.27
CA HIS A 35 -37.18 -26.23 14.27
C HIS A 35 -36.36 -26.73 13.05
N LEU A 36 -35.16 -27.28 13.32
CA LEU A 36 -34.21 -27.73 12.30
C LEU A 36 -34.27 -29.22 11.98
N HIS A 37 -33.65 -29.60 10.86
CA HIS A 37 -33.63 -30.95 10.30
C HIS A 37 -32.82 -31.95 11.14
N PRO A 38 -33.25 -33.23 11.23
CA PRO A 38 -32.52 -34.20 12.08
C PRO A 38 -31.09 -34.56 11.67
N SER A 39 -30.59 -34.09 10.53
CA SER A 39 -29.19 -34.36 10.17
C SER A 39 -28.26 -33.27 10.74
N TYR A 40 -28.78 -32.43 11.65
CA TYR A 40 -28.03 -31.33 12.24
C TYR A 40 -27.29 -31.74 13.47
N GLU A 41 -26.11 -31.17 13.62
CA GLU A 41 -25.22 -31.41 14.74
C GLU A 41 -24.82 -30.08 15.33
N LEU A 42 -24.79 -30.00 16.68
CA LEU A 42 -24.33 -28.81 17.38
C LEU A 42 -22.85 -29.01 17.50
N VAL A 43 -22.03 -28.00 17.12
CA VAL A 43 -20.57 -28.06 17.05
C VAL A 43 -19.84 -27.17 18.09
N ASP A 44 -20.46 -26.03 18.48
CA ASP A 44 -19.99 -25.09 19.51
C ASP A 44 -21.16 -24.28 20.06
N TRP A 45 -21.04 -23.79 21.30
CA TRP A 45 -22.06 -23.01 22.00
C TRP A 45 -21.40 -22.19 23.12
N LYS A 46 -21.90 -20.99 23.39
CA LYS A 46 -21.36 -20.11 24.43
C LYS A 46 -22.51 -19.42 25.19
N ARG A 47 -22.46 -19.43 26.52
CA ARG A 47 -23.49 -18.81 27.33
C ARG A 47 -23.14 -17.32 27.46
N VAL A 48 -23.69 -16.48 26.57
CA VAL A 48 -23.44 -15.04 26.57
C VAL A 48 -24.11 -14.40 27.77
N GLY A 49 -23.29 -13.81 28.62
CA GLY A 49 -23.76 -13.15 29.83
C GLY A 49 -24.65 -14.01 30.70
N ASP A 50 -25.70 -13.40 31.24
CA ASP A 50 -26.65 -14.03 32.17
C ASP A 50 -27.96 -14.50 31.54
N THR A 51 -28.38 -13.93 30.39
CA THR A 51 -29.66 -14.23 29.75
C THR A 51 -29.60 -14.73 28.28
N LYS A 52 -28.41 -14.72 27.66
CA LYS A 52 -28.26 -15.16 26.27
C LYS A 52 -27.46 -16.48 26.20
N LEU A 53 -27.64 -17.21 25.08
CA LEU A 53 -26.93 -18.45 24.76
C LEU A 53 -26.88 -18.59 23.26
N VAL A 54 -25.68 -18.45 22.70
CA VAL A 54 -25.41 -18.52 21.28
C VAL A 54 -24.87 -19.92 20.95
N ALA A 55 -25.28 -20.50 19.83
CA ALA A 55 -24.88 -21.85 19.43
C ALA A 55 -24.60 -21.97 17.92
N LEU A 56 -23.86 -23.02 17.53
CA LEU A 56 -23.47 -23.30 16.14
C LEU A 56 -23.91 -24.68 15.71
N VAL A 57 -24.59 -24.77 14.56
CA VAL A 57 -25.07 -26.07 14.04
C VAL A 57 -24.72 -26.29 12.56
N ARG A 58 -24.43 -27.56 12.18
CA ARG A 58 -24.08 -27.94 10.80
C ARG A 58 -24.75 -29.26 10.36
N SER A 59 -24.82 -29.49 9.03
CA SER A 59 -25.45 -30.70 8.48
C SER A 59 -24.56 -31.40 7.49
N ALA A 60 -24.47 -32.75 7.59
CA ALA A 60 -23.69 -33.64 6.71
C ALA A 60 -24.35 -33.83 5.33
N LEU A 61 -25.54 -33.21 5.17
CA LEU A 61 -26.30 -33.21 3.94
C LEU A 61 -25.98 -31.98 3.11
N VAL A 62 -25.31 -30.97 3.69
CA VAL A 62 -24.89 -29.78 2.96
C VAL A 62 -24.10 -30.20 1.68
N ARG A 63 -24.43 -29.66 0.53
CA ARG A 63 -23.71 -30.01 -0.69
C ARG A 63 -23.40 -28.72 -1.43
N VAL A 64 -22.10 -28.45 -1.60
CA VAL A 64 -21.57 -27.24 -2.22
C VAL A 64 -21.09 -27.55 -3.68
N LYS A 65 -21.06 -26.52 -4.55
CA LYS A 65 -20.62 -26.65 -5.94
C LYS A 65 -19.96 -25.37 -6.46
N PHE A 66 -18.88 -25.56 -7.23
CA PHE A 66 -18.11 -24.49 -7.84
C PHE A 66 -18.21 -24.60 -9.34
N GLN A 67 -18.45 -23.47 -10.03
CA GLN A 67 -18.58 -23.49 -11.49
C GLN A 67 -17.32 -23.06 -12.24
N ASP A 68 -16.91 -23.87 -13.24
CA ASP A 68 -15.76 -23.65 -14.11
C ASP A 68 -16.04 -24.11 -15.56
N THR A 69 -16.75 -23.25 -16.36
CA THR A 69 -17.18 -23.44 -17.75
C THR A 69 -17.75 -24.85 -18.01
N ASN A 76 -23.78 -15.76 -14.32
CA ASN A 76 -23.98 -14.93 -15.51
C ASN A 76 -23.42 -13.51 -15.27
N THR A 77 -24.21 -12.63 -14.57
CA THR A 77 -23.84 -11.25 -14.25
C THR A 77 -23.13 -11.26 -12.87
N ASN A 78 -23.71 -10.57 -11.85
CA ASN A 78 -23.17 -10.51 -10.48
C ASN A 78 -23.32 -11.84 -9.71
N GLN A 79 -23.39 -12.97 -10.44
CA GLN A 79 -23.53 -14.32 -9.88
C GLN A 79 -22.24 -14.85 -9.27
N ASN A 80 -22.40 -15.52 -8.12
CA ASN A 80 -21.33 -16.16 -7.34
C ASN A 80 -21.03 -17.53 -7.93
N ALA A 81 -19.74 -17.82 -8.15
CA ALA A 81 -19.25 -19.09 -8.73
C ALA A 81 -19.42 -20.26 -7.79
N LEU A 82 -19.63 -19.96 -6.51
CA LEU A 82 -19.82 -20.88 -5.39
C LEU A 82 -21.31 -20.90 -5.02
N SER A 83 -21.91 -22.09 -4.93
CA SER A 83 -23.33 -22.23 -4.58
C SER A 83 -23.69 -23.55 -3.87
N PHE A 84 -24.87 -23.59 -3.23
CA PHE A 84 -25.37 -24.81 -2.59
C PHE A 84 -26.12 -25.60 -3.67
N ASP A 85 -25.87 -26.92 -3.73
CA ASP A 85 -26.46 -27.88 -4.68
C ASP A 85 -27.57 -28.72 -3.99
N THR A 86 -28.76 -28.14 -3.93
CA THR A 86 -29.97 -28.70 -3.31
C THR A 86 -30.42 -30.02 -4.03
N GLN A 87 -29.92 -30.27 -5.26
CA GLN A 87 -30.16 -31.51 -6.01
C GLN A 87 -29.42 -32.69 -5.35
N GLU A 88 -28.09 -32.54 -5.12
CA GLU A 88 -27.23 -33.55 -4.48
C GLU A 88 -27.61 -33.72 -3.03
N SER A 89 -28.01 -32.61 -2.37
CA SER A 89 -28.43 -32.56 -0.96
C SER A 89 -29.67 -33.44 -0.75
N GLN A 90 -30.50 -33.55 -1.81
CA GLN A 90 -31.68 -34.40 -1.87
C GLN A 90 -31.29 -35.86 -2.17
N LYS A 91 -30.33 -36.06 -3.09
CA LYS A 91 -29.82 -37.37 -3.51
C LYS A 91 -29.23 -38.16 -2.31
N ALA A 92 -28.54 -37.45 -1.38
CA ALA A 92 -27.93 -37.99 -0.17
C ALA A 92 -28.99 -38.45 0.84
N LEU A 93 -30.09 -37.68 0.99
CA LEU A 93 -31.21 -37.99 1.88
C LEU A 93 -31.70 -39.43 1.69
N ASN A 94 -31.84 -39.85 0.42
CA ASN A 94 -32.23 -41.21 0.04
C ASN A 94 -30.98 -42.10 0.01
N GLY A 95 -31.07 -43.24 0.70
CA GLY A 95 -29.97 -44.19 0.83
C GLY A 95 -28.91 -43.71 1.81
N GLN A 109 -33.47 -26.88 3.48
CA GLN A 109 -33.26 -26.54 2.07
C GLN A 109 -31.85 -26.94 1.59
N ASP A 110 -30.87 -26.02 1.75
CA ASP A 110 -29.47 -26.18 1.36
C ASP A 110 -28.69 -26.94 2.44
N PHE A 111 -29.30 -27.06 3.66
CA PHE A 111 -28.73 -27.69 4.85
C PHE A 111 -27.49 -26.92 5.34
N ALA A 112 -27.49 -25.58 5.13
CA ALA A 112 -26.42 -24.68 5.56
C ALA A 112 -26.25 -24.64 7.09
N SER A 113 -25.13 -24.08 7.55
CA SER A 113 -24.84 -23.92 8.96
C SER A 113 -25.54 -22.68 9.54
N TYR A 114 -25.84 -22.70 10.84
CA TYR A 114 -26.58 -21.62 11.50
C TYR A 114 -26.04 -21.23 12.87
N VAL A 115 -26.21 -19.93 13.21
CA VAL A 115 -25.89 -19.34 14.50
C VAL A 115 -27.25 -19.12 15.18
N LEU A 116 -27.54 -19.85 16.28
CA LEU A 116 -28.85 -19.75 16.94
C LEU A 116 -28.77 -18.91 18.18
N ILE A 117 -29.66 -17.94 18.33
CA ILE A 117 -29.73 -17.05 19.50
C ILE A 117 -30.88 -17.48 20.37
N PHE A 118 -30.59 -17.73 21.66
CA PHE A 118 -31.55 -18.18 22.65
C PHE A 118 -31.62 -17.17 23.79
N LYS A 119 -32.82 -17.06 24.41
CA LYS A 119 -33.09 -16.19 25.53
C LYS A 119 -33.46 -17.05 26.74
N ALA A 120 -33.01 -16.66 27.94
CA ALA A 120 -33.26 -17.37 29.18
C ALA A 120 -34.70 -17.21 29.56
N ALA A 121 -35.30 -18.25 30.15
CA ALA A 121 -36.71 -18.28 30.54
C ALA A 121 -36.92 -18.72 32.02
N PRO A 122 -38.17 -18.90 32.53
CA PRO A 122 -38.34 -19.34 33.94
C PRO A 122 -37.75 -20.72 34.20
N ARG A 123 -37.25 -20.96 35.44
CA ARG A 123 -36.54 -22.18 35.84
C ARG A 123 -35.23 -22.19 35.03
N ALA A 124 -34.65 -23.33 34.63
CA ALA A 124 -33.40 -23.21 33.86
C ALA A 124 -33.69 -22.70 32.45
N THR A 125 -34.34 -23.53 31.66
CA THR A 125 -34.91 -23.42 30.32
C THR A 125 -34.52 -22.22 29.42
N TRP A 126 -34.43 -22.52 28.12
CA TRP A 126 -34.16 -21.54 27.08
C TRP A 126 -35.34 -21.46 26.09
N VAL A 127 -35.51 -20.26 25.49
CA VAL A 127 -36.53 -19.96 24.51
C VAL A 127 -35.79 -19.50 23.27
N PHE A 128 -36.07 -20.13 22.11
CA PHE A 128 -35.41 -19.81 20.84
C PHE A 128 -35.77 -18.37 20.39
N GLU A 129 -34.76 -17.57 19.96
CA GLU A 129 -35.03 -16.19 19.57
C GLU A 129 -34.87 -15.94 18.09
N ARG A 130 -33.86 -16.56 17.44
CA ARG A 130 -33.63 -16.43 16.00
C ARG A 130 -32.49 -17.33 15.48
N LYS A 131 -32.37 -17.45 14.13
CA LYS A 131 -31.41 -18.26 13.36
C LYS A 131 -30.68 -17.36 12.35
N ILE A 132 -29.37 -17.61 12.14
CA ILE A 132 -28.58 -16.84 11.17
C ILE A 132 -27.82 -17.83 10.29
N LYS A 133 -28.13 -17.83 8.96
CA LYS A 133 -27.49 -18.68 7.96
C LYS A 133 -26.07 -18.19 7.70
N LEU A 134 -25.11 -19.13 7.63
CA LEU A 134 -23.70 -18.82 7.33
C LEU A 134 -23.50 -19.13 5.85
N ALA A 135 -23.90 -18.19 4.98
CA ALA A 135 -23.82 -18.36 3.53
C ALA A 135 -22.39 -18.50 2.99
N LEU A 136 -22.27 -19.12 1.81
CA LEU A 136 -21.03 -19.36 1.05
C LEU A 136 -20.34 -18.02 0.76
N PRO A 137 -19.00 -17.90 0.89
CA PRO A 137 -18.34 -16.63 0.54
C PRO A 137 -18.50 -16.32 -0.94
N TYR A 138 -18.44 -15.04 -1.28
CA TYR A 138 -18.62 -14.64 -2.68
C TYR A 138 -17.33 -14.76 -3.50
N VAL A 139 -17.46 -15.22 -4.76
CA VAL A 139 -16.41 -15.35 -5.79
C VAL A 139 -17.05 -15.00 -7.16
N LYS A 140 -16.43 -14.05 -7.90
CA LYS A 140 -16.93 -13.58 -9.20
C LYS A 140 -16.58 -14.51 -10.35
N GLN A 141 -17.62 -15.09 -10.95
CA GLN A 141 -17.53 -16.06 -12.05
C GLN A 141 -17.29 -15.38 -13.43
N GLU A 142 -16.33 -15.92 -14.23
CA GLU A 142 -16.04 -15.38 -15.56
C GLU A 142 -16.64 -16.27 -16.67
N SER A 143 -17.04 -15.67 -17.80
CA SER A 143 -17.63 -16.42 -18.90
C SER A 143 -17.50 -15.69 -20.24
N GLN A 144 -16.74 -16.28 -21.20
CA GLN A 144 -16.60 -15.71 -22.54
C GLN A 144 -17.88 -15.95 -23.34
N GLY A 145 -18.83 -16.70 -22.77
CA GLY A 145 -20.13 -17.00 -23.36
C GLY A 145 -21.32 -16.44 -22.61
N SER A 146 -21.13 -15.30 -21.88
CA SER A 146 -22.19 -14.64 -21.11
C SER A 146 -22.11 -13.10 -21.15
N GLY A 147 -20.95 -12.54 -20.80
CA GLY A 147 -20.71 -11.11 -20.79
C GLY A 147 -19.88 -10.62 -21.95
N LYS A 154 -5.75 -7.38 -13.66
CA LYS A 154 -6.59 -7.50 -12.45
C LYS A 154 -6.53 -8.90 -11.84
N GLY A 155 -6.23 -8.98 -10.54
CA GLY A 155 -6.14 -10.24 -9.80
C GLY A 155 -7.49 -10.95 -9.66
N SER A 156 -7.51 -12.25 -10.02
CA SER A 156 -8.69 -13.08 -9.95
C SER A 156 -8.58 -14.27 -8.97
N LEU A 157 -9.37 -14.24 -7.88
CA LEU A 157 -9.45 -15.32 -6.90
C LEU A 157 -10.12 -16.52 -7.57
N TYR A 158 -10.96 -16.24 -8.61
CA TYR A 158 -11.64 -17.25 -9.42
C TYR A 158 -10.63 -18.15 -10.18
N LYS A 159 -9.65 -17.56 -10.86
CA LYS A 159 -8.61 -18.31 -11.56
C LYS A 159 -7.85 -19.24 -10.62
N THR A 160 -7.50 -18.74 -9.43
CA THR A 160 -6.78 -19.47 -8.38
C THR A 160 -7.51 -20.76 -8.05
N LEU A 161 -8.83 -20.61 -7.72
CA LEU A 161 -9.76 -21.67 -7.32
C LEU A 161 -9.93 -22.74 -8.40
N GLN A 162 -9.89 -22.34 -9.69
CA GLN A 162 -10.04 -23.23 -10.85
C GLN A 162 -8.91 -24.24 -10.91
N ASP A 163 -7.74 -23.89 -10.40
CA ASP A 163 -6.55 -24.75 -10.35
C ASP A 163 -6.02 -24.94 -8.92
N LEU A 164 -6.90 -24.69 -7.93
CA LEU A 164 -6.51 -24.89 -6.55
C LEU A 164 -6.59 -26.36 -6.20
N LEU A 165 -5.46 -26.89 -5.74
CA LEU A 165 -5.33 -28.27 -5.33
C LEU A 165 -5.19 -28.25 -3.84
N VAL A 166 -6.15 -28.85 -3.12
CA VAL A 166 -6.11 -28.95 -1.65
C VAL A 166 -5.72 -30.39 -1.28
N GLU A 167 -4.85 -30.54 -0.28
CA GLU A 167 -4.41 -31.88 0.13
C GLU A 167 -5.54 -32.63 0.85
N GLN A 168 -5.48 -33.99 0.79
CA GLN A 168 -6.37 -34.85 1.53
C GLN A 168 -6.01 -34.67 3.04
N PRO A 169 -7.01 -34.69 3.95
CA PRO A 169 -6.74 -34.36 5.37
C PRO A 169 -5.80 -35.28 6.12
N VAL A 170 -5.01 -34.71 7.06
CA VAL A 170 -4.11 -35.52 7.89
C VAL A 170 -4.91 -36.13 9.06
N THR A 171 -4.90 -37.45 9.15
CA THR A 171 -5.61 -38.22 10.17
C THR A 171 -4.68 -38.49 11.39
N PRO A 172 -5.20 -39.01 12.51
CA PRO A 172 -4.29 -39.36 13.61
C PRO A 172 -3.56 -40.70 13.34
N TYR A 173 -3.87 -41.30 12.17
CA TYR A 173 -3.34 -42.59 11.73
C TYR A 173 -2.38 -42.46 10.56
N THR A 174 -2.07 -41.23 10.15
CA THR A 174 -1.11 -40.93 9.08
C THR A 174 0.30 -41.13 9.66
N PRO A 175 1.08 -42.12 9.14
CA PRO A 175 2.45 -42.29 9.63
C PRO A 175 3.38 -41.27 8.97
N ASN A 176 4.63 -41.13 9.49
CA ASN A 176 5.63 -40.19 8.97
C ASN A 176 5.96 -40.37 7.47
N ALA A 177 6.10 -41.63 7.00
CA ALA A 177 6.39 -41.96 5.60
C ALA A 177 5.24 -41.57 4.64
N GLY A 178 4.03 -41.48 5.18
CA GLY A 178 2.86 -41.02 4.46
C GLY A 178 3.00 -39.57 4.05
N LEU A 179 3.63 -38.75 4.92
CA LEU A 179 3.90 -37.34 4.64
C LEU A 179 5.05 -37.21 3.64
N ALA A 180 5.97 -38.19 3.66
CA ALA A 180 7.19 -38.23 2.85
C ALA A 180 6.95 -38.32 1.35
N ARG A 181 7.07 -37.16 0.66
CA ARG A 181 6.94 -37.01 -0.79
C ARG A 181 8.35 -36.87 -1.43
N VAL A 182 8.56 -37.47 -2.62
CA VAL A 182 9.84 -37.38 -3.33
C VAL A 182 10.27 -35.92 -3.56
N ASN A 183 11.55 -35.58 -3.21
CA ASN A 183 12.13 -34.24 -3.39
C ASN A 183 12.02 -33.79 -4.85
N GLY A 184 11.84 -32.48 -5.03
CA GLY A 184 11.78 -31.88 -6.34
C GLY A 184 13.16 -31.75 -6.96
N VAL A 185 13.25 -31.05 -8.08
CA VAL A 185 14.51 -30.85 -8.80
C VAL A 185 15.42 -29.82 -8.04
N ALA A 186 16.73 -29.75 -8.37
CA ALA A 186 17.66 -28.79 -7.77
C ALA A 186 17.55 -27.44 -8.54
N GLN A 187 17.91 -26.29 -7.92
CA GLN A 187 17.75 -25.00 -8.60
C GLN A 187 18.82 -24.71 -9.69
N ASP A 188 19.96 -25.44 -9.69
CA ASP A 188 20.97 -25.26 -10.72
C ASP A 188 20.52 -25.90 -12.04
N THR A 189 19.64 -26.93 -11.93
CA THR A 189 19.03 -27.60 -13.07
C THR A 189 17.97 -26.65 -13.67
N VAL A 190 17.21 -25.95 -12.79
CA VAL A 190 16.16 -25.02 -13.20
C VAL A 190 16.71 -23.88 -14.06
N HIS A 191 17.72 -23.15 -13.56
CA HIS A 191 18.28 -21.97 -14.21
C HIS A 191 19.26 -22.23 -15.34
N PHE A 192 19.86 -23.43 -15.37
CA PHE A 192 20.88 -23.77 -16.37
C PHE A 192 20.52 -24.91 -17.33
N GLY A 193 19.49 -25.68 -17.00
CA GLY A 193 19.12 -26.86 -17.78
C GLY A 193 19.98 -28.03 -17.35
N SER A 194 19.55 -29.25 -17.68
CA SER A 194 20.30 -30.46 -17.32
C SER A 194 21.52 -30.59 -18.19
N GLY A 195 22.68 -30.69 -17.55
CA GLY A 195 23.99 -30.79 -18.20
C GLY A 195 24.78 -29.50 -18.27
N GLN A 196 24.22 -28.38 -17.77
CA GLN A 196 24.88 -27.06 -17.77
C GLN A 196 25.00 -26.46 -16.34
N GLU A 197 24.86 -27.31 -15.32
CA GLU A 197 24.97 -26.92 -13.91
C GLU A 197 26.38 -26.40 -13.56
N SER A 198 27.42 -26.86 -14.29
CA SER A 198 28.84 -26.49 -14.08
C SER A 198 29.07 -24.98 -13.93
N SER A 199 28.33 -24.18 -14.74
CA SER A 199 28.36 -22.72 -14.82
C SER A 199 27.51 -21.96 -13.75
N TRP A 200 27.29 -22.58 -12.56
CA TRP A 200 26.53 -21.93 -11.46
C TRP A 200 27.32 -20.74 -10.90
N ASN A 201 28.51 -20.98 -10.38
CA ASN A 201 29.36 -19.94 -9.79
C ASN A 201 29.70 -18.80 -10.75
N SER A 202 29.98 -19.14 -12.02
CA SER A 202 30.34 -18.15 -13.05
C SER A 202 29.18 -17.29 -13.59
N GLN A 203 27.93 -17.76 -13.43
CA GLN A 203 26.74 -17.08 -13.94
C GLN A 203 25.65 -16.82 -12.90
N ARG A 204 25.92 -17.08 -11.61
CA ARG A 204 24.91 -16.84 -10.59
C ARG A 204 24.65 -15.33 -10.43
N SER A 205 25.73 -14.54 -10.44
CA SER A 205 25.69 -13.08 -10.33
C SER A 205 24.65 -12.42 -11.25
N GLN A 206 24.62 -12.81 -12.54
CA GLN A 206 23.70 -12.31 -13.58
C GLN A 206 22.33 -13.04 -13.65
N LYS A 207 22.26 -14.31 -13.20
CA LYS A 207 20.99 -15.06 -13.21
C LYS A 207 20.14 -14.80 -11.94
N GLY A 208 20.56 -13.82 -11.13
CA GLY A 208 19.87 -13.40 -9.91
C GLY A 208 20.17 -14.20 -8.65
N LEU A 209 21.21 -15.02 -8.68
CA LEU A 209 21.63 -15.88 -7.58
C LEU A 209 23.05 -15.54 -7.07
N LYS A 210 23.39 -14.23 -7.05
CA LYS A 210 24.68 -13.69 -6.61
C LYS A 210 24.96 -14.07 -5.17
N ASN A 211 26.17 -14.60 -4.91
CA ASN A 211 26.63 -15.04 -3.60
C ASN A 211 25.77 -16.21 -3.01
N ASN A 212 24.90 -16.82 -3.83
CA ASN A 212 24.07 -17.95 -3.39
C ASN A 212 24.95 -19.22 -3.33
N PRO A 213 25.12 -19.81 -2.13
CA PRO A 213 26.01 -20.98 -1.99
C PRO A 213 25.37 -22.36 -2.15
N GLY A 214 24.08 -22.41 -2.49
CA GLY A 214 23.37 -23.68 -2.62
C GLY A 214 22.86 -24.05 -3.99
N PRO A 215 23.72 -24.45 -4.96
CA PRO A 215 23.17 -24.88 -6.28
C PRO A 215 22.30 -26.11 -6.20
N LYS A 216 22.60 -27.04 -5.25
CA LYS A 216 21.88 -28.30 -5.03
C LYS A 216 20.65 -28.15 -4.14
N ALA A 217 20.14 -26.90 -4.03
CA ALA A 217 18.96 -26.61 -3.20
C ALA A 217 17.69 -27.10 -3.91
N VAL A 218 16.87 -27.87 -3.17
CA VAL A 218 15.61 -28.43 -3.64
C VAL A 218 14.58 -27.34 -3.90
N THR A 219 13.94 -27.39 -5.07
CA THR A 219 12.94 -26.45 -5.54
C THR A 219 11.56 -26.76 -4.93
N GLY A 220 11.30 -28.05 -4.66
CA GLY A 220 10.05 -28.50 -4.04
C GLY A 220 9.98 -29.99 -3.82
N PHE A 221 8.84 -30.60 -4.18
CA PHE A 221 8.57 -32.02 -4.08
C PHE A 221 7.65 -32.46 -5.22
N LYS A 222 7.74 -33.70 -5.65
CA LYS A 222 6.90 -34.25 -6.73
C LYS A 222 5.45 -34.48 -6.26
N LEU A 223 4.49 -34.22 -7.19
CA LEU A 223 3.04 -34.38 -6.99
C LEU A 223 2.50 -35.58 -7.81
N ASP A 224 3.41 -36.30 -8.49
CA ASP A 224 3.18 -37.47 -9.33
C ASP A 224 2.56 -38.68 -8.57
N LYS A 225 2.89 -38.84 -7.26
CA LYS A 225 2.39 -39.91 -6.40
C LYS A 225 2.26 -39.46 -4.95
N GLY A 226 1.83 -40.36 -4.07
CA GLY A 226 1.65 -40.08 -2.66
C GLY A 226 0.24 -39.74 -2.24
N ARG A 227 0.12 -39.00 -1.14
CA ARG A 227 -1.16 -38.55 -0.61
C ARG A 227 -1.91 -37.69 -1.63
N ALA A 228 -3.25 -37.79 -1.61
CA ALA A 228 -4.14 -37.09 -2.53
C ALA A 228 -4.12 -35.55 -2.42
N TYR A 229 -4.26 -34.91 -3.59
CA TYR A 229 -4.36 -33.48 -3.83
C TYR A 229 -5.48 -33.37 -4.84
N ARG A 230 -6.60 -32.76 -4.45
CA ARG A 230 -7.74 -32.69 -5.37
C ARG A 230 -8.19 -31.28 -5.68
N LYS A 231 -8.81 -31.10 -6.85
CA LYS A 231 -9.37 -29.82 -7.28
C LYS A 231 -10.63 -29.57 -6.46
N LEU A 232 -11.13 -28.33 -6.50
CA LEU A 232 -12.32 -27.88 -5.77
C LEU A 232 -13.61 -28.73 -6.03
N ASN A 233 -13.74 -29.35 -7.21
CA ASN A 233 -14.92 -30.17 -7.44
C ASN A 233 -14.60 -31.68 -7.46
N GLU A 234 -13.33 -32.05 -7.26
CA GLU A 234 -12.89 -33.44 -7.15
C GLU A 234 -13.03 -33.86 -5.67
N SER A 235 -12.97 -35.19 -5.35
CA SER A 235 -13.12 -35.73 -3.98
C SER A 235 -11.87 -36.43 -3.41
N TRP A 236 -11.57 -36.24 -2.11
CA TRP A 236 -10.42 -36.93 -1.50
C TRP A 236 -10.81 -38.39 -1.23
N PRO A 237 -9.92 -39.39 -1.47
CA PRO A 237 -10.26 -40.76 -1.09
C PRO A 237 -10.05 -41.05 0.42
N VAL A 238 -10.76 -42.08 0.95
CA VAL A 238 -10.71 -42.58 2.33
C VAL A 238 -9.39 -43.30 2.66
N TYR A 239 -8.74 -43.87 1.63
CA TYR A 239 -7.48 -44.63 1.64
C TYR A 239 -6.32 -43.68 1.63
N GLU A 240 -5.21 -44.04 2.27
CA GLU A 240 -4.04 -43.16 2.26
C GLU A 240 -2.70 -43.95 2.25
N PRO A 241 -1.66 -43.46 1.52
CA PRO A 241 -0.39 -44.21 1.44
C PRO A 241 0.35 -44.36 2.75
N LEU A 242 1.01 -45.51 2.92
CA LEU A 242 1.83 -45.81 4.10
C LEU A 242 3.21 -45.16 3.93
N ASP A 243 3.62 -44.94 2.65
CA ASP A 243 4.88 -44.33 2.19
C ASP A 243 4.67 -43.69 0.77
N SER A 244 4.61 -42.34 0.70
CA SER A 244 4.36 -41.57 -0.53
C SER A 244 5.52 -41.55 -1.56
N THR A 245 6.65 -42.19 -1.23
CA THR A 245 7.80 -42.33 -2.12
C THR A 245 7.48 -43.55 -3.01
N LYS A 246 6.78 -44.54 -2.41
CA LYS A 246 6.43 -45.81 -3.02
C LYS A 246 5.04 -45.80 -3.64
N GLU A 247 3.99 -45.63 -2.82
CA GLU A 247 2.60 -45.67 -3.28
C GLU A 247 1.85 -44.33 -3.13
N GLY A 248 0.69 -44.27 -3.78
CA GLY A 248 -0.20 -43.10 -3.82
C GLY A 248 -0.17 -42.51 -5.20
N LYS A 249 -1.11 -41.60 -5.53
CA LYS A 249 -1.08 -41.02 -6.89
C LYS A 249 -0.97 -39.49 -6.93
N GLY A 250 -0.89 -38.86 -5.76
CA GLY A 250 -0.77 -37.41 -5.66
C GLY A 250 -1.91 -36.67 -6.29
N LYS A 251 -1.60 -35.59 -7.02
CA LYS A 251 -2.56 -34.75 -7.73
C LYS A 251 -3.20 -35.44 -8.97
N ASP A 252 -2.62 -36.56 -9.41
CA ASP A 252 -3.06 -37.34 -10.57
C ASP A 252 -4.40 -38.06 -10.32
N GLU A 253 -5.53 -37.31 -10.34
CA GLU A 253 -6.89 -37.84 -10.11
C GLU A 253 -7.28 -38.84 -11.21
N SER A 254 -6.82 -38.57 -12.44
CA SER A 254 -7.07 -39.41 -13.60
C SER A 254 -6.62 -40.86 -13.35
N SER A 255 -5.34 -41.07 -12.93
CA SER A 255 -4.77 -42.41 -12.66
C SER A 255 -5.39 -43.13 -11.49
N TRP A 256 -5.71 -42.41 -10.39
CA TRP A 256 -6.34 -43.02 -9.21
C TRP A 256 -7.65 -43.67 -9.64
N LYS A 257 -8.61 -42.86 -10.14
CA LYS A 257 -9.93 -43.26 -10.62
C LYS A 257 -9.89 -44.43 -11.65
N ASN A 258 -8.89 -44.45 -12.56
CA ASN A 258 -8.76 -45.43 -13.65
C ASN A 258 -8.06 -46.77 -13.31
N SER A 259 -7.17 -46.81 -12.28
CA SER A 259 -6.43 -48.04 -11.93
C SER A 259 -6.11 -48.25 -10.44
N GLU A 260 -5.72 -47.16 -9.72
CA GLU A 260 -5.30 -47.22 -8.32
C GLU A 260 -6.42 -47.26 -7.32
N LYS A 261 -7.62 -46.82 -7.72
CA LYS A 261 -8.84 -46.80 -6.90
C LYS A 261 -9.08 -48.24 -6.41
N THR A 262 -9.11 -49.20 -7.37
CA THR A 262 -9.32 -50.65 -7.20
C THR A 262 -8.25 -51.26 -6.31
N THR A 263 -6.95 -50.95 -6.60
CA THR A 263 -5.78 -51.40 -5.83
C THR A 263 -5.99 -51.05 -4.35
N ALA A 264 -6.33 -49.76 -4.08
CA ALA A 264 -6.57 -49.21 -2.76
C ALA A 264 -7.74 -49.89 -2.08
N GLU A 265 -8.84 -50.09 -2.82
CA GLU A 265 -10.06 -50.73 -2.31
C GLU A 265 -9.77 -52.16 -1.82
N ASN A 266 -9.10 -52.95 -2.68
CA ASN A 266 -8.66 -54.33 -2.46
C ASN A 266 -7.66 -54.45 -1.30
N ASP A 267 -6.76 -53.47 -1.12
CA ASP A 267 -5.74 -53.49 -0.08
C ASP A 267 -6.31 -53.15 1.29
N ALA A 268 -7.05 -52.04 1.39
CA ALA A 268 -7.64 -51.57 2.65
C ALA A 268 -9.17 -51.51 2.61
N PRO A 269 -9.91 -52.64 2.47
CA PRO A 269 -11.38 -52.54 2.50
C PRO A 269 -11.90 -52.31 3.91
N LEU A 270 -13.10 -51.71 4.04
CA LEU A 270 -13.71 -51.44 5.35
C LEU A 270 -14.08 -52.73 6.11
N VAL A 271 -14.37 -52.61 7.42
CA VAL A 271 -14.69 -53.76 8.28
C VAL A 271 -15.94 -54.52 7.76
N GLY A 272 -15.67 -55.62 7.07
CA GLY A 272 -16.67 -56.49 6.44
C GLY A 272 -16.45 -56.60 4.94
N MET A 273 -15.51 -57.48 4.51
CA MET A 273 -15.13 -57.73 3.11
C MET A 273 -16.31 -58.26 2.26
N VAL A 274 -16.75 -59.52 2.50
CA VAL A 274 -17.90 -60.13 1.82
C VAL A 274 -19.07 -60.17 2.86
N GLY A 275 -19.37 -58.98 3.39
CA GLY A 275 -20.40 -58.72 4.39
C GLY A 275 -20.48 -57.25 4.76
N SER A 276 -20.54 -56.38 3.73
CA SER A 276 -20.64 -54.92 3.87
C SER A 276 -22.09 -54.44 3.62
N GLY A 277 -22.87 -55.27 2.90
CA GLY A 277 -24.27 -55.00 2.55
C GLY A 277 -25.23 -54.97 3.72
N ALA A 278 -25.45 -53.75 4.27
CA ALA A 278 -26.35 -53.45 5.39
C ALA A 278 -26.88 -52.01 5.28
N ALA A 279 -27.93 -51.83 4.44
CA ALA A 279 -28.59 -50.55 4.19
C ALA A 279 -30.05 -50.74 3.78
N ASP A 349 -2.95 -59.72 -1.12
CA ASP A 349 -3.70 -60.04 -2.34
C ASP A 349 -5.22 -60.15 -2.11
N THR A 350 -5.67 -59.82 -0.88
CA THR A 350 -7.09 -59.86 -0.49
C THR A 350 -7.47 -58.69 0.43
N ALA A 351 -6.66 -58.42 1.49
CA ALA A 351 -6.83 -57.33 2.47
C ALA A 351 -5.61 -57.25 3.41
N THR A 352 -4.41 -57.08 2.79
CA THR A 352 -3.11 -57.05 3.45
C THR A 352 -2.76 -55.77 4.25
N PHE A 353 -3.27 -54.57 3.83
CA PHE A 353 -3.00 -53.26 4.46
C PHE A 353 -1.52 -52.90 4.42
N SER A 354 -0.85 -53.24 3.31
CA SER A 354 0.59 -53.04 3.08
C SER A 354 0.89 -51.95 2.02
N LYS A 355 -0.16 -51.46 1.33
CA LYS A 355 -0.08 -50.40 0.33
C LYS A 355 -0.82 -49.15 0.81
N TYR A 356 -1.98 -49.33 1.49
CA TYR A 356 -2.80 -48.24 2.00
C TYR A 356 -3.34 -48.45 3.42
N LEU A 357 -3.90 -47.38 4.02
CA LEU A 357 -4.59 -47.36 5.31
C LEU A 357 -5.98 -46.83 5.04
N ASN A 358 -7.02 -47.53 5.49
CA ASN A 358 -8.38 -47.04 5.34
C ASN A 358 -8.68 -46.21 6.58
N THR A 359 -8.83 -44.90 6.41
CA THR A 359 -9.07 -44.02 7.55
C THR A 359 -10.47 -43.38 7.53
N ALA A 360 -11.48 -44.11 7.03
CA ALA A 360 -12.88 -43.64 6.96
C ALA A 360 -13.42 -43.21 8.34
N GLN A 361 -13.13 -44.01 9.40
CA GLN A 361 -13.55 -43.74 10.79
C GLN A 361 -12.92 -42.47 11.36
N ALA A 362 -11.59 -42.27 11.15
CA ALA A 362 -10.83 -41.10 11.62
C ALA A 362 -11.30 -39.80 10.99
N LEU A 363 -11.61 -39.86 9.67
CA LEU A 363 -12.07 -38.74 8.84
C LEU A 363 -13.39 -38.21 9.34
N HIS A 364 -14.33 -39.12 9.62
CA HIS A 364 -15.67 -38.83 10.13
C HIS A 364 -15.65 -37.88 11.35
N GLN A 365 -14.85 -38.25 12.40
CA GLN A 365 -14.65 -37.51 13.65
C GLN A 365 -14.01 -36.15 13.43
N MET A 366 -13.15 -36.02 12.39
CA MET A 366 -12.47 -34.78 12.01
C MET A 366 -13.47 -33.75 11.48
N GLY A 367 -14.71 -34.17 11.31
CA GLY A 367 -15.78 -33.34 10.78
C GLY A 367 -15.86 -33.46 9.29
N VAL A 368 -15.22 -34.50 8.74
CA VAL A 368 -15.25 -34.72 7.31
C VAL A 368 -16.45 -35.62 7.03
N ILE A 369 -17.30 -35.26 6.04
CA ILE A 369 -18.49 -36.02 5.65
C ILE A 369 -18.06 -37.34 5.01
N VAL A 370 -18.43 -38.46 5.62
CA VAL A 370 -18.12 -39.78 5.11
C VAL A 370 -19.47 -40.54 4.97
N PRO A 371 -20.17 -40.39 3.80
CA PRO A 371 -21.47 -41.08 3.60
C PRO A 371 -21.43 -42.58 3.90
N GLY A 372 -22.41 -43.03 4.67
CA GLY A 372 -22.51 -44.41 5.12
C GLY A 372 -22.20 -44.51 6.59
N LEU A 373 -21.12 -43.84 7.03
CA LEU A 373 -20.65 -43.81 8.42
C LEU A 373 -21.47 -42.81 9.26
N GLU A 374 -22.68 -42.50 8.75
CA GLU A 374 -23.63 -41.57 9.33
C GLU A 374 -24.48 -42.26 10.40
N LYS A 375 -24.51 -41.65 11.60
CA LYS A 375 -25.23 -42.13 12.79
C LYS A 375 -26.62 -41.53 12.94
N TRP A 376 -26.74 -40.19 12.75
CA TRP A 376 -27.98 -39.41 12.88
C TRP A 376 -29.20 -40.06 12.19
N THR A 440 -17.00 -48.87 -4.04
CA THR A 440 -17.77 -48.15 -3.01
C THR A 440 -18.02 -46.68 -3.37
N ASP A 441 -19.04 -46.08 -2.71
CA ASP A 441 -19.49 -44.68 -2.83
C ASP A 441 -18.35 -43.70 -2.51
N ALA A 442 -18.18 -42.67 -3.36
CA ALA A 442 -17.16 -41.62 -3.19
C ALA A 442 -17.58 -40.63 -2.11
N LEU A 443 -16.67 -39.71 -1.76
CA LEU A 443 -16.95 -38.69 -0.75
C LEU A 443 -17.44 -37.40 -1.44
N PRO A 444 -18.13 -36.47 -0.73
CA PRO A 444 -18.54 -35.21 -1.39
C PRO A 444 -17.29 -34.40 -1.74
N ASN A 445 -17.37 -33.58 -2.79
CA ASN A 445 -16.24 -32.79 -3.28
C ASN A 445 -15.55 -31.95 -2.19
N VAL A 446 -14.30 -31.57 -2.45
CA VAL A 446 -13.44 -30.78 -1.57
C VAL A 446 -14.16 -29.51 -1.05
N ILE A 447 -14.80 -28.71 -1.93
CA ILE A 447 -15.49 -27.46 -1.56
C ILE A 447 -16.61 -27.67 -0.51
N THR A 448 -17.29 -28.84 -0.54
CA THR A 448 -18.33 -29.23 0.41
C THR A 448 -17.72 -29.48 1.80
N GLN A 449 -16.73 -30.41 1.88
CA GLN A 449 -16.01 -30.72 3.12
C GLN A 449 -15.40 -29.44 3.66
N LEU A 450 -14.96 -28.53 2.74
CA LEU A 450 -14.38 -27.23 3.12
C LEU A 450 -15.38 -26.37 3.83
N TYR A 451 -16.61 -26.30 3.31
CA TYR A 451 -17.66 -25.56 3.99
C TYR A 451 -18.09 -26.21 5.33
N HIS A 452 -18.21 -27.55 5.36
CA HIS A 452 -18.64 -28.35 6.51
C HIS A 452 -17.66 -28.27 7.67
N THR A 453 -16.36 -28.45 7.39
CA THR A 453 -15.31 -28.37 8.40
C THR A 453 -15.03 -26.91 8.82
N SER A 454 -15.35 -25.92 7.96
CA SER A 454 -15.16 -24.49 8.24
C SER A 454 -16.04 -23.95 9.35
N THR A 455 -17.26 -24.51 9.51
CA THR A 455 -18.22 -24.05 10.53
C THR A 455 -18.05 -24.92 11.80
N ALA A 456 -17.00 -24.60 12.59
CA ALA A 456 -16.61 -25.39 13.78
C ALA A 456 -16.46 -24.61 15.13
N GLN A 457 -16.18 -23.31 15.09
CA GLN A 457 -15.93 -22.57 16.34
C GLN A 457 -16.55 -21.17 16.28
N LEU A 458 -16.99 -20.62 17.43
CA LEU A 458 -17.56 -19.25 17.46
C LEU A 458 -17.24 -18.45 18.73
N ALA A 459 -17.54 -17.12 18.67
CA ALA A 459 -17.41 -16.11 19.72
C ALA A 459 -18.45 -15.05 19.50
N TYR A 460 -18.76 -14.24 20.52
CA TYR A 460 -19.80 -13.21 20.45
C TYR A 460 -19.29 -11.88 20.97
N LEU A 461 -19.33 -10.86 20.13
CA LEU A 461 -18.85 -9.56 20.54
C LEU A 461 -19.83 -8.43 20.23
N ASN A 462 -20.72 -8.18 21.19
CA ASN A 462 -21.72 -7.12 21.20
C ASN A 462 -22.50 -7.05 19.87
N GLY A 463 -23.40 -8.02 19.71
CA GLY A 463 -24.26 -8.17 18.54
C GLY A 463 -23.55 -8.69 17.31
N GLN A 464 -22.28 -9.17 17.46
CA GLN A 464 -21.46 -9.67 16.35
C GLN A 464 -20.90 -11.06 16.61
N ILE A 465 -21.29 -12.04 15.77
CA ILE A 465 -20.84 -13.43 15.91
C ILE A 465 -19.74 -13.77 14.91
N VAL A 466 -18.57 -14.17 15.44
CA VAL A 466 -17.43 -14.59 14.65
C VAL A 466 -17.49 -16.12 14.54
N VAL A 467 -17.24 -16.68 13.35
CA VAL A 467 -17.23 -18.12 13.19
C VAL A 467 -15.99 -18.57 12.42
N MET A 468 -15.09 -19.30 13.08
CA MET A 468 -13.86 -19.80 12.45
C MET A 468 -13.92 -21.32 12.29
N GLY A 469 -12.93 -21.88 11.63
CA GLY A 469 -12.86 -23.30 11.32
C GLY A 469 -12.13 -24.15 12.32
N SER A 470 -11.99 -25.43 11.95
CA SER A 470 -11.34 -26.48 12.72
C SER A 470 -9.83 -26.35 12.79
N ASP A 471 -9.26 -26.98 13.82
CA ASP A 471 -7.83 -27.05 14.07
C ASP A 471 -7.20 -28.25 13.37
N ARG A 472 -8.01 -29.03 12.64
CA ARG A 472 -7.60 -30.27 12.00
C ARG A 472 -7.61 -30.25 10.46
N VAL A 473 -8.37 -29.33 9.86
CA VAL A 473 -8.53 -29.17 8.41
C VAL A 473 -8.34 -27.68 8.09
N PRO A 474 -7.49 -27.36 7.08
CA PRO A 474 -7.28 -25.94 6.75
C PRO A 474 -8.56 -25.23 6.32
N SER A 475 -8.71 -23.97 6.76
CA SER A 475 -9.87 -23.11 6.51
C SER A 475 -9.44 -21.91 5.69
N LEU A 476 -10.24 -21.60 4.65
CA LEU A 476 -10.03 -20.52 3.68
C LEU A 476 -10.96 -19.32 3.92
N TRP A 477 -11.94 -19.46 4.83
CA TRP A 477 -12.92 -18.43 5.11
C TRP A 477 -13.48 -18.47 6.52
N TYR A 478 -13.87 -17.30 7.07
CA TYR A 478 -14.43 -17.17 8.43
C TYR A 478 -15.59 -16.16 8.39
N TRP A 479 -16.65 -16.36 9.19
CA TRP A 479 -17.79 -15.44 9.19
C TRP A 479 -17.72 -14.39 10.27
N VAL A 480 -18.31 -13.20 10.02
CA VAL A 480 -18.44 -12.10 11.00
C VAL A 480 -19.88 -11.54 10.94
N VAL A 481 -20.88 -12.46 11.05
CA VAL A 481 -22.33 -12.19 11.00
C VAL A 481 -22.87 -11.33 12.16
N GLY A 482 -23.83 -10.49 11.85
CA GLY A 482 -24.51 -9.64 12.82
C GLY A 482 -25.76 -10.31 13.36
N GLU A 483 -25.97 -10.17 14.68
CA GLU A 483 -27.10 -10.71 15.46
C GLU A 483 -28.46 -10.39 14.82
N ASP A 484 -28.52 -9.27 14.08
CA ASP A 484 -29.67 -8.69 13.40
C ASP A 484 -29.92 -9.31 12.02
N GLN A 485 -28.85 -9.72 11.30
CA GLN A 485 -28.94 -10.28 9.94
C GLN A 485 -29.66 -11.63 9.87
N GLU A 486 -30.18 -11.93 8.67
CA GLU A 486 -30.88 -13.16 8.33
C GLU A 486 -29.83 -14.21 7.94
N SER A 487 -28.90 -13.83 7.06
CA SER A 487 -27.81 -14.69 6.62
C SER A 487 -26.47 -13.93 6.81
N GLY A 488 -25.51 -14.18 5.92
CA GLY A 488 -24.19 -13.56 5.96
C GLY A 488 -23.15 -14.46 5.36
N LYS A 489 -22.40 -13.93 4.39
CA LYS A 489 -21.34 -14.62 3.66
C LYS A 489 -20.05 -14.61 4.49
N ALA A 490 -19.21 -15.61 4.24
CA ALA A 490 -17.92 -15.76 4.89
C ALA A 490 -16.91 -14.78 4.24
N THR A 491 -15.89 -14.39 5.04
CA THR A 491 -14.81 -13.52 4.63
C THR A 491 -13.63 -14.40 4.28
N TRP A 492 -13.06 -14.19 3.09
CA TRP A 492 -11.93 -14.92 2.58
C TRP A 492 -10.67 -14.63 3.38
N TRP A 493 -9.91 -15.68 3.76
CA TRP A 493 -8.63 -15.54 4.44
C TRP A 493 -7.57 -15.08 3.42
N ALA A 494 -7.73 -15.44 2.13
CA ALA A 494 -6.84 -15.02 1.03
C ALA A 494 -6.91 -13.48 0.86
N LYS A 495 -7.89 -12.86 1.53
CA LYS A 495 -8.18 -11.41 1.51
C LYS A 495 -8.02 -10.77 2.90
N THR A 496 -7.71 -11.58 3.93
CA THR A 496 -7.49 -11.07 5.28
C THR A 496 -6.00 -11.04 5.51
N GLU A 497 -5.42 -9.82 5.42
CA GLU A 497 -4.00 -9.55 5.59
C GLU A 497 -3.66 -9.37 7.08
N LEU A 498 -2.75 -10.23 7.56
CA LEU A 498 -2.29 -10.26 8.95
C LEU A 498 -0.86 -9.72 9.10
N ASN A 499 -0.60 -9.07 10.21
CA ASN A 499 0.75 -8.58 10.49
C ASN A 499 1.55 -9.80 11.00
N TRP A 500 2.64 -10.15 10.29
CA TRP A 500 3.43 -11.32 10.68
C TRP A 500 4.61 -10.94 11.62
N GLY A 501 4.53 -9.73 12.18
CA GLY A 501 5.52 -9.20 13.10
C GLY A 501 6.38 -8.15 12.42
N THR A 502 6.94 -8.52 11.24
CA THR A 502 7.75 -7.64 10.36
C THR A 502 7.40 -7.90 8.89
N ASP A 503 7.73 -6.92 8.02
CA ASP A 503 7.48 -6.98 6.57
C ASP A 503 8.15 -8.21 5.95
N LYS A 504 9.37 -8.54 6.44
CA LYS A 504 10.16 -9.66 5.93
C LYS A 504 9.48 -10.97 6.22
N GLN A 505 8.88 -11.09 7.42
CA GLN A 505 8.15 -12.29 7.84
C GLN A 505 6.93 -12.49 6.99
N LYS A 506 6.26 -11.36 6.58
CA LYS A 506 5.09 -11.37 5.68
C LYS A 506 5.57 -11.80 4.28
N GLN A 507 6.68 -11.22 3.83
CA GLN A 507 7.29 -11.50 2.55
C GLN A 507 7.59 -12.99 2.40
N PHE A 508 8.26 -13.58 3.38
CA PHE A 508 8.64 -14.99 3.34
C PHE A 508 7.52 -15.92 2.90
N VAL A 509 6.33 -15.74 3.52
CA VAL A 509 5.11 -16.50 3.29
C VAL A 509 4.57 -16.24 1.90
N GLU A 510 4.23 -14.96 1.60
CA GLU A 510 3.67 -14.48 0.32
C GLU A 510 4.50 -14.89 -0.88
N ASN A 511 5.83 -14.77 -0.75
CA ASN A 511 6.74 -15.12 -1.81
C ASN A 511 6.65 -16.61 -2.18
N GLN A 512 6.36 -17.46 -1.21
CA GLN A 512 6.21 -18.88 -1.54
C GLN A 512 4.80 -19.23 -2.07
N LEU A 513 3.80 -18.30 -1.96
CA LEU A 513 2.44 -18.53 -2.44
C LEU A 513 2.38 -18.86 -3.91
N GLY A 514 3.31 -18.31 -4.69
CA GLY A 514 3.42 -18.54 -6.12
C GLY A 514 4.37 -17.62 -6.85
N PHE A 515 4.28 -17.65 -8.21
CA PHE A 515 5.12 -16.89 -9.13
C PHE A 515 4.43 -15.64 -9.69
N LYS A 516 5.15 -14.50 -9.60
CA LYS A 516 4.70 -13.22 -10.10
C LYS A 516 5.83 -12.41 -10.76
N ASP A 517 5.62 -12.02 -12.01
CA ASP A 517 6.53 -11.16 -12.74
C ASP A 517 5.72 -10.29 -13.69
N ASP A 518 6.26 -9.10 -14.02
CA ASP A 518 5.59 -8.15 -14.91
C ASP A 518 5.59 -8.62 -16.39
N SER A 519 6.48 -9.57 -16.74
CA SER A 519 6.58 -10.15 -18.09
C SER A 519 5.48 -11.17 -18.33
N ASN A 520 5.05 -11.83 -17.24
CA ASN A 520 3.99 -12.84 -17.20
C ASN A 520 2.61 -12.17 -17.00
N SER A 521 1.68 -12.48 -17.91
CA SER A 521 0.29 -11.98 -17.88
C SER A 521 -0.69 -13.11 -18.29
N ASP A 522 -0.24 -14.36 -18.09
CA ASP A 522 -0.96 -15.60 -18.38
C ASP A 522 -2.12 -15.82 -17.41
N SER A 523 -3.24 -16.34 -17.93
CA SER A 523 -4.42 -16.67 -17.13
C SER A 523 -4.17 -17.98 -16.40
N LYS A 524 -3.43 -18.91 -17.05
CA LYS A 524 -3.04 -20.23 -16.50
C LYS A 524 -2.06 -20.13 -15.32
N ASN A 525 -1.42 -18.96 -15.15
CA ASN A 525 -0.55 -18.64 -14.02
C ASN A 525 -1.53 -17.98 -13.02
N SER A 526 -2.25 -18.84 -12.25
CA SER A 526 -3.34 -18.43 -11.37
C SER A 526 -3.03 -18.40 -9.87
N ASN A 527 -1.75 -18.59 -9.46
CA ASN A 527 -1.35 -18.59 -8.05
C ASN A 527 -1.75 -17.31 -7.32
N LEU A 528 -1.95 -17.42 -5.99
CA LEU A 528 -2.34 -16.30 -5.13
C LEU A 528 -1.45 -15.07 -5.23
N LYS A 529 -0.11 -15.24 -5.25
CA LYS A 529 0.81 -14.11 -5.38
C LYS A 529 0.54 -13.32 -6.64
N ALA A 530 0.37 -14.03 -7.76
CA ALA A 530 0.08 -13.46 -9.07
C ALA A 530 -1.25 -12.71 -9.04
N GLN A 531 -2.24 -13.24 -8.27
CA GLN A 531 -3.55 -12.58 -8.17
C GLN A 531 -3.57 -11.54 -7.02
N GLY A 532 -2.38 -11.25 -6.46
CA GLY A 532 -2.14 -10.32 -5.37
C GLY A 532 -2.95 -10.61 -4.13
N LEU A 533 -3.07 -11.91 -3.76
CA LEU A 533 -3.83 -12.36 -2.59
C LEU A 533 -2.88 -12.90 -1.54
N THR A 534 -3.20 -12.67 -0.25
CA THR A 534 -2.37 -13.07 0.89
C THR A 534 -2.67 -14.56 1.28
N GLN A 535 -2.07 -15.02 2.42
CA GLN A 535 -2.17 -16.38 2.93
C GLN A 535 -3.62 -16.87 2.98
N PRO A 536 -3.92 -17.98 2.28
CA PRO A 536 -5.32 -18.44 2.19
C PRO A 536 -5.84 -19.38 3.31
N ALA A 537 -5.00 -20.27 3.85
CA ALA A 537 -5.47 -21.28 4.79
C ALA A 537 -4.80 -21.26 6.16
N TYR A 538 -5.61 -21.61 7.18
CA TYR A 538 -5.26 -21.66 8.60
C TYR A 538 -5.84 -22.88 9.29
N LEU A 539 -5.10 -23.40 10.30
CA LEU A 539 -5.52 -24.51 11.17
C LEU A 539 -5.80 -23.83 12.51
N ILE A 540 -7.04 -23.31 12.64
CA ILE A 540 -7.51 -22.47 13.75
C ILE A 540 -7.62 -23.23 15.04
N ALA A 541 -6.74 -22.84 15.99
CA ALA A 541 -6.60 -23.37 17.34
C ALA A 541 -7.78 -22.91 18.18
N GLY A 542 -8.15 -21.64 18.03
CA GLY A 542 -9.30 -21.07 18.70
C GLY A 542 -9.44 -19.57 18.63
N LEU A 543 -10.59 -19.09 19.13
CA LEU A 543 -10.97 -17.69 19.28
C LEU A 543 -11.68 -17.53 20.59
N ASP A 544 -11.42 -16.41 21.27
CA ASP A 544 -12.08 -16.11 22.54
C ASP A 544 -12.22 -14.62 22.73
N VAL A 545 -13.29 -14.20 23.39
CA VAL A 545 -13.60 -12.81 23.66
C VAL A 545 -13.09 -12.42 25.05
N VAL A 546 -12.41 -11.27 25.15
CA VAL A 546 -11.89 -10.73 26.41
C VAL A 546 -11.75 -9.21 26.31
N ALA A 547 -12.23 -8.50 27.38
CA ALA A 547 -12.21 -7.03 27.50
C ALA A 547 -12.60 -6.31 26.18
N ASP A 548 -13.80 -6.64 25.67
CA ASP A 548 -14.42 -6.12 24.44
C ASP A 548 -13.54 -6.28 23.19
N HIS A 549 -12.69 -7.32 23.17
CA HIS A 549 -11.78 -7.62 22.07
C HIS A 549 -11.72 -9.12 21.80
N LEU A 550 -11.52 -9.48 20.54
CA LEU A 550 -11.42 -10.88 20.15
C LEU A 550 -9.97 -11.30 20.01
N VAL A 551 -9.61 -12.42 20.66
CA VAL A 551 -8.28 -13.01 20.56
C VAL A 551 -8.38 -14.32 19.79
N PHE A 552 -7.35 -14.64 19.02
CA PHE A 552 -7.32 -15.89 18.26
C PHE A 552 -5.87 -16.39 18.10
N ALA A 553 -5.75 -17.63 17.68
CA ALA A 553 -4.52 -18.35 17.40
C ALA A 553 -4.87 -19.46 16.40
N ALA A 554 -3.93 -19.71 15.46
CA ALA A 554 -4.00 -20.73 14.43
C ALA A 554 -2.62 -20.99 13.90
N PHE A 555 -2.43 -22.17 13.31
CA PHE A 555 -1.20 -22.53 12.64
C PHE A 555 -1.42 -22.24 11.16
N LYS A 556 -0.53 -21.41 10.57
CA LYS A 556 -0.61 -21.11 9.14
C LYS A 556 -0.42 -22.43 8.38
N ALA A 557 -1.42 -22.83 7.56
CA ALA A 557 -1.34 -24.04 6.74
C ALA A 557 -0.44 -23.75 5.57
N GLY A 558 0.26 -24.78 5.11
CA GLY A 558 1.17 -24.68 3.98
C GLY A 558 0.44 -24.42 2.70
N ALA A 559 0.74 -23.27 2.09
CA ALA A 559 0.17 -22.85 0.81
C ALA A 559 1.30 -22.46 -0.17
N VAL A 560 1.65 -23.39 -1.06
CA VAL A 560 2.74 -23.21 -2.05
C VAL A 560 2.19 -23.10 -3.49
N GLY A 561 3.10 -22.98 -4.45
CA GLY A 561 2.79 -22.95 -5.88
C GLY A 561 3.13 -24.27 -6.54
N TYR A 562 2.50 -24.59 -7.69
CA TYR A 562 2.84 -25.85 -8.38
C TYR A 562 2.93 -25.67 -9.93
N ASP A 563 3.81 -26.44 -10.64
CA ASP A 563 3.97 -26.29 -12.12
C ASP A 563 2.97 -27.11 -12.99
N MET A 564 2.03 -26.36 -13.60
CA MET A 564 0.92 -26.84 -14.43
C MET A 564 1.27 -27.25 -15.88
N THR A 565 2.55 -27.05 -16.32
CA THR A 565 3.08 -27.35 -17.65
C THR A 565 2.66 -28.72 -18.23
N THR A 566 2.19 -28.72 -19.47
CA THR A 566 1.80 -29.87 -20.27
C THR A 566 3.08 -30.67 -20.62
N ASP A 567 4.19 -29.94 -20.89
CA ASP A 567 5.55 -30.38 -21.24
C ASP A 567 6.18 -31.31 -20.16
N SER A 568 6.04 -32.63 -20.34
CA SER A 568 6.57 -33.68 -19.45
C SER A 568 8.12 -33.77 -19.42
N SER A 569 8.81 -33.02 -20.29
CA SER A 569 10.27 -32.99 -20.33
C SER A 569 10.79 -31.77 -19.55
N ALA A 570 9.87 -31.02 -18.89
CA ALA A 570 10.24 -29.83 -18.13
C ALA A 570 10.87 -30.23 -16.82
N SER A 571 11.77 -29.35 -16.31
CA SER A 571 12.47 -29.52 -15.04
C SER A 571 11.49 -29.57 -13.88
N THR A 572 10.61 -28.57 -13.79
CA THR A 572 9.65 -28.49 -12.70
C THR A 572 8.28 -29.08 -13.09
N TYR A 573 8.24 -30.00 -14.08
CA TYR A 573 7.00 -30.69 -14.47
C TYR A 573 6.52 -31.60 -13.34
N ASN A 574 5.19 -31.69 -13.14
CA ASN A 574 4.49 -32.53 -12.17
C ASN A 574 4.97 -32.37 -10.71
N GLN A 575 5.49 -31.17 -10.34
CA GLN A 575 5.99 -30.95 -8.96
C GLN A 575 5.54 -29.63 -8.35
N ALA A 576 5.49 -29.62 -7.01
CA ALA A 576 5.14 -28.47 -6.18
C ALA A 576 6.41 -27.74 -5.86
N LEU A 577 6.36 -26.41 -5.84
CA LEU A 577 7.52 -25.55 -5.57
C LEU A 577 7.52 -24.95 -4.15
N ALA A 578 8.39 -25.53 -3.28
CA ALA A 578 8.60 -25.11 -1.87
C ALA A 578 10.04 -25.34 -1.40
N TRP A 579 10.56 -24.42 -0.54
CA TRP A 579 11.93 -24.43 -0.02
C TRP A 579 12.03 -23.92 1.43
N SER A 580 13.09 -24.39 2.15
CA SER A 580 13.46 -24.03 3.52
C SER A 580 13.68 -22.51 3.65
N THR A 581 13.33 -21.95 4.81
CA THR A 581 13.42 -20.51 5.09
C THR A 581 14.11 -20.23 6.43
N THR A 582 14.88 -21.22 6.94
CA THR A 582 15.62 -21.10 8.18
C THR A 582 16.69 -20.04 8.00
N ALA A 583 16.80 -19.11 8.99
CA ALA A 583 17.78 -18.01 9.00
C ALA A 583 19.21 -18.56 8.89
N GLY A 584 20.07 -17.88 8.12
CA GLY A 584 21.46 -18.27 7.90
C GLY A 584 22.24 -18.53 9.17
N LEU A 585 23.29 -19.37 9.08
CA LEU A 585 24.13 -19.68 10.23
C LEU A 585 24.84 -18.42 10.73
N ASP A 586 25.17 -17.52 9.76
CA ASP A 586 25.86 -16.25 9.97
C ASP A 586 24.93 -15.09 10.36
N SER A 587 23.66 -15.39 10.70
CA SER A 587 22.70 -14.37 11.12
C SER A 587 23.19 -13.55 12.32
N ASP A 588 22.79 -12.25 12.37
CA ASP A 588 23.09 -11.38 13.50
C ASP A 588 22.25 -11.82 14.71
N GLY A 589 22.79 -11.59 15.91
CA GLY A 589 22.16 -12.02 17.16
C GLY A 589 20.94 -11.24 17.59
N GLY A 590 19.97 -11.94 18.17
CA GLY A 590 18.74 -11.35 18.68
C GLY A 590 17.54 -11.72 17.86
N TYR A 591 16.33 -11.72 18.49
CA TYR A 591 15.08 -12.11 17.83
C TYR A 591 14.79 -11.31 16.55
N LYS A 592 14.72 -9.96 16.60
CA LYS A 592 14.41 -9.16 15.39
C LYS A 592 15.38 -9.50 14.28
N ALA A 593 16.69 -9.47 14.61
CA ALA A 593 17.81 -9.79 13.74
C ALA A 593 17.67 -11.17 13.08
N LEU A 594 17.12 -12.15 13.84
CA LEU A 594 16.92 -13.52 13.38
C LEU A 594 15.73 -13.72 12.44
N VAL A 595 14.54 -13.16 12.75
CA VAL A 595 13.33 -13.32 11.93
C VAL A 595 13.41 -12.56 10.58
N GLU A 596 14.19 -11.46 10.53
CA GLU A 596 14.37 -10.62 9.35
C GLU A 596 15.56 -11.06 8.45
N ASN A 597 16.13 -12.26 8.70
CA ASN A 597 17.26 -12.77 7.92
C ASN A 597 16.82 -13.28 6.56
N THR A 598 17.49 -12.78 5.52
CA THR A 598 17.27 -13.01 4.10
C THR A 598 17.38 -14.48 3.61
N ALA A 599 17.92 -15.43 4.42
CA ALA A 599 18.04 -16.82 3.97
C ALA A 599 16.72 -17.47 3.48
N GLY A 600 16.62 -17.65 2.16
CA GLY A 600 15.50 -18.29 1.47
C GLY A 600 14.26 -17.44 1.30
N LEU A 601 14.44 -16.10 1.33
CA LEU A 601 13.38 -15.12 1.18
C LEU A 601 12.69 -15.21 -0.19
N ASN A 602 13.49 -15.21 -1.28
CA ASN A 602 12.93 -15.22 -2.62
C ASN A 602 13.07 -16.55 -3.38
N GLY A 603 13.85 -17.48 -2.85
CA GLY A 603 14.01 -18.78 -3.50
C GLY A 603 14.86 -19.74 -2.69
N PRO A 604 15.05 -20.99 -3.18
CA PRO A 604 15.87 -21.97 -2.41
C PRO A 604 17.30 -21.52 -2.09
N ILE A 605 17.87 -22.03 -0.96
CA ILE A 605 19.24 -21.72 -0.49
C ILE A 605 19.77 -22.78 0.48
N ASN A 606 18.87 -23.45 1.23
CA ASN A 606 19.26 -24.43 2.22
C ASN A 606 19.31 -25.85 1.68
N GLY A 607 20.25 -26.62 2.23
CA GLY A 607 20.54 -28.00 1.89
C GLY A 607 21.67 -28.51 2.76
N LEU A 608 22.27 -29.67 2.41
CA LEU A 608 23.39 -30.21 3.17
C LEU A 608 24.69 -29.48 2.84
N PHE A 609 25.29 -28.82 3.86
CA PHE A 609 26.56 -28.11 3.78
C PHE A 609 27.51 -28.82 4.74
N THR A 610 28.64 -29.30 4.21
CA THR A 610 29.63 -30.03 5.03
C THR A 610 30.67 -29.06 5.57
N LEU A 611 30.30 -28.33 6.64
CA LEU A 611 31.15 -27.36 7.32
C LEU A 611 32.17 -28.14 8.13
N LEU A 612 33.44 -28.13 7.69
CA LEU A 612 34.54 -28.89 8.31
C LEU A 612 34.16 -30.39 8.46
N ASP A 613 34.41 -31.02 9.64
CA ASP A 613 34.10 -32.43 9.96
C ASP A 613 32.66 -32.59 10.52
N THR A 614 31.74 -31.68 10.15
CA THR A 614 30.33 -31.70 10.57
C THR A 614 29.42 -31.20 9.44
N PHE A 615 28.15 -31.62 9.50
CA PHE A 615 27.12 -31.27 8.51
C PHE A 615 26.16 -30.21 9.05
N ALA A 616 25.58 -29.42 8.13
CA ALA A 616 24.63 -28.34 8.43
C ALA A 616 23.56 -28.25 7.34
N TYR A 617 22.26 -28.27 7.72
CA TYR A 617 21.18 -28.19 6.73
C TYR A 617 20.72 -26.74 6.43
N VAL A 618 21.51 -25.72 6.83
CA VAL A 618 21.23 -24.29 6.66
C VAL A 618 22.44 -23.64 5.98
N THR A 619 22.22 -22.50 5.29
CA THR A 619 23.26 -21.76 4.57
C THR A 619 24.31 -21.13 5.53
N PRO A 620 25.63 -21.21 5.22
CA PRO A 620 26.63 -20.60 6.13
C PRO A 620 26.92 -19.15 5.75
N VAL A 621 26.31 -18.67 4.65
CA VAL A 621 26.45 -17.33 4.11
C VAL A 621 25.03 -16.85 3.83
N SER A 622 24.65 -15.71 4.41
CA SER A 622 23.33 -15.11 4.25
C SER A 622 23.38 -13.60 4.51
N GLY A 623 22.33 -12.91 4.10
CA GLY A 623 22.14 -11.49 4.30
C GLY A 623 23.15 -10.63 3.58
N MET A 624 23.76 -9.70 4.32
CA MET A 624 24.75 -8.79 3.77
C MET A 624 26.19 -9.16 4.20
N LYS A 625 26.52 -10.47 4.01
CA LYS A 625 27.78 -11.09 4.40
C LYS A 625 28.49 -11.87 3.27
N GLY A 626 27.89 -11.87 2.07
CA GLY A 626 28.45 -12.51 0.88
C GLY A 626 29.66 -11.79 0.30
N GLY A 627 30.39 -12.47 -0.58
CA GLY A 627 31.58 -11.93 -1.22
C GLY A 627 32.81 -12.04 -0.35
N SER A 628 34.00 -11.74 -0.91
CA SER A 628 35.24 -11.82 -0.14
C SER A 628 35.20 -10.83 1.04
N GLN A 629 34.92 -9.55 0.75
CA GLN A 629 34.86 -8.43 1.69
C GLN A 629 33.81 -8.60 2.82
N ASN A 630 32.80 -9.47 2.59
CA ASN A 630 31.70 -9.83 3.50
C ASN A 630 30.67 -8.71 3.70
N ASN A 631 30.57 -7.77 2.74
CA ASN A 631 29.63 -6.66 2.76
C ASN A 631 28.60 -6.76 1.63
N GLU A 632 28.77 -7.72 0.70
CA GLU A 632 27.88 -7.96 -0.44
C GLU A 632 26.55 -8.63 -0.03
N GLU A 633 25.59 -8.66 -0.96
CA GLU A 633 24.27 -9.24 -0.77
C GLU A 633 24.28 -10.71 -1.15
N VAL A 634 23.67 -11.54 -0.32
CA VAL A 634 23.48 -12.94 -0.67
C VAL A 634 22.08 -12.97 -1.28
N GLN A 635 22.01 -13.22 -2.59
CA GLN A 635 20.80 -13.21 -3.42
C GLN A 635 20.09 -14.54 -3.50
N THR A 636 18.77 -14.48 -3.76
CA THR A 636 17.86 -15.62 -3.87
C THR A 636 16.70 -15.27 -4.88
N THR A 637 16.29 -16.24 -5.76
CA THR A 637 15.29 -16.01 -6.83
C THR A 637 14.26 -17.19 -6.97
N TYR A 638 12.96 -16.90 -7.39
CA TYR A 638 11.89 -17.92 -7.54
C TYR A 638 12.26 -18.98 -8.58
N PRO A 639 12.12 -20.31 -8.27
CA PRO A 639 12.51 -21.37 -9.22
C PRO A 639 11.70 -21.47 -10.55
N VAL A 640 12.01 -20.54 -11.47
CA VAL A 640 11.46 -20.42 -12.82
C VAL A 640 12.63 -19.86 -13.62
N LYS A 641 13.02 -20.55 -14.72
CA LYS A 641 14.12 -20.11 -15.57
C LYS A 641 13.82 -18.73 -16.15
N SER A 642 14.85 -17.88 -16.21
CA SER A 642 14.86 -16.50 -16.71
C SER A 642 14.07 -16.32 -18.00
N ASP A 643 14.41 -17.12 -19.04
CA ASP A 643 13.78 -17.06 -20.36
C ASP A 643 12.39 -17.71 -20.44
N GLN A 644 11.99 -18.43 -19.39
CA GLN A 644 10.72 -19.14 -19.26
C GLN A 644 9.72 -18.33 -18.42
N LYS A 645 10.04 -17.06 -18.12
CA LYS A 645 9.24 -16.23 -17.22
C LYS A 645 7.86 -15.83 -17.77
N ALA A 646 7.77 -15.31 -19.01
CA ALA A 646 6.47 -14.90 -19.56
C ALA A 646 5.53 -16.06 -19.89
N THR A 647 6.10 -17.28 -20.06
CA THR A 647 5.38 -18.50 -20.45
C THR A 647 4.87 -19.32 -19.24
N ALA A 648 5.51 -19.17 -18.05
CA ALA A 648 5.25 -19.87 -16.77
C ALA A 648 3.77 -19.98 -16.36
N LYS A 649 3.33 -21.21 -16.01
CA LYS A 649 1.95 -21.52 -15.59
C LYS A 649 2.00 -22.07 -14.15
N ILE A 650 2.02 -21.17 -13.15
CA ILE A 650 2.09 -21.62 -11.75
C ILE A 650 0.77 -21.38 -11.07
N ALA A 651 0.10 -22.46 -10.66
CA ALA A 651 -1.16 -22.45 -9.95
C ALA A 651 -0.86 -22.52 -8.45
N SER A 652 -1.92 -22.47 -7.60
CA SER A 652 -1.81 -22.50 -6.14
C SER A 652 -2.22 -23.85 -5.54
N LEU A 653 -1.41 -24.35 -4.57
CA LEU A 653 -1.60 -25.62 -3.86
C LEU A 653 -1.60 -25.38 -2.35
N ILE A 654 -2.47 -26.12 -1.58
CA ILE A 654 -2.57 -26.05 -0.10
C ILE A 654 -2.54 -27.44 0.56
N ASN A 655 -1.70 -27.59 1.61
CA ASN A 655 -1.51 -28.80 2.42
C ASN A 655 -2.43 -28.75 3.64
N ALA A 656 -2.79 -29.92 4.19
CA ALA A 656 -3.65 -30.03 5.38
C ALA A 656 -2.78 -30.12 6.63
N SER A 657 -1.69 -29.30 6.66
CA SER A 657 -0.67 -29.25 7.71
C SER A 657 0.05 -27.87 7.71
N PRO A 658 0.89 -27.47 8.73
CA PRO A 658 1.48 -26.13 8.68
C PRO A 658 2.87 -26.07 7.98
N LEU A 659 3.22 -27.14 7.23
CA LEU A 659 4.47 -27.23 6.46
C LEU A 659 4.21 -26.83 5.01
N ASN A 660 5.27 -26.31 4.32
CA ASN A 660 5.25 -25.94 2.91
C ASN A 660 5.80 -27.10 2.04
N SER A 661 7.02 -27.61 2.35
CA SER A 661 7.57 -28.72 1.57
C SER A 661 7.56 -30.09 2.28
N TYR A 662 7.02 -31.10 1.55
CA TYR A 662 6.96 -32.51 1.95
C TYR A 662 8.14 -33.31 1.35
N GLY A 663 9.17 -32.60 0.88
CA GLY A 663 10.37 -33.19 0.31
C GLY A 663 11.08 -34.08 1.30
N ASP A 664 11.15 -35.38 0.98
CA ASP A 664 11.76 -36.45 1.78
C ASP A 664 13.29 -36.24 1.96
N ASP A 665 13.67 -35.30 2.86
CA ASP A 665 15.05 -34.90 3.10
C ASP A 665 15.27 -34.63 4.57
N GLY A 666 16.48 -34.19 4.92
CA GLY A 666 16.87 -33.84 6.28
C GLY A 666 16.49 -32.41 6.62
N VAL A 667 16.69 -31.49 5.65
CA VAL A 667 16.39 -30.05 5.76
C VAL A 667 14.92 -29.79 6.18
N THR A 668 13.98 -30.60 5.68
CA THR A 668 12.57 -30.46 6.04
C THR A 668 12.39 -30.93 7.46
N VAL A 669 12.91 -32.13 7.78
CA VAL A 669 12.87 -32.74 9.12
C VAL A 669 13.43 -31.79 10.20
N PHE A 670 14.54 -31.09 9.88
CA PHE A 670 15.24 -30.12 10.72
C PHE A 670 14.42 -28.83 10.93
N ASP A 671 13.68 -28.41 9.90
CA ASP A 671 12.81 -27.25 9.95
C ASP A 671 11.55 -27.54 10.80
N ALA A 672 10.99 -28.76 10.69
CA ALA A 672 9.77 -29.14 11.39
C ALA A 672 9.98 -29.48 12.85
N LEU A 673 11.21 -29.90 13.22
CA LEU A 673 11.56 -30.35 14.57
C LEU A 673 12.38 -29.33 15.41
N GLY A 674 12.73 -28.19 14.80
CA GLY A 674 13.52 -27.12 15.41
C GLY A 674 14.94 -27.54 15.75
N LEU A 675 15.67 -28.10 14.78
CA LEU A 675 16.99 -28.67 15.01
C LEU A 675 18.15 -27.87 14.44
N ASN A 676 17.83 -26.79 13.72
CA ASN A 676 18.81 -25.88 13.12
C ASN A 676 19.25 -24.82 14.14
N PHE A 677 20.56 -24.80 14.47
CA PHE A 677 21.18 -23.89 15.44
C PHE A 677 22.47 -23.35 14.89
N ASN A 678 22.83 -22.11 15.30
CA ASN A 678 24.10 -21.47 14.93
C ASN A 678 25.25 -22.08 15.75
N PHE A 679 26.51 -21.84 15.36
CA PHE A 679 27.63 -22.41 16.11
C PHE A 679 28.30 -21.39 17.04
N LYS A 680 27.46 -20.72 17.84
CA LYS A 680 27.87 -19.72 18.81
C LYS A 680 28.02 -20.39 20.16
N LEU A 681 28.69 -19.73 21.14
CA LEU A 681 28.87 -20.24 22.50
C LEU A 681 27.48 -20.39 23.14
N ASN A 682 26.71 -19.28 23.16
CA ASN A 682 25.34 -19.24 23.69
C ASN A 682 24.35 -19.45 22.54
N GLU A 683 24.52 -20.62 21.88
CA GLU A 683 23.78 -21.19 20.76
C GLU A 683 22.30 -20.79 20.75
N GLU A 684 21.87 -20.17 19.62
CA GLU A 684 20.50 -19.71 19.38
C GLU A 684 19.89 -20.58 18.31
N ARG A 685 18.61 -20.91 18.45
CA ARG A 685 17.94 -21.70 17.41
C ARG A 685 17.54 -20.79 16.26
N LEU A 686 17.87 -21.21 15.02
CA LEU A 686 17.54 -20.48 13.81
C LEU A 686 16.12 -20.83 13.40
N PRO A 687 15.25 -19.80 13.23
CA PRO A 687 13.85 -20.06 12.91
C PRO A 687 13.42 -20.11 11.44
N SER A 688 12.31 -20.85 11.15
CA SER A 688 11.68 -20.91 9.83
C SER A 688 10.69 -19.78 9.72
N ARG A 689 10.39 -19.38 8.50
CA ARG A 689 9.49 -18.26 8.30
C ARG A 689 8.31 -18.64 7.39
N THR A 690 8.16 -19.97 7.16
CA THR A 690 7.10 -20.64 6.37
C THR A 690 6.64 -21.98 7.01
N ASP A 691 7.56 -22.71 7.65
CA ASP A 691 7.21 -24.01 8.21
C ASP A 691 7.04 -23.99 9.75
N GLN A 692 5.87 -24.54 10.26
CA GLN A 692 5.46 -24.64 11.68
C GLN A 692 5.16 -23.28 12.34
N LEU A 693 4.58 -22.34 11.60
CA LEU A 693 4.33 -20.99 12.09
C LEU A 693 3.05 -20.84 12.84
N LEU A 694 3.09 -20.16 14.00
CA LEU A 694 1.88 -19.90 14.76
C LEU A 694 1.46 -18.45 14.61
N VAL A 695 0.26 -18.27 14.08
CA VAL A 695 -0.36 -16.97 13.92
C VAL A 695 -1.29 -16.77 15.13
N TYR A 696 -1.21 -15.59 15.74
CA TYR A 696 -2.01 -15.22 16.90
C TYR A 696 -2.21 -13.71 16.92
N GLY A 697 -3.20 -13.21 17.63
CA GLY A 697 -3.43 -11.78 17.71
C GLY A 697 -4.70 -11.34 18.41
N ILE A 698 -4.91 -10.00 18.46
CA ILE A 698 -6.07 -9.33 19.08
C ILE A 698 -6.79 -8.41 18.08
N VAL A 699 -8.06 -8.70 17.79
CA VAL A 699 -8.85 -7.90 16.84
C VAL A 699 -9.95 -7.12 17.58
N ASN A 700 -10.34 -5.94 17.06
CA ASN A 700 -11.39 -5.11 17.65
C ASN A 700 -12.66 -5.18 16.78
N GLU A 701 -13.76 -4.56 17.25
CA GLU A 701 -15.05 -4.48 16.56
C GLU A 701 -14.92 -3.81 15.19
N SER A 702 -14.07 -2.76 15.08
CA SER A 702 -13.83 -2.01 13.84
C SER A 702 -13.18 -2.88 12.78
N GLU A 703 -12.23 -3.77 13.20
CA GLU A 703 -11.53 -4.72 12.32
C GLU A 703 -12.52 -5.80 11.82
N LEU A 704 -13.43 -6.25 12.71
CA LEU A 704 -14.48 -7.23 12.45
C LEU A 704 -15.57 -6.69 11.51
N LYS A 705 -15.95 -5.41 11.69
CA LYS A 705 -16.92 -4.69 10.85
C LYS A 705 -16.35 -4.66 9.42
N SER A 706 -15.06 -4.29 9.31
CA SER A 706 -14.29 -4.22 8.08
C SER A 706 -14.23 -5.58 7.40
N ALA A 707 -14.15 -6.67 8.19
CA ALA A 707 -14.12 -8.03 7.66
C ALA A 707 -15.53 -8.42 7.20
N ARG A 708 -16.59 -7.91 7.86
CA ARG A 708 -17.98 -8.17 7.45
C ARG A 708 -18.31 -7.43 6.13
N GLU A 709 -18.12 -6.09 6.07
CA GLU A 709 -18.36 -5.23 4.88
C GLU A 709 -17.72 -5.81 3.60
N ASN A 710 -16.51 -6.34 3.75
CA ASN A 710 -15.71 -7.01 2.73
C ASN A 710 -16.46 -8.23 2.17
N ALA A 711 -16.94 -9.14 3.04
CA ALA A 711 -17.66 -10.36 2.64
C ALA A 711 -18.95 -10.05 1.88
N GLN A 712 -19.71 -9.01 2.32
CA GLN A 712 -20.99 -8.62 1.69
C GLN A 712 -20.80 -7.94 0.33
N SER A 713 -19.57 -7.47 0.01
CA SER A 713 -19.22 -6.84 -1.27
C SER A 713 -19.42 -7.85 -2.41
N THR A 714 -20.05 -7.39 -3.52
CA THR A 714 -20.33 -8.22 -4.70
C THR A 714 -19.23 -8.00 -5.72
N SER A 715 -17.95 -8.33 -5.32
CA SER A 715 -16.71 -8.19 -6.11
C SER A 715 -16.52 -6.75 -6.63
N ASP A 716 -17.17 -6.39 -7.77
CA ASP A 716 -17.17 -5.08 -8.43
C ASP A 716 -15.76 -4.45 -8.55
N ASP A 717 -15.66 -3.13 -8.30
CA ASP A 717 -14.43 -2.33 -8.33
C ASP A 717 -13.57 -2.55 -7.07
N ASN A 718 -14.20 -3.02 -5.97
CA ASN A 718 -13.56 -3.32 -4.68
C ASN A 718 -13.18 -4.82 -4.56
N SER A 719 -13.06 -5.52 -5.69
CA SER A 719 -12.72 -6.94 -5.77
C SER A 719 -11.30 -7.29 -5.31
N ASN A 720 -10.42 -6.28 -5.28
CA ASN A 720 -9.01 -6.45 -4.89
C ASN A 720 -8.67 -5.53 -3.69
N THR A 721 -9.60 -5.50 -2.72
CA THR A 721 -9.53 -4.74 -1.47
C THR A 721 -9.42 -5.76 -0.32
N LYS A 722 -8.35 -5.67 0.47
CA LYS A 722 -8.06 -6.59 1.56
C LYS A 722 -8.34 -6.04 2.98
N VAL A 723 -8.66 -6.97 3.90
CA VAL A 723 -8.93 -6.74 5.32
C VAL A 723 -7.58 -6.68 6.07
N LYS A 724 -7.29 -5.56 6.72
CA LYS A 724 -6.02 -5.44 7.44
C LYS A 724 -6.16 -5.53 8.97
N TRP A 725 -5.72 -6.69 9.53
CA TRP A 725 -5.66 -6.99 10.97
C TRP A 725 -4.21 -6.71 11.40
N THR A 726 -4.02 -5.56 12.07
CA THR A 726 -2.70 -5.06 12.45
C THR A 726 -2.14 -5.71 13.70
N ASN A 727 -2.98 -5.97 14.74
CA ASN A 727 -2.47 -6.49 16.01
C ASN A 727 -2.42 -8.00 16.12
N THR A 728 -1.70 -8.61 15.19
CA THR A 728 -1.43 -10.05 15.11
C THR A 728 0.08 -10.22 15.00
N ALA A 729 0.57 -11.46 15.21
CA ALA A 729 1.98 -11.81 15.11
C ALA A 729 2.16 -13.27 14.72
N SER A 730 3.39 -13.59 14.22
CA SER A 730 3.80 -14.94 13.85
C SER A 730 4.97 -15.41 14.74
N HIS A 731 5.03 -16.73 14.98
CA HIS A 731 6.07 -17.32 15.79
C HIS A 731 6.34 -18.74 15.34
N TYR A 732 7.61 -19.08 15.20
CA TYR A 732 8.04 -20.39 14.76
C TYR A 732 7.82 -21.41 15.86
N LEU A 733 6.87 -22.31 15.66
CA LEU A 733 6.58 -23.32 16.68
C LEU A 733 6.75 -24.79 16.21
N PRO A 734 8.02 -25.30 16.13
CA PRO A 734 8.25 -26.70 15.71
C PRO A 734 7.82 -27.75 16.71
N VAL A 735 7.64 -29.01 16.27
CA VAL A 735 7.29 -30.13 17.17
C VAL A 735 8.53 -30.55 17.96
N PRO A 736 8.42 -31.12 19.15
CA PRO A 736 9.63 -31.50 19.87
C PRO A 736 10.39 -32.55 19.08
N TYR A 737 11.71 -32.36 18.99
CA TYR A 737 12.57 -33.31 18.30
C TYR A 737 12.50 -34.65 19.02
N TYR A 738 12.45 -34.64 20.36
CA TYR A 738 12.36 -35.86 21.17
C TYR A 738 11.03 -36.66 20.96
N TYR A 739 10.04 -36.11 20.22
CA TYR A 739 8.81 -36.83 19.86
C TYR A 739 9.09 -37.94 18.83
N SER A 740 10.24 -37.82 18.13
CA SER A 740 10.76 -38.80 17.18
C SER A 740 11.77 -39.65 17.91
N ALA A 741 11.86 -40.93 17.55
CA ALA A 741 12.76 -41.91 18.16
C ALA A 741 14.25 -41.70 17.82
N ASN A 742 14.54 -40.96 16.72
CA ASN A 742 15.91 -40.67 16.26
C ASN A 742 16.70 -39.83 17.27
N PHE A 743 16.14 -38.68 17.70
CA PHE A 743 16.79 -37.72 18.58
C PHE A 743 16.07 -37.53 19.92
N PRO A 744 16.13 -38.50 20.87
CA PRO A 744 15.42 -38.31 22.15
C PRO A 744 16.28 -37.64 23.24
N GLU A 745 15.79 -36.50 23.76
CA GLU A 745 16.44 -35.76 24.84
C GLU A 745 15.40 -35.48 25.96
N ALA A 746 14.95 -36.58 26.63
CA ALA A 746 13.99 -36.65 27.75
C ALA A 746 12.74 -35.75 27.57
N ARG A 755 21.32 -43.72 10.29
CA ARG A 755 22.50 -43.96 9.45
C ARG A 755 22.90 -42.72 8.62
N ASN A 756 22.88 -42.84 7.25
CA ASN A 756 23.25 -41.84 6.22
C ASN A 756 22.36 -40.56 6.21
N GLY A 757 22.01 -40.06 7.39
CA GLY A 757 21.18 -38.89 7.55
C GLY A 757 19.74 -39.32 7.74
N VAL A 758 18.90 -38.41 8.26
CA VAL A 758 17.49 -38.67 8.54
C VAL A 758 16.59 -37.86 7.60
N LYS A 759 15.73 -38.56 6.84
CA LYS A 759 14.73 -38.00 5.93
C LYS A 759 13.32 -38.25 6.52
N ILE A 760 12.26 -37.65 5.95
CA ILE A 760 10.87 -37.81 6.43
C ILE A 760 10.49 -39.32 6.55
N SER A 761 10.80 -40.11 5.51
CA SER A 761 10.51 -41.55 5.44
C SER A 761 11.31 -42.44 6.44
N THR A 762 12.49 -41.99 6.93
CA THR A 762 13.31 -42.77 7.89
C THR A 762 13.07 -42.33 9.35
N LEU A 763 12.31 -41.23 9.53
CA LEU A 763 11.94 -40.63 10.80
C LEU A 763 10.91 -41.50 11.58
N GLU A 764 11.40 -42.33 12.53
CA GLU A 764 10.58 -43.19 13.39
C GLU A 764 9.97 -42.33 14.50
N SER A 765 8.65 -42.49 14.75
CA SER A 765 7.92 -41.72 15.75
C SER A 765 7.85 -42.41 17.11
N GLN A 766 7.93 -41.62 18.17
CA GLN A 766 7.74 -42.12 19.54
C GLN A 766 6.66 -41.24 20.26
N ALA A 767 5.86 -40.51 19.44
CA ALA A 767 4.76 -39.64 19.87
C ALA A 767 3.62 -40.46 20.50
N THR A 768 3.14 -40.02 21.65
CA THR A 768 2.08 -40.73 22.36
C THR A 768 0.82 -39.87 22.39
N ASP A 769 0.97 -38.58 22.03
CA ASP A 769 -0.03 -37.50 22.06
C ASP A 769 -1.24 -37.66 21.11
N GLY A 770 -1.48 -38.88 20.63
CA GLY A 770 -2.61 -39.20 19.78
C GLY A 770 -2.47 -38.98 18.29
N PHE A 771 -1.23 -39.13 17.77
CA PHE A 771 -0.91 -39.01 16.34
C PHE A 771 0.11 -40.07 16.00
N ALA A 772 0.00 -40.66 14.79
CA ALA A 772 0.93 -41.67 14.29
C ALA A 772 2.23 -41.01 13.77
N ASN A 773 2.23 -39.67 13.65
CA ASN A 773 3.41 -38.93 13.20
C ASN A 773 4.04 -38.11 14.35
N SER A 774 5.30 -37.63 14.12
CA SER A 774 6.10 -36.76 14.99
C SER A 774 6.76 -35.65 14.10
N LEU A 775 6.03 -35.19 13.08
CA LEU A 775 6.53 -34.23 12.09
C LEU A 775 5.67 -32.96 12.03
N LEU A 776 4.35 -33.12 12.20
CA LEU A 776 3.40 -32.01 12.07
C LEU A 776 2.93 -31.44 13.38
N ASN A 777 2.77 -30.10 13.46
CA ASN A 777 2.28 -29.49 14.69
C ASN A 777 0.81 -29.18 14.60
N PHE A 778 0.13 -29.33 15.75
CA PHE A 778 -1.30 -29.08 15.90
C PHE A 778 -1.53 -28.22 17.13
N GLY A 779 -2.46 -27.26 17.03
CA GLY A 779 -2.81 -26.33 18.11
C GLY A 779 -4.29 -26.40 18.41
N THR A 780 -4.64 -26.53 19.71
CA THR A 780 -6.04 -26.65 20.17
C THR A 780 -6.32 -25.95 21.48
N GLY A 781 -7.58 -25.55 21.65
CA GLY A 781 -8.14 -25.00 22.86
C GLY A 781 -7.70 -23.63 23.33
N LEU A 782 -7.71 -22.66 22.43
CA LEU A 782 -7.37 -21.29 22.85
C LEU A 782 -8.44 -20.73 23.79
N LYS A 783 -8.02 -20.30 24.98
CA LYS A 783 -8.88 -19.72 25.99
C LYS A 783 -8.20 -18.55 26.64
N ALA A 784 -8.90 -17.41 26.63
CA ALA A 784 -8.45 -16.17 27.27
C ALA A 784 -8.79 -16.28 28.74
N GLY A 785 -8.38 -15.30 29.53
CA GLY A 785 -8.67 -15.30 30.96
C GLY A 785 -8.07 -14.14 31.71
N VAL A 786 -8.89 -13.45 32.51
CA VAL A 786 -8.43 -12.30 33.27
C VAL A 786 -7.79 -12.72 34.58
N ASP A 787 -6.53 -12.28 34.80
CA ASP A 787 -5.73 -12.56 35.99
C ASP A 787 -6.44 -12.00 37.22
N PRO A 788 -6.85 -12.86 38.18
CA PRO A 788 -7.55 -12.34 39.38
C PRO A 788 -6.63 -11.69 40.41
N ALA A 789 -5.31 -11.66 40.11
CA ALA A 789 -4.25 -11.09 40.95
C ALA A 789 -4.50 -9.62 41.28
N PRO A 790 -3.97 -9.09 42.42
CA PRO A 790 -4.20 -7.67 42.74
C PRO A 790 -3.75 -6.71 41.63
N VAL A 791 -4.60 -5.72 41.30
CA VAL A 791 -4.35 -4.71 40.26
C VAL A 791 -3.38 -3.60 40.72
N ALA A 792 -2.56 -3.10 39.78
CA ALA A 792 -1.58 -2.03 39.99
C ALA A 792 -2.25 -0.64 40.17
N ARG A 793 -1.43 0.41 40.48
CA ARG A 793 -1.85 1.81 40.69
C ARG A 793 -2.71 2.39 39.54
N GLY A 794 -4.03 2.14 39.64
CA GLY A 794 -5.04 2.59 38.68
C GLY A 794 -4.91 2.07 37.26
N HIS A 795 -4.33 0.85 37.09
CA HIS A 795 -4.15 0.21 35.78
C HIS A 795 -5.28 -0.79 35.53
N LYS A 796 -5.49 -1.19 34.25
CA LYS A 796 -6.50 -2.18 33.83
C LYS A 796 -6.03 -3.60 34.22
N PRO A 797 -6.94 -4.54 34.61
CA PRO A 797 -6.49 -5.90 34.98
C PRO A 797 -5.86 -6.68 33.84
N ASN A 798 -4.78 -7.43 34.15
CA ASN A 798 -4.06 -8.22 33.15
C ASN A 798 -4.85 -9.44 32.66
N TYR A 799 -4.69 -9.75 31.40
CA TYR A 799 -5.31 -10.90 30.76
C TYR A 799 -4.34 -11.52 29.74
N SER A 800 -4.47 -12.85 29.59
CA SER A 800 -3.68 -13.68 28.68
C SER A 800 -4.56 -14.74 28.08
N ALA A 801 -4.06 -15.38 27.02
CA ALA A 801 -4.70 -16.52 26.35
C ALA A 801 -3.75 -17.70 26.39
N VAL A 802 -4.27 -18.89 26.61
CA VAL A 802 -3.43 -20.10 26.64
C VAL A 802 -3.94 -21.11 25.63
N LEU A 803 -3.02 -21.92 25.09
CA LEU A 803 -3.40 -22.98 24.17
C LEU A 803 -2.46 -24.14 24.25
N LEU A 804 -2.95 -25.31 23.88
CA LEU A 804 -2.18 -26.53 23.89
C LEU A 804 -1.76 -26.87 22.48
N VAL A 805 -0.43 -26.98 22.27
CA VAL A 805 0.22 -27.40 21.02
C VAL A 805 0.94 -28.71 21.33
N ARG A 806 1.38 -29.43 20.30
CA ARG A 806 2.09 -30.69 20.49
C ARG A 806 3.42 -30.47 21.26
N GLY A 807 3.45 -30.96 22.49
CA GLY A 807 4.65 -30.88 23.31
C GLY A 807 4.68 -29.87 24.44
N GLY A 808 3.71 -28.97 24.51
CA GLY A 808 3.71 -27.99 25.57
C GLY A 808 2.67 -26.92 25.47
N VAL A 809 2.52 -26.13 26.55
CA VAL A 809 1.53 -25.05 26.58
C VAL A 809 2.11 -23.70 26.13
N VAL A 810 1.37 -23.00 25.27
CA VAL A 810 1.80 -21.66 24.87
C VAL A 810 0.87 -20.64 25.53
N ARG A 811 1.44 -19.49 25.92
CA ARG A 811 0.74 -18.38 26.55
C ARG A 811 1.01 -17.13 25.76
N LEU A 812 -0.09 -16.44 25.40
CA LEU A 812 -0.12 -15.20 24.63
C LEU A 812 -0.52 -14.08 25.58
N ASN A 813 0.37 -13.11 25.79
CA ASN A 813 0.17 -12.01 26.75
C ASN A 813 -0.16 -10.69 26.04
N PHE A 814 -1.08 -9.91 26.64
CA PHE A 814 -1.58 -8.66 26.09
C PHE A 814 -1.51 -7.51 27.07
N ASN A 815 -1.21 -6.31 26.55
CA ASN A 815 -1.16 -5.07 27.32
C ASN A 815 -2.62 -4.65 27.48
N PRO A 816 -3.15 -4.64 28.75
CA PRO A 816 -4.58 -4.35 28.92
C PRO A 816 -4.95 -2.92 28.55
N ASP A 817 -4.03 -1.99 28.82
CA ASP A 817 -4.16 -0.56 28.59
C ASP A 817 -4.30 -0.25 27.11
N THR A 818 -3.35 -0.69 26.27
CA THR A 818 -3.41 -0.46 24.82
C THR A 818 -4.38 -1.40 24.08
N ASP A 819 -4.78 -2.52 24.74
CA ASP A 819 -5.64 -3.57 24.15
C ASP A 819 -4.93 -4.16 22.89
N LYS A 820 -3.60 -4.34 23.04
CA LYS A 820 -2.70 -4.82 22.02
C LYS A 820 -1.77 -5.90 22.61
N LEU A 821 -1.01 -6.57 21.72
CA LEU A 821 -0.03 -7.58 22.07
C LEU A 821 1.02 -6.91 22.91
N LEU A 822 1.31 -7.48 24.10
CA LEU A 822 2.29 -6.95 25.05
C LEU A 822 3.70 -6.97 24.44
N ASP A 823 4.23 -5.77 24.11
CA ASP A 823 5.55 -5.63 23.51
C ASP A 823 6.56 -5.06 24.52
N SER A 824 7.89 -5.22 24.22
CA SER A 824 8.97 -4.82 25.12
C SER A 824 9.74 -3.53 24.73
N THR A 825 9.58 -3.07 23.46
CA THR A 825 10.25 -1.90 22.82
C THR A 825 11.76 -2.22 22.53
N ASP A 826 12.13 -3.53 22.60
CA ASP A 826 13.47 -4.05 22.33
C ASP A 826 13.42 -5.11 21.22
N LYS A 827 14.28 -4.94 20.20
CA LYS A 827 14.40 -5.79 19.02
C LYS A 827 15.14 -7.13 19.28
N ASN A 828 16.25 -7.07 20.05
CA ASN A 828 17.08 -8.24 20.40
C ASN A 828 16.35 -9.26 21.26
N SER A 829 15.67 -8.81 22.33
CA SER A 829 14.92 -9.66 23.27
C SER A 829 13.79 -10.42 22.59
N GLU A 830 13.53 -11.64 23.05
CA GLU A 830 12.46 -12.47 22.50
C GLU A 830 11.11 -11.87 22.85
N PRO A 831 10.10 -11.98 21.95
CA PRO A 831 8.80 -11.33 22.21
C PRO A 831 8.13 -11.75 23.51
N ILE A 832 7.73 -10.74 24.31
CA ILE A 832 7.08 -10.96 25.59
C ILE A 832 5.56 -11.28 25.44
N SER A 833 5.02 -11.19 24.20
CA SER A 833 3.63 -11.55 23.93
C SER A 833 3.47 -13.06 23.66
N PHE A 834 4.60 -13.80 23.56
CA PHE A 834 4.58 -15.26 23.34
C PHE A 834 5.50 -15.98 24.31
N SER A 835 4.99 -17.12 24.86
CA SER A 835 5.72 -18.02 25.75
C SER A 835 5.36 -19.47 25.45
N TYR A 836 6.35 -20.36 25.45
CA TYR A 836 6.12 -21.78 25.26
C TYR A 836 6.83 -22.54 26.38
N THR A 837 6.12 -23.43 27.06
CA THR A 837 6.68 -24.25 28.14
C THR A 837 6.41 -25.72 27.80
N PRO A 838 7.46 -26.55 27.60
CA PRO A 838 7.21 -27.96 27.27
C PRO A 838 6.61 -28.64 28.46
N PHE A 839 5.62 -29.50 28.27
CA PHE A 839 5.04 -30.17 29.42
C PHE A 839 5.71 -31.54 29.65
N GLY A 840 5.53 -32.12 30.85
CA GLY A 840 6.10 -33.41 31.24
C GLY A 840 5.64 -34.61 30.43
N SER A 841 6.31 -35.76 30.65
CA SER A 841 6.06 -37.05 29.99
C SER A 841 4.59 -37.47 30.07
N ALA A 842 3.99 -37.33 31.28
CA ALA A 842 2.58 -37.63 31.56
C ALA A 842 1.62 -36.81 30.71
N GLU A 843 1.83 -35.49 30.60
CA GLU A 843 0.94 -34.67 29.79
C GLU A 843 1.21 -34.86 28.29
N SER A 844 2.39 -35.35 27.92
CA SER A 844 2.68 -35.66 26.53
C SER A 844 1.97 -36.99 26.14
N ALA A 845 1.40 -37.72 27.14
CA ALA A 845 0.67 -39.00 26.97
C ALA A 845 -0.81 -38.82 26.72
N VAL A 846 -1.29 -37.55 26.76
CA VAL A 846 -2.69 -37.13 26.57
C VAL A 846 -2.94 -36.95 25.09
N ASP A 847 -4.04 -37.56 24.54
CA ASP A 847 -4.46 -37.43 23.14
C ASP A 847 -5.08 -36.06 22.95
N LEU A 848 -4.44 -35.17 22.17
CA LEU A 848 -4.92 -33.79 21.99
C LEU A 848 -6.13 -33.64 21.06
N THR A 849 -6.45 -34.68 20.26
CA THR A 849 -7.59 -34.62 19.32
C THR A 849 -8.94 -34.83 20.04
N THR A 850 -8.87 -35.27 21.30
CA THR A 850 -10.03 -35.59 22.10
C THR A 850 -10.40 -34.45 23.09
N LEU A 851 -10.07 -33.19 22.78
CA LEU A 851 -10.43 -32.08 23.69
C LEU A 851 -11.89 -31.75 23.54
N LYS A 852 -12.65 -32.01 24.64
CA LYS A 852 -14.09 -31.78 24.70
C LYS A 852 -14.37 -30.35 25.17
N ASP A 853 -13.71 -29.91 26.26
CA ASP A 853 -13.96 -28.57 26.80
C ASP A 853 -12.73 -27.89 27.39
N VAL A 854 -12.75 -26.55 27.34
CA VAL A 854 -11.76 -25.66 27.95
C VAL A 854 -12.58 -24.78 28.87
N THR A 855 -12.08 -24.48 30.06
CA THR A 855 -12.82 -23.71 31.07
C THR A 855 -11.83 -22.92 31.91
N TYR A 856 -12.11 -21.65 32.10
CA TYR A 856 -11.27 -20.78 32.92
C TYR A 856 -12.07 -20.38 34.14
N ILE A 857 -11.47 -20.59 35.33
CA ILE A 857 -12.04 -20.25 36.63
C ILE A 857 -11.57 -18.84 37.03
N ALA A 858 -12.46 -17.85 36.82
CA ALA A 858 -12.20 -16.43 37.10
C ALA A 858 -11.54 -16.15 38.46
N GLU A 859 -11.92 -16.92 39.49
CA GLU A 859 -11.44 -16.77 40.87
C GLU A 859 -10.09 -17.43 41.12
N SER A 860 -9.83 -18.64 40.57
CA SER A 860 -8.54 -19.30 40.84
C SER A 860 -7.47 -19.01 39.77
N GLY A 861 -7.85 -18.27 38.72
CA GLY A 861 -6.96 -17.92 37.61
C GLY A 861 -6.40 -19.12 36.87
N LEU A 862 -7.20 -20.22 36.81
CA LEU A 862 -6.84 -21.50 36.23
C LEU A 862 -7.63 -21.90 35.02
N TRP A 863 -6.98 -22.66 34.15
CA TRP A 863 -7.58 -23.20 32.94
C TRP A 863 -7.71 -24.70 33.13
N PHE A 864 -8.89 -25.21 32.82
CA PHE A 864 -9.15 -26.63 32.92
C PHE A 864 -9.49 -27.25 31.54
N TYR A 865 -8.54 -28.02 30.98
CA TYR A 865 -8.73 -28.67 29.70
C TYR A 865 -9.23 -30.07 29.96
N THR A 866 -10.47 -30.36 29.54
CA THR A 866 -11.05 -31.68 29.68
C THR A 866 -10.95 -32.45 28.37
N PHE A 867 -10.33 -33.63 28.42
CA PHE A 867 -10.18 -34.51 27.28
C PHE A 867 -11.09 -35.72 27.47
N ASP A 868 -11.82 -36.10 26.41
CA ASP A 868 -12.76 -37.23 26.42
C ASP A 868 -12.33 -38.27 25.38
N ASN A 869 -11.97 -39.49 25.85
CA ASN A 869 -11.52 -40.60 25.01
C ASN A 869 -12.51 -41.00 23.91
N GLY A 870 -13.80 -40.82 24.16
CA GLY A 870 -14.87 -41.11 23.21
C GLY A 870 -14.80 -40.36 21.89
N GLU A 871 -14.02 -39.27 21.86
CA GLU A 871 -13.83 -38.46 20.66
C GLU A 871 -12.83 -39.10 19.68
N LYS A 872 -12.14 -40.19 20.13
CA LYS A 872 -11.21 -41.00 19.34
C LYS A 872 -12.01 -41.74 18.26
N PRO A 873 -11.43 -42.02 17.07
CA PRO A 873 -12.18 -42.77 16.06
C PRO A 873 -12.51 -44.20 16.48
N THR A 874 -13.35 -44.86 15.70
CA THR A 874 -13.82 -46.22 15.99
C THR A 874 -12.79 -47.29 15.62
N TYR A 875 -12.08 -47.11 14.48
CA TYR A 875 -11.07 -48.04 13.97
C TYR A 875 -9.85 -47.31 13.39
N ASP A 876 -8.67 -47.91 13.49
CA ASP A 876 -7.46 -47.31 12.93
C ASP A 876 -7.37 -47.54 11.42
N GLY A 877 -6.25 -47.14 10.81
CA GLY A 877 -5.98 -47.30 9.39
C GLY A 877 -5.86 -48.75 8.96
N LYS A 878 -5.42 -49.63 9.88
CA LYS A 878 -5.28 -51.08 9.67
C LYS A 878 -6.59 -51.81 10.07
N GLN A 879 -7.69 -51.03 10.22
CA GLN A 879 -9.06 -51.43 10.51
C GLN A 879 -9.20 -52.37 11.72
N GLN A 880 -8.66 -51.90 12.85
CA GLN A 880 -8.77 -52.61 14.10
C GLN A 880 -9.38 -51.64 15.10
N GLN A 881 -10.32 -52.14 15.94
CA GLN A 881 -11.02 -51.34 16.97
C GLN A 881 -10.05 -50.57 17.87
N VAL A 882 -10.35 -49.30 18.12
CA VAL A 882 -9.49 -48.44 18.91
C VAL A 882 -9.60 -48.76 20.42
N LYS A 883 -8.43 -48.93 21.04
CA LYS A 883 -8.24 -49.20 22.48
C LYS A 883 -8.40 -47.88 23.27
N ASN A 884 -8.69 -48.00 24.58
CA ASN A 884 -8.87 -46.85 25.48
C ASN A 884 -9.91 -45.83 24.94
N ARG A 885 -11.07 -46.32 24.48
CA ARG A 885 -12.18 -45.52 23.98
C ARG A 885 -13.00 -44.97 25.14
N LYS A 886 -12.93 -45.66 26.27
CA LYS A 886 -13.60 -45.33 27.51
C LYS A 886 -12.60 -44.60 28.41
N GLY A 887 -13.04 -43.51 29.01
CA GLY A 887 -12.22 -42.72 29.91
C GLY A 887 -12.15 -41.25 29.60
N TYR A 888 -11.37 -40.54 30.41
CA TYR A 888 -11.17 -39.10 30.33
C TYR A 888 -9.88 -38.72 31.06
N ALA A 889 -9.36 -37.50 30.77
CA ALA A 889 -8.18 -36.94 31.40
C ALA A 889 -8.32 -35.44 31.46
N VAL A 890 -7.91 -34.82 32.57
CA VAL A 890 -7.97 -33.37 32.76
C VAL A 890 -6.55 -32.75 32.94
N ILE A 891 -6.29 -31.64 32.22
CA ILE A 891 -5.04 -30.88 32.34
C ILE A 891 -5.39 -29.50 32.94
N THR A 892 -4.51 -29.02 33.82
CA THR A 892 -4.60 -27.70 34.44
C THR A 892 -3.43 -26.90 33.91
N VAL A 893 -3.74 -25.70 33.43
CA VAL A 893 -2.75 -24.73 32.98
C VAL A 893 -2.83 -23.63 34.04
N SER A 894 -1.67 -23.11 34.45
CA SER A 894 -1.61 -22.09 35.49
C SER A 894 -0.56 -21.08 35.13
N ARG A 895 -0.78 -19.82 35.50
CA ARG A 895 0.17 -18.74 35.30
C ARG A 895 1.48 -18.98 36.09
N THR A 896 2.62 -18.53 35.52
CA THR A 896 3.95 -18.62 36.13
C THR A 896 4.73 -17.36 35.77
N GLY A 897 5.79 -17.08 36.52
CA GLY A 897 6.65 -15.93 36.31
C GLY A 897 6.11 -14.58 36.79
N ILE A 898 6.94 -13.52 36.58
CA ILE A 898 6.66 -12.12 36.92
C ILE A 898 5.54 -11.60 36.02
N GLU A 899 4.51 -11.01 36.63
CA GLU A 899 3.35 -10.50 35.89
C GLU A 899 3.41 -8.99 35.67
N PHE A 900 2.97 -8.53 34.46
CA PHE A 900 2.96 -7.11 34.04
C PHE A 900 2.31 -6.19 35.08
N ASN A 901 3.15 -5.36 35.72
CA ASN A 901 2.81 -4.42 36.80
C ASN A 901 2.41 -5.20 38.05
N GLU A 902 3.30 -6.12 38.51
CA GLU A 902 3.13 -6.92 39.72
C GLU A 902 3.28 -5.97 40.91
N ASP A 903 4.33 -5.12 40.88
CA ASP A 903 4.65 -4.07 41.85
C ASP A 903 4.67 -2.70 41.13
N ALA A 904 5.30 -1.68 41.77
CA ALA A 904 5.44 -0.32 41.23
C ALA A 904 6.45 -0.21 40.07
N ASN A 905 7.71 -0.65 40.31
CA ASN A 905 8.81 -0.56 39.35
C ASN A 905 8.81 -1.64 38.23
N THR A 906 7.79 -2.54 38.23
CA THR A 906 7.65 -3.59 37.19
C THR A 906 7.09 -2.98 35.87
N THR A 907 7.89 -2.08 35.26
CA THR A 907 7.63 -1.36 34.02
C THR A 907 7.56 -2.33 32.82
N THR A 908 8.74 -2.60 32.20
CA THR A 908 8.90 -3.51 31.07
C THR A 908 9.63 -4.76 31.56
N LEU A 909 9.08 -5.94 31.23
CA LEU A 909 9.60 -7.24 31.67
C LEU A 909 10.65 -7.81 30.70
N SER A 910 11.77 -8.32 31.25
CA SER A 910 12.86 -8.92 30.48
C SER A 910 12.44 -10.27 29.87
N GLN A 911 11.67 -11.06 30.62
CA GLN A 911 11.12 -12.36 30.23
C GLN A 911 9.60 -12.22 29.93
N ALA A 912 8.97 -13.29 29.43
CA ALA A 912 7.54 -13.30 29.11
C ALA A 912 6.77 -14.11 30.15
N PRO A 913 5.58 -13.66 30.64
CA PRO A 913 4.81 -14.48 31.61
C PRO A 913 4.35 -15.81 30.98
N ALA A 914 4.82 -16.91 31.56
CA ALA A 914 4.53 -18.25 31.08
C ALA A 914 3.37 -18.95 31.79
N ALA A 915 3.07 -20.17 31.34
CA ALA A 915 2.02 -21.01 31.88
C ALA A 915 2.58 -22.44 32.17
N LEU A 916 1.85 -23.26 32.96
CA LEU A 916 2.29 -24.61 33.28
C LEU A 916 1.18 -25.63 33.13
N ALA A 917 1.35 -26.59 32.20
CA ALA A 917 0.38 -27.65 31.93
C ALA A 917 0.69 -28.91 32.73
N VAL A 918 -0.29 -29.41 33.49
CA VAL A 918 -0.13 -30.62 34.31
C VAL A 918 -1.39 -31.44 34.34
N GLN A 919 -1.23 -32.78 34.33
CA GLN A 919 -2.33 -33.75 34.46
C GLN A 919 -2.52 -33.82 35.97
N ASN A 920 -3.43 -32.98 36.49
CA ASN A 920 -3.73 -32.77 37.91
C ASN A 920 -4.28 -33.98 38.67
N GLY A 921 -4.63 -35.08 37.98
CA GLY A 921 -5.14 -36.27 38.64
C GLY A 921 -6.58 -36.67 38.35
N ILE A 922 -7.33 -35.82 37.64
CA ILE A 922 -8.69 -36.19 37.22
C ILE A 922 -8.51 -36.95 35.91
N ALA A 923 -8.49 -38.28 36.01
CA ALA A 923 -8.29 -39.17 34.87
C ALA A 923 -8.88 -40.55 35.17
N SER A 924 -9.35 -41.21 34.12
CA SER A 924 -9.90 -42.56 34.17
C SER A 924 -9.87 -43.15 32.77
N SER A 925 -9.89 -44.48 32.70
CA SER A 925 -9.88 -45.24 31.46
C SER A 925 -10.97 -46.28 31.60
N GLN A 926 -12.10 -45.87 32.22
CA GLN A 926 -13.18 -46.81 32.50
C GLN A 926 -14.56 -46.37 32.01
N ASP A 927 -15.04 -45.17 32.39
CA ASP A 927 -16.41 -44.77 32.05
C ASP A 927 -16.53 -43.68 31.00
N ASP A 928 -17.75 -43.45 30.50
CA ASP A 928 -18.02 -42.40 29.51
C ASP A 928 -18.37 -41.11 30.24
N LEU A 929 -17.51 -40.12 30.10
CA LEU A 929 -17.65 -38.82 30.72
C LEU A 929 -18.90 -38.10 30.22
N THR A 930 -19.59 -37.41 31.13
CA THR A 930 -20.68 -36.48 30.81
C THR A 930 -20.02 -35.09 30.90
N GLY A 931 -19.36 -34.83 32.03
CA GLY A 931 -18.66 -33.58 32.28
C GLY A 931 -18.09 -33.41 33.67
N ILE A 932 -17.38 -32.29 33.88
CA ILE A 932 -16.80 -31.93 35.17
C ILE A 932 -17.36 -30.58 35.64
N LEU A 933 -17.97 -30.58 36.82
CA LEU A 933 -18.57 -29.38 37.41
C LEU A 933 -17.63 -28.82 38.47
N PRO A 934 -16.94 -27.68 38.20
CA PRO A 934 -16.00 -27.14 39.19
C PRO A 934 -16.74 -26.50 40.37
N LEU A 935 -17.15 -27.34 41.34
CA LEU A 935 -17.92 -26.99 42.54
C LEU A 935 -17.33 -25.82 43.32
N SER A 936 -16.05 -25.96 43.68
CA SER A 936 -15.27 -24.98 44.42
C SER A 936 -13.80 -25.11 44.03
N ASP A 937 -12.98 -24.15 44.47
CA ASP A 937 -11.53 -24.11 44.25
C ASP A 937 -10.85 -25.39 44.76
N GLU A 938 -11.49 -26.08 45.73
CA GLU A 938 -11.00 -27.31 46.35
C GLU A 938 -11.64 -28.58 45.79
N PHE A 939 -12.94 -28.52 45.44
CA PHE A 939 -13.67 -29.72 45.01
C PHE A 939 -14.34 -29.59 43.67
N SER A 940 -14.26 -30.66 42.88
CA SER A 940 -14.85 -30.79 41.56
C SER A 940 -15.47 -32.16 41.43
N ALA A 941 -16.62 -32.26 40.80
CA ALA A 941 -17.29 -33.52 40.57
C ALA A 941 -17.16 -33.94 39.10
N VAL A 942 -16.93 -35.24 38.89
CA VAL A 942 -16.83 -35.82 37.56
C VAL A 942 -18.10 -36.60 37.36
N ILE A 943 -18.94 -36.09 36.48
CA ILE A 943 -20.22 -36.68 36.18
C ILE A 943 -20.03 -37.56 34.92
N THR A 944 -20.35 -38.84 35.09
CA THR A 944 -20.14 -39.91 34.12
C THR A 944 -21.44 -40.64 33.79
N LYS A 945 -21.58 -41.10 32.54
CA LYS A 945 -22.75 -41.86 32.12
C LYS A 945 -22.46 -43.36 32.28
N ASP A 946 -22.23 -44.10 31.16
CA ASP A 946 -21.96 -45.55 31.05
C ASP A 946 -23.16 -46.41 31.55
N GLN A 947 -23.64 -46.16 32.79
CA GLN A 947 -24.76 -46.85 33.44
C GLN A 947 -26.14 -46.36 32.97
N THR A 948 -27.17 -47.20 33.16
CA THR A 948 -28.55 -46.90 32.82
C THR A 948 -29.09 -45.78 33.71
N TRP A 949 -29.52 -44.65 33.06
CA TRP A 949 -30.07 -43.38 33.58
C TRP A 949 -29.15 -42.18 33.28
N THR A 950 -27.80 -42.36 33.37
CA THR A 950 -26.74 -41.34 33.16
C THR A 950 -26.57 -40.43 34.42
N GLY A 951 -25.44 -40.59 35.11
CA GLY A 951 -25.10 -39.80 36.28
C GLY A 951 -24.50 -40.61 37.40
N LYS A 952 -23.18 -40.88 37.32
CA LYS A 952 -22.49 -41.64 38.37
C LYS A 952 -21.96 -40.74 39.49
N VAL A 953 -21.36 -39.58 39.14
CA VAL A 953 -20.84 -38.54 40.06
C VAL A 953 -19.71 -39.04 40.98
N ASP A 954 -18.55 -38.40 40.88
CA ASP A 954 -17.38 -38.71 41.70
C ASP A 954 -16.71 -37.41 42.10
N ILE A 955 -16.62 -37.16 43.41
CA ILE A 955 -16.00 -35.95 43.94
C ILE A 955 -14.49 -36.13 44.07
N TYR A 956 -13.74 -35.11 43.64
CA TYR A 956 -12.29 -35.04 43.66
C TYR A 956 -11.83 -33.79 44.40
N LYS A 957 -10.96 -33.93 45.41
CA LYS A 957 -10.44 -32.80 46.16
C LYS A 957 -9.03 -32.45 45.74
N ASN A 958 -8.80 -31.15 45.55
CA ASN A 958 -7.53 -30.52 45.23
C ASN A 958 -6.63 -30.42 46.48
N THR A 959 -5.42 -30.99 46.40
CA THR A 959 -4.45 -30.96 47.49
C THR A 959 -3.13 -30.40 46.96
N ASN A 960 -2.91 -29.08 47.21
CA ASN A 960 -1.75 -28.30 46.76
C ASN A 960 -1.67 -28.22 45.20
N GLY A 961 -2.82 -28.40 44.53
CA GLY A 961 -2.96 -28.38 43.08
C GLY A 961 -3.14 -29.74 42.44
N LEU A 962 -3.15 -30.80 43.27
CA LEU A 962 -3.23 -32.20 42.85
C LEU A 962 -4.52 -32.85 43.33
N PHE A 963 -5.39 -33.22 42.37
CA PHE A 963 -6.65 -33.89 42.64
C PHE A 963 -6.49 -35.35 43.08
N GLU A 964 -7.34 -35.72 44.01
CA GLU A 964 -7.45 -37.04 44.60
C GLU A 964 -8.94 -37.24 44.72
N LYS A 965 -9.45 -38.43 44.36
CA LYS A 965 -10.87 -38.77 44.56
C LYS A 965 -11.19 -38.82 46.06
N ASP A 966 -12.31 -38.21 46.47
CA ASP A 966 -12.73 -38.23 47.87
C ASP A 966 -13.72 -39.40 48.01
N ASP A 967 -13.21 -40.56 48.48
CA ASP A 967 -13.97 -41.80 48.67
C ASP A 967 -15.26 -41.54 49.44
N GLN A 968 -15.12 -40.85 50.57
CA GLN A 968 -16.16 -40.48 51.53
C GLN A 968 -17.29 -39.67 50.92
N LEU A 969 -16.96 -38.59 50.20
CA LEU A 969 -17.91 -37.68 49.56
C LEU A 969 -18.58 -38.25 48.32
N SER A 970 -17.84 -39.02 47.50
CA SER A 970 -18.36 -39.65 46.29
C SER A 970 -19.34 -40.74 46.65
N GLU A 971 -19.04 -41.51 47.72
CA GLU A 971 -19.89 -42.58 48.23
C GLU A 971 -21.18 -41.99 48.80
N ASN A 972 -21.09 -40.72 49.26
CA ASN A 972 -22.17 -39.95 49.88
C ASN A 972 -23.21 -39.48 48.88
N VAL A 973 -22.76 -38.78 47.85
CA VAL A 973 -23.59 -38.22 46.78
C VAL A 973 -24.29 -39.32 45.92
N LYS A 974 -23.66 -40.52 45.82
CA LYS A 974 -24.07 -41.69 45.03
C LYS A 974 -25.41 -42.34 45.41
N ARG A 975 -25.87 -42.25 46.66
CA ARG A 975 -27.13 -42.90 46.97
C ARG A 975 -28.33 -42.11 46.43
N ARG A 976 -28.68 -42.42 45.15
CA ARG A 976 -29.77 -41.89 44.31
C ARG A 976 -29.89 -40.36 44.35
N SER B 1 -25.24 46.30 -4.50
CA SER B 1 -25.84 47.29 -3.61
C SER B 1 -24.98 48.55 -3.62
N LEU B 2 -25.17 49.43 -2.65
CA LEU B 2 -24.33 50.62 -2.49
C LEU B 2 -23.47 50.29 -1.30
N ALA B 3 -24.09 49.64 -0.28
CA ALA B 3 -23.48 49.12 0.94
C ALA B 3 -22.32 48.19 0.62
N ASN B 4 -22.37 47.47 -0.52
CA ASN B 4 -21.25 46.61 -0.86
C ASN B 4 -20.01 47.44 -1.25
N THR B 5 -18.86 47.08 -0.67
CA THR B 5 -17.56 47.72 -0.87
C THR B 5 -16.66 46.73 -1.61
N TYR B 6 -15.87 47.24 -2.56
CA TYR B 6 -14.92 46.46 -3.31
C TYR B 6 -13.57 46.84 -2.73
N LEU B 7 -12.73 45.87 -2.33
CA LEU B 7 -11.40 46.13 -1.76
C LEU B 7 -10.34 46.09 -2.84
N LEU B 8 -9.31 46.98 -2.76
CA LEU B 8 -8.23 47.04 -3.75
C LEU B 8 -6.89 47.23 -3.09
N GLN B 9 -5.88 46.49 -3.54
CA GLN B 9 -4.53 46.52 -3.01
C GLN B 9 -3.59 47.50 -3.72
N ASP B 10 -2.65 48.07 -2.96
CA ASP B 10 -1.56 48.92 -3.43
C ASP B 10 -0.46 48.65 -2.44
N HIS B 11 0.49 47.81 -2.85
CA HIS B 11 1.61 47.32 -2.04
C HIS B 11 1.04 46.62 -0.80
N ASN B 12 1.20 47.19 0.39
CA ASN B 12 0.72 46.58 1.64
C ASN B 12 -0.66 47.03 2.08
N THR B 13 -1.22 48.03 1.40
CA THR B 13 -2.51 48.65 1.73
C THR B 13 -3.71 48.06 0.96
N LEU B 14 -4.85 47.88 1.64
CA LEU B 14 -6.09 47.40 1.04
C LEU B 14 -7.12 48.50 1.26
N THR B 15 -7.45 49.25 0.20
CA THR B 15 -8.37 50.38 0.29
C THR B 15 -9.81 50.02 -0.12
N PRO B 16 -10.79 50.33 0.75
CA PRO B 16 -12.20 50.05 0.42
C PRO B 16 -12.81 51.08 -0.52
N TYR B 17 -13.47 50.59 -1.57
CA TYR B 17 -14.10 51.42 -2.58
C TYR B 17 -15.63 51.17 -2.66
N THR B 18 -16.40 52.24 -2.84
CA THR B 18 -17.85 52.17 -2.97
C THR B 18 -18.22 52.09 -4.46
N PRO B 19 -19.52 51.85 -4.82
CA PRO B 19 -19.91 51.85 -6.24
C PRO B 19 -20.00 53.25 -6.87
N PHE B 20 -19.78 54.31 -6.07
CA PHE B 20 -19.67 55.68 -6.56
C PHE B 20 -18.27 55.92 -7.11
N THR B 21 -17.38 54.89 -6.99
CA THR B 21 -15.99 54.76 -7.43
C THR B 21 -15.04 55.48 -6.46
N THR B 22 -15.57 56.02 -5.33
CA THR B 22 -14.74 56.74 -4.36
C THR B 22 -14.35 55.88 -3.15
N PRO B 23 -13.15 56.07 -2.59
CA PRO B 23 -12.75 55.26 -1.44
C PRO B 23 -13.29 55.77 -0.11
N LEU B 24 -13.73 54.86 0.75
CA LEU B 24 -14.28 55.13 2.07
C LEU B 24 -13.24 55.62 3.11
N ASN B 25 -11.96 55.25 2.95
CA ASN B 25 -10.85 55.67 3.83
C ASN B 25 -9.52 55.39 3.14
N GLY B 26 -8.42 55.84 3.75
CA GLY B 26 -7.06 55.61 3.24
C GLY B 26 -6.62 54.16 3.19
N GLY B 27 -7.49 53.23 3.58
CA GLY B 27 -7.23 51.80 3.56
C GLY B 27 -6.61 51.22 4.83
N LEU B 28 -6.24 49.93 4.76
CA LEU B 28 -5.61 49.18 5.87
C LEU B 28 -4.21 48.70 5.48
N ASP B 29 -3.17 49.24 6.15
CA ASP B 29 -1.78 48.82 5.94
C ASP B 29 -1.57 47.55 6.78
N VAL B 30 -1.82 46.39 6.15
CA VAL B 30 -1.77 45.06 6.75
C VAL B 30 -0.52 44.84 7.62
N VAL B 31 0.67 45.23 7.10
CA VAL B 31 1.97 45.13 7.78
C VAL B 31 1.98 45.92 9.08
N ARG B 32 1.72 47.23 9.01
CA ARG B 32 1.72 48.12 10.16
C ARG B 32 0.62 47.80 11.18
N ALA B 33 -0.50 47.20 10.73
CA ALA B 33 -1.59 46.79 11.62
C ALA B 33 -1.15 45.55 12.43
N ALA B 34 -0.43 44.64 11.78
CA ALA B 34 0.06 43.41 12.39
C ALA B 34 1.25 43.65 13.37
N HIS B 35 1.72 44.93 13.50
CA HIS B 35 2.86 45.35 14.34
C HIS B 35 4.15 44.68 13.79
N LEU B 36 4.22 44.53 12.47
CA LEU B 36 5.32 43.84 11.77
C LEU B 36 6.41 44.76 11.22
N HIS B 37 7.56 44.17 10.88
CA HIS B 37 8.76 44.84 10.41
C HIS B 37 8.60 45.45 9.00
N PRO B 38 9.24 46.61 8.71
CA PRO B 38 9.06 47.26 7.39
C PRO B 38 9.60 46.52 6.17
N SER B 39 10.29 45.39 6.34
CA SER B 39 10.74 44.64 5.15
C SER B 39 9.67 43.64 4.71
N TYR B 40 8.47 43.75 5.30
CA TYR B 40 7.36 42.86 5.00
C TYR B 40 6.59 43.33 3.79
N GLU B 41 6.08 42.35 3.04
CA GLU B 41 5.29 42.54 1.84
C GLU B 41 4.05 41.66 1.96
N LEU B 42 2.89 42.19 1.55
CA LEU B 42 1.64 41.45 1.51
C LEU B 42 1.64 40.82 0.16
N VAL B 43 1.40 39.49 0.07
CA VAL B 43 1.44 38.71 -1.17
C VAL B 43 0.07 38.17 -1.64
N ASP B 44 -0.85 37.90 -0.70
CA ASP B 44 -2.22 37.45 -0.97
C ASP B 44 -3.13 37.78 0.20
N TRP B 45 -4.42 37.99 -0.08
CA TRP B 45 -5.43 38.33 0.91
C TRP B 45 -6.78 37.91 0.39
N LYS B 46 -7.69 37.48 1.29
CA LYS B 46 -9.04 37.05 0.94
C LYS B 46 -10.04 37.57 1.98
N ARG B 47 -11.14 38.15 1.52
CA ARG B 47 -12.16 38.68 2.43
C ARG B 47 -13.10 37.51 2.78
N VAL B 48 -12.82 36.84 3.90
CA VAL B 48 -13.61 35.69 4.35
C VAL B 48 -14.96 36.17 4.84
N GLY B 49 -16.01 35.70 4.17
CA GLY B 49 -17.38 36.05 4.50
C GLY B 49 -17.62 37.54 4.58
N ASP B 50 -18.42 37.94 5.55
CA ASP B 50 -18.84 39.33 5.77
C ASP B 50 -18.06 40.11 6.83
N THR B 51 -17.42 39.41 7.79
CA THR B 51 -16.71 40.07 8.91
C THR B 51 -15.21 39.73 9.08
N LYS B 52 -14.70 38.78 8.31
CA LYS B 52 -13.31 38.36 8.39
C LYS B 52 -12.52 38.79 7.15
N LEU B 53 -11.18 38.86 7.30
CA LEU B 53 -10.23 39.17 6.24
C LEU B 53 -8.89 38.54 6.59
N VAL B 54 -8.52 37.51 5.82
CA VAL B 54 -7.29 36.75 6.01
C VAL B 54 -6.25 37.26 5.01
N ALA B 55 -4.98 37.37 5.42
CA ALA B 55 -3.91 37.89 4.58
C ALA B 55 -2.60 37.12 4.76
N LEU B 56 -1.68 37.26 3.78
CA LEU B 56 -0.38 36.60 3.74
C LEU B 56 0.75 37.58 3.59
N VAL B 57 1.77 37.50 4.47
CA VAL B 57 2.90 38.41 4.43
C VAL B 57 4.27 37.69 4.48
N ARG B 58 5.27 38.24 3.77
CA ARG B 58 6.63 37.67 3.74
C ARG B 58 7.75 38.75 3.82
N SER B 59 8.98 38.33 4.18
CA SER B 59 10.13 39.25 4.32
C SER B 59 11.35 38.77 3.56
N ALA B 60 11.98 39.71 2.80
CA ALA B 60 13.20 39.48 2.01
C ALA B 60 14.43 39.34 2.91
N LEU B 61 14.23 39.50 4.24
CA LEU B 61 15.27 39.36 5.25
C LEU B 61 15.28 37.95 5.83
N VAL B 62 14.23 37.13 5.56
CA VAL B 62 14.20 35.74 6.01
C VAL B 62 15.50 35.04 5.53
N ARG B 63 16.15 34.28 6.39
CA ARG B 63 17.35 33.57 5.99
C ARG B 63 17.23 32.16 6.57
N VAL B 64 17.22 31.17 5.68
CA VAL B 64 17.07 29.75 5.99
C VAL B 64 18.45 29.03 5.89
N LYS B 65 18.61 27.94 6.63
CA LYS B 65 19.82 27.11 6.61
C LYS B 65 19.52 25.63 6.77
N PHE B 66 20.29 24.78 6.07
CA PHE B 66 20.20 23.33 6.12
C PHE B 66 21.51 22.76 6.61
N GLN B 67 21.46 21.80 7.54
CA GLN B 67 22.67 21.20 8.09
C GLN B 67 23.07 19.84 7.47
N ASP B 68 24.36 19.71 7.09
CA ASP B 68 24.99 18.48 6.52
C ASP B 68 26.05 17.88 7.49
N THR B 69 26.25 16.55 7.42
CA THR B 69 27.19 15.74 8.25
C THR B 69 27.04 16.01 9.76
N ASN B 76 18.70 18.22 19.61
CA ASN B 76 19.85 17.39 19.28
C ASN B 76 19.43 16.11 18.53
N THR B 77 18.82 15.15 19.26
CA THR B 77 18.35 13.84 18.78
C THR B 77 17.10 13.96 17.87
N ASN B 78 16.10 14.77 18.28
CA ASN B 78 14.84 14.99 17.54
C ASN B 78 14.84 16.34 16.81
N GLN B 79 16.04 16.93 16.60
CA GLN B 79 16.27 18.22 15.97
C GLN B 79 16.06 18.23 14.47
N ASN B 80 15.50 19.34 13.96
CA ASN B 80 15.21 19.60 12.56
C ASN B 80 16.50 20.07 11.87
N ALA B 81 16.78 19.51 10.68
CA ALA B 81 17.95 19.82 9.86
C ALA B 81 17.82 21.16 9.16
N LEU B 82 16.59 21.66 9.08
CA LEU B 82 16.16 22.92 8.46
C LEU B 82 15.87 23.93 9.58
N SER B 83 16.46 25.14 9.49
CA SER B 83 16.25 26.19 10.50
C SER B 83 16.40 27.62 9.97
N PHE B 84 15.89 28.61 10.74
CA PHE B 84 16.03 30.02 10.39
C PHE B 84 17.37 30.49 10.98
N ASP B 85 18.16 31.23 10.17
CA ASP B 85 19.46 31.80 10.50
C ASP B 85 19.37 33.30 10.83
N THR B 86 18.97 33.59 12.08
CA THR B 86 18.83 34.91 12.68
C THR B 86 20.12 35.76 12.52
N GLN B 87 21.31 35.08 12.48
CA GLN B 87 22.62 35.73 12.29
C GLN B 87 22.72 36.44 10.92
N GLU B 88 22.42 35.71 9.82
CA GLU B 88 22.44 36.23 8.45
C GLU B 88 21.33 37.25 8.22
N SER B 89 20.21 37.11 8.95
CA SER B 89 19.06 38.02 8.87
C SER B 89 19.43 39.40 9.47
N GLN B 90 20.35 39.40 10.46
CA GLN B 90 20.88 40.59 11.12
C GLN B 90 21.93 41.24 10.20
N LYS B 91 22.67 40.40 9.44
CA LYS B 91 23.73 40.78 8.51
C LYS B 91 23.17 41.57 7.33
N ALA B 92 22.04 41.08 6.74
CA ALA B 92 21.33 41.69 5.62
C ALA B 92 20.74 43.06 6.00
N LEU B 93 20.18 43.16 7.24
CA LEU B 93 19.60 44.39 7.80
C LEU B 93 20.56 45.57 7.61
N ASN B 94 21.86 45.35 7.86
CA ASN B 94 22.95 46.31 7.69
C ASN B 94 23.52 46.16 6.26
N GLY B 95 23.76 47.29 5.59
CA GLY B 95 24.26 47.32 4.22
C GLY B 95 23.22 46.88 3.22
N GLN B 109 12.67 39.05 14.18
CA GLN B 109 13.52 37.93 14.60
C GLN B 109 13.98 37.04 13.40
N ASP B 110 13.19 36.01 13.06
CA ASP B 110 13.50 35.10 11.95
C ASP B 110 12.95 35.66 10.64
N PHE B 111 12.00 36.63 10.75
CA PHE B 111 11.31 37.27 9.65
C PHE B 111 10.52 36.24 8.81
N ALA B 112 9.89 35.25 9.50
CA ALA B 112 9.10 34.25 8.81
C ALA B 112 7.82 34.87 8.22
N SER B 113 7.16 34.11 7.37
CA SER B 113 5.91 34.50 6.77
C SER B 113 4.78 34.31 7.78
N TYR B 114 3.68 35.05 7.61
CA TYR B 114 2.55 35.01 8.54
C TYR B 114 1.20 35.07 7.85
N VAL B 115 0.20 34.43 8.50
CA VAL B 115 -1.21 34.46 8.10
C VAL B 115 -1.88 35.37 9.14
N LEU B 116 -2.37 36.53 8.70
CA LEU B 116 -2.96 37.49 9.62
C LEU B 116 -4.47 37.45 9.56
N ILE B 117 -5.14 37.36 10.73
CA ILE B 117 -6.62 37.32 10.83
C ILE B 117 -7.11 38.66 11.32
N PHE B 118 -8.03 39.26 10.57
CA PHE B 118 -8.62 40.57 10.86
C PHE B 118 -10.12 40.44 11.03
N LYS B 119 -10.69 41.31 11.89
CA LYS B 119 -12.12 41.39 12.17
C LYS B 119 -12.65 42.75 11.72
N ALA B 120 -13.90 42.79 11.24
CA ALA B 120 -14.56 43.99 10.74
C ALA B 120 -14.89 44.94 11.88
N ALA B 121 -14.99 46.24 11.58
CA ALA B 121 -15.21 47.27 12.58
C ALA B 121 -16.15 48.43 12.10
N PRO B 122 -16.39 49.51 12.89
CA PRO B 122 -17.27 50.60 12.42
C PRO B 122 -16.73 51.32 11.17
N ARG B 123 -17.65 51.75 10.29
CA ARG B 123 -17.33 52.35 8.99
C ARG B 123 -16.66 51.24 8.16
N ALA B 124 -15.66 51.52 7.33
CA ALA B 124 -15.06 50.43 6.54
C ALA B 124 -13.66 50.05 7.06
N THR B 125 -13.62 49.66 8.33
CA THR B 125 -12.34 49.44 8.98
C THR B 125 -12.12 48.00 9.42
N TRP B 126 -10.86 47.65 9.69
CA TRP B 126 -10.45 46.34 10.16
C TRP B 126 -9.60 46.46 11.40
N VAL B 127 -9.82 45.53 12.32
CA VAL B 127 -9.16 45.42 13.61
C VAL B 127 -8.38 44.11 13.58
N PHE B 128 -7.07 44.17 13.89
CA PHE B 128 -6.19 43.00 13.88
C PHE B 128 -6.61 42.00 14.97
N GLU B 129 -6.70 40.69 14.63
CA GLU B 129 -7.14 39.70 15.62
C GLU B 129 -6.05 38.76 16.05
N ARG B 130 -5.17 38.32 15.12
CA ARG B 130 -4.03 37.44 15.43
C ARG B 130 -3.10 37.20 14.23
N LYS B 131 -1.92 36.58 14.49
CA LYS B 131 -0.83 36.25 13.56
C LYS B 131 -0.50 34.75 13.67
N ILE B 132 -0.19 34.10 12.54
CA ILE B 132 0.19 32.68 12.53
C ILE B 132 1.47 32.53 11.71
N LYS B 133 2.57 32.08 12.37
CA LYS B 133 3.87 31.85 11.74
C LYS B 133 3.80 30.59 10.88
N LEU B 134 4.38 30.67 9.66
CA LEU B 134 4.46 29.54 8.73
C LEU B 134 5.85 28.96 8.86
N ALA B 135 6.06 28.14 9.89
CA ALA B 135 7.35 27.53 10.20
C ALA B 135 7.87 26.58 9.10
N LEU B 136 9.22 26.39 9.09
CA LEU B 136 9.96 25.53 8.18
C LEU B 136 9.46 24.09 8.31
N PRO B 137 9.29 23.31 7.21
CA PRO B 137 8.86 21.91 7.36
C PRO B 137 9.91 21.09 8.10
N TYR B 138 9.49 20.02 8.75
CA TYR B 138 10.42 19.19 9.51
C TYR B 138 11.17 18.19 8.62
N VAL B 139 12.49 18.07 8.84
CA VAL B 139 13.40 17.10 8.23
C VAL B 139 14.37 16.65 9.33
N LYS B 140 14.38 15.34 9.65
CA LYS B 140 15.24 14.77 10.69
C LYS B 140 16.65 14.52 10.19
N GLN B 141 17.60 15.20 10.81
CA GLN B 141 19.02 15.11 10.52
C GLN B 141 19.67 13.88 11.15
N GLU B 142 20.75 13.42 10.53
CA GLU B 142 21.55 12.28 10.98
C GLU B 142 22.93 12.79 11.42
N SER B 143 23.63 12.05 12.29
CA SER B 143 24.94 12.44 12.78
C SER B 143 25.71 11.24 13.34
N GLN B 144 26.85 10.88 12.71
CA GLN B 144 27.69 9.78 13.22
C GLN B 144 28.49 10.25 14.44
N GLY B 145 28.39 11.55 14.73
CA GLY B 145 29.07 12.19 15.85
C GLY B 145 28.11 12.74 16.90
N SER B 146 26.85 12.23 16.93
CA SER B 146 25.82 12.64 17.90
C SER B 146 24.82 11.51 18.21
N GLY B 147 25.18 10.64 19.15
CA GLY B 147 24.38 9.50 19.60
C GLY B 147 24.26 8.39 18.57
N LYS B 154 15.56 1.97 5.59
CA LYS B 154 14.58 3.04 5.82
C LYS B 154 14.83 4.28 4.94
N GLY B 155 13.78 4.75 4.25
CA GLY B 155 13.86 5.92 3.37
C GLY B 155 14.14 7.22 4.11
N SER B 156 15.16 7.97 3.64
CA SER B 156 15.58 9.24 4.24
C SER B 156 15.41 10.45 3.28
N LEU B 157 14.50 11.36 3.63
CA LEU B 157 14.28 12.61 2.89
C LEU B 157 15.52 13.49 3.10
N TYR B 158 16.22 13.29 4.24
CA TYR B 158 17.46 13.98 4.59
C TYR B 158 18.59 13.71 3.57
N LYS B 159 18.83 12.42 3.24
CA LYS B 159 19.83 12.04 2.25
C LYS B 159 19.56 12.69 0.89
N THR B 160 18.28 12.71 0.47
CA THR B 160 17.83 13.30 -0.79
C THR B 160 18.27 14.75 -0.88
N LEU B 161 17.91 15.54 0.17
CA LEU B 161 18.19 16.96 0.34
C LEU B 161 19.67 17.31 0.31
N GLN B 162 20.51 16.41 0.87
CA GLN B 162 21.97 16.56 0.93
C GLN B 162 22.59 16.61 -0.45
N ASP B 163 21.96 15.94 -1.42
CA ASP B 163 22.40 15.89 -2.82
C ASP B 163 21.31 16.40 -3.79
N LEU B 164 20.36 17.18 -3.25
CA LEU B 164 19.31 17.73 -4.10
C LEU B 164 19.86 18.96 -4.82
N LEU B 165 19.76 18.90 -6.15
CA LEU B 165 20.19 19.97 -7.02
C LEU B 165 18.92 20.57 -7.59
N VAL B 166 18.67 21.85 -7.30
CA VAL B 166 17.51 22.59 -7.82
C VAL B 166 17.99 23.53 -8.94
N GLU B 167 17.24 23.62 -10.04
CA GLU B 167 17.64 24.48 -11.14
C GLU B 167 17.47 25.95 -10.77
N GLN B 168 18.26 26.84 -11.44
CA GLN B 168 18.14 28.28 -11.33
C GLN B 168 16.79 28.64 -12.01
N PRO B 169 16.04 29.63 -11.47
CA PRO B 169 14.67 29.91 -11.98
C PRO B 169 14.57 30.39 -13.43
N VAL B 170 13.47 29.98 -14.10
CA VAL B 170 13.24 30.43 -15.48
C VAL B 170 12.60 31.84 -15.46
N THR B 171 13.30 32.81 -16.08
CA THR B 171 12.89 34.22 -16.18
C THR B 171 12.02 34.43 -17.45
N PRO B 172 11.34 35.59 -17.62
CA PRO B 172 10.61 35.82 -18.88
C PRO B 172 11.58 36.21 -20.02
N TYR B 173 12.88 36.27 -19.70
CA TYR B 173 13.92 36.65 -20.64
C TYR B 173 14.80 35.48 -21.06
N THR B 174 14.52 34.28 -20.52
CA THR B 174 15.24 33.05 -20.85
C THR B 174 14.87 32.65 -22.30
N PRO B 175 15.85 32.68 -23.24
CA PRO B 175 15.53 32.26 -24.62
C PRO B 175 15.50 30.72 -24.71
N ASN B 176 14.99 30.18 -25.84
CA ASN B 176 14.89 28.73 -26.08
C ASN B 176 16.24 27.99 -25.97
N ALA B 177 17.33 28.56 -26.53
CA ALA B 177 18.68 27.98 -26.49
C ALA B 177 19.25 27.90 -25.07
N GLY B 178 18.76 28.77 -24.18
CA GLY B 178 19.11 28.77 -22.76
C GLY B 178 18.63 27.49 -22.09
N LEU B 179 17.45 26.98 -22.50
CA LEU B 179 16.91 25.72 -21.98
C LEU B 179 17.65 24.53 -22.58
N ALA B 180 18.18 24.71 -23.79
CA ALA B 180 18.87 23.68 -24.58
C ALA B 180 20.17 23.19 -23.97
N ARG B 181 20.10 22.00 -23.32
CA ARG B 181 21.24 21.29 -22.69
C ARG B 181 21.67 20.12 -23.59
N VAL B 182 22.98 19.86 -23.68
CA VAL B 182 23.52 18.76 -24.51
C VAL B 182 22.90 17.41 -24.12
N ASN B 183 22.42 16.63 -25.13
CA ASN B 183 21.82 15.30 -24.93
C ASN B 183 22.77 14.39 -24.18
N GLY B 184 22.21 13.49 -23.38
CA GLY B 184 22.95 12.49 -22.63
C GLY B 184 23.41 11.37 -23.54
N VAL B 185 23.95 10.30 -22.95
CA VAL B 185 24.44 9.14 -23.69
C VAL B 185 23.23 8.26 -24.20
N ALA B 186 23.47 7.34 -25.15
CA ALA B 186 22.43 6.44 -25.67
C ALA B 186 22.32 5.21 -24.72
N GLN B 187 21.16 4.51 -24.68
CA GLN B 187 21.01 3.39 -23.73
C GLN B 187 21.75 2.09 -24.15
N ASP B 188 22.15 1.97 -25.43
CA ASP B 188 22.90 0.80 -25.87
C ASP B 188 24.36 0.89 -25.39
N THR B 189 24.84 2.12 -25.17
CA THR B 189 26.18 2.40 -24.62
C THR B 189 26.14 2.06 -23.11
N VAL B 190 25.02 2.41 -22.43
CA VAL B 190 24.85 2.16 -20.99
C VAL B 190 24.92 0.66 -20.67
N HIS B 191 24.10 -0.16 -21.32
CA HIS B 191 23.99 -1.59 -21.03
C HIS B 191 25.07 -2.48 -21.63
N PHE B 192 25.76 -2.01 -22.68
CA PHE B 192 26.78 -2.80 -23.38
C PHE B 192 28.21 -2.26 -23.32
N GLY B 193 28.37 -1.01 -22.92
CA GLY B 193 29.66 -0.35 -22.92
C GLY B 193 29.97 0.19 -24.31
N SER B 194 30.92 1.12 -24.42
CA SER B 194 31.29 1.70 -25.71
C SER B 194 32.07 0.70 -26.53
N GLY B 195 31.58 0.43 -27.73
CA GLY B 195 32.17 -0.52 -28.67
C GLY B 195 31.51 -1.88 -28.71
N GLN B 196 30.48 -2.11 -27.88
CA GLN B 196 29.75 -3.40 -27.81
C GLN B 196 28.22 -3.22 -28.06
N GLU B 197 27.84 -2.08 -28.65
CA GLU B 197 26.46 -1.75 -28.98
C GLU B 197 25.87 -2.72 -30.03
N SER B 198 26.72 -3.33 -30.89
CA SER B 198 26.34 -4.26 -31.95
C SER B 198 25.38 -5.38 -31.48
N SER B 199 25.64 -5.97 -30.29
CA SER B 199 24.85 -7.06 -29.72
C SER B 199 23.61 -6.62 -28.89
N TRP B 200 22.95 -5.50 -29.31
CA TRP B 200 21.72 -5.00 -28.66
C TRP B 200 20.57 -5.98 -28.93
N ASN B 201 20.24 -6.22 -30.20
CA ASN B 201 19.16 -7.13 -30.60
C ASN B 201 19.34 -8.56 -30.08
N SER B 202 20.58 -9.07 -30.10
CA SER B 202 20.89 -10.43 -29.64
C SER B 202 20.87 -10.64 -28.11
N GLN B 203 20.92 -9.52 -27.32
CA GLN B 203 20.97 -9.56 -25.87
C GLN B 203 19.96 -8.67 -25.16
N ARG B 204 19.07 -8.01 -25.91
CA ARG B 204 18.11 -7.12 -25.27
C ARG B 204 17.12 -7.91 -24.41
N SER B 205 16.71 -9.09 -24.90
CA SER B 205 15.79 -10.00 -24.20
C SER B 205 16.22 -10.26 -22.75
N GLN B 206 17.49 -10.66 -22.53
CA GLN B 206 18.09 -10.98 -21.23
C GLN B 206 18.56 -9.74 -20.41
N LYS B 207 18.88 -8.62 -21.08
CA LYS B 207 19.32 -7.40 -20.39
C LYS B 207 18.11 -6.51 -19.95
N GLY B 208 16.89 -7.04 -20.08
CA GLY B 208 15.64 -6.40 -19.69
C GLY B 208 15.03 -5.44 -20.69
N LEU B 209 15.51 -5.47 -21.94
CA LEU B 209 15.08 -4.59 -23.03
C LEU B 209 14.46 -5.37 -24.20
N LYS B 210 13.72 -6.47 -23.88
CA LYS B 210 13.06 -7.35 -24.83
C LYS B 210 12.07 -6.57 -25.69
N ASN B 211 12.14 -6.76 -27.02
CA ASN B 211 11.29 -6.10 -28.02
C ASN B 211 11.44 -4.55 -28.01
N ASN B 212 12.48 -4.02 -27.31
CA ASN B 212 12.74 -2.58 -27.29
C ASN B 212 13.40 -2.16 -28.63
N PRO B 213 12.72 -1.29 -29.42
CA PRO B 213 13.26 -0.93 -30.74
C PRO B 213 14.16 0.31 -30.80
N GLY B 214 14.48 0.90 -29.65
CA GLY B 214 15.28 2.12 -29.61
C GLY B 214 16.64 2.03 -28.94
N PRO B 215 17.67 1.38 -29.54
CA PRO B 215 19.00 1.36 -28.89
C PRO B 215 19.62 2.75 -28.76
N LYS B 216 19.34 3.65 -29.73
CA LYS B 216 19.87 5.03 -29.79
C LYS B 216 19.04 6.01 -28.97
N ALA B 217 18.26 5.50 -28.00
CA ALA B 217 17.41 6.32 -27.14
C ALA B 217 18.28 7.04 -26.08
N VAL B 218 18.10 8.36 -25.98
CA VAL B 218 18.82 9.23 -25.06
C VAL B 218 18.42 8.94 -23.61
N THR B 219 19.42 8.80 -22.76
CA THR B 219 19.29 8.48 -21.33
C THR B 219 18.96 9.74 -20.52
N GLY B 220 19.43 10.90 -20.99
CA GLY B 220 19.17 12.19 -20.34
C GLY B 220 19.82 13.36 -21.04
N PHE B 221 20.45 14.25 -20.26
CA PHE B 221 21.18 15.43 -20.73
C PHE B 221 22.36 15.71 -19.81
N LYS B 222 23.41 16.32 -20.34
CA LYS B 222 24.61 16.66 -19.57
C LYS B 222 24.36 17.85 -18.60
N LEU B 223 24.98 17.77 -17.40
CA LEU B 223 24.91 18.79 -16.33
C LEU B 223 26.25 19.52 -16.19
N ASP B 224 27.21 19.20 -17.07
CA ASP B 224 28.57 19.74 -17.16
C ASP B 224 28.61 21.27 -17.43
N LYS B 225 27.63 21.80 -18.19
CA LYS B 225 27.52 23.22 -18.54
C LYS B 225 26.05 23.66 -18.65
N GLY B 226 25.84 24.92 -18.99
CA GLY B 226 24.50 25.48 -19.15
C GLY B 226 23.97 26.23 -17.94
N ARG B 227 22.64 26.29 -17.84
CA ARG B 227 21.95 26.94 -16.73
C ARG B 227 22.33 26.29 -15.39
N ALA B 228 22.36 27.11 -14.33
CA ALA B 228 22.74 26.69 -12.98
C ALA B 228 21.80 25.67 -12.31
N TYR B 229 22.42 24.76 -11.55
CA TYR B 229 21.83 23.72 -10.72
C TYR B 229 22.61 23.80 -9.42
N ARG B 230 21.95 24.18 -8.33
CA ARG B 230 22.69 24.34 -7.06
C ARG B 230 22.15 23.47 -5.94
N LYS B 231 23.03 23.16 -4.98
CA LYS B 231 22.67 22.39 -3.80
C LYS B 231 21.85 23.30 -2.88
N LEU B 232 21.20 22.70 -1.86
CA LEU B 232 20.34 23.40 -0.91
C LEU B 232 21.03 24.57 -0.16
N ASN B 233 22.35 24.54 0.04
CA ASN B 233 23.01 25.65 0.71
C ASN B 233 23.86 26.52 -0.25
N GLU B 234 23.89 26.14 -1.54
CA GLU B 234 24.58 26.92 -2.59
C GLU B 234 23.58 27.96 -3.12
N SER B 235 24.06 29.00 -3.88
CA SER B 235 23.22 30.09 -4.44
C SER B 235 23.14 30.13 -5.98
N TRP B 236 21.96 30.44 -6.53
CA TRP B 236 21.83 30.56 -8.00
C TRP B 236 22.43 31.89 -8.43
N PRO B 237 23.17 31.97 -9.56
CA PRO B 237 23.62 33.30 -10.03
C PRO B 237 22.52 34.07 -10.81
N VAL B 238 22.66 35.42 -10.86
CA VAL B 238 21.79 36.39 -11.56
C VAL B 238 21.91 36.30 -13.09
N TYR B 239 23.09 35.85 -13.57
CA TYR B 239 23.49 35.68 -14.97
C TYR B 239 22.97 34.38 -15.49
N GLU B 240 22.63 34.31 -16.79
CA GLU B 240 22.16 33.05 -17.35
C GLU B 240 22.60 32.85 -18.83
N PRO B 241 22.94 31.59 -19.23
CA PRO B 241 23.40 31.37 -20.61
C PRO B 241 22.39 31.67 -21.70
N LEU B 242 22.90 32.17 -22.85
CA LEU B 242 22.08 32.47 -24.02
C LEU B 242 21.86 31.18 -24.82
N ASP B 243 22.79 30.21 -24.66
CA ASP B 243 22.83 28.87 -25.29
C ASP B 243 23.66 27.89 -24.39
N SER B 244 22.96 26.96 -23.68
CA SER B 244 23.55 26.00 -22.74
C SER B 244 24.41 24.86 -23.38
N THR B 245 24.48 24.82 -24.72
CA THR B 245 25.30 23.86 -25.46
C THR B 245 26.71 24.47 -25.50
N LYS B 246 26.77 25.81 -25.55
CA LYS B 246 27.98 26.61 -25.65
C LYS B 246 28.50 27.08 -24.30
N GLU B 247 27.72 27.94 -23.61
CA GLU B 247 28.12 28.52 -22.33
C GLU B 247 27.26 28.09 -21.14
N GLY B 248 27.77 28.38 -19.94
CA GLY B 248 27.16 28.05 -18.65
C GLY B 248 27.98 26.97 -17.98
N LYS B 249 27.75 26.72 -16.68
CA LYS B 249 28.55 25.69 -16.01
C LYS B 249 27.73 24.55 -15.39
N GLY B 250 26.41 24.60 -15.51
CA GLY B 250 25.50 23.60 -14.98
C GLY B 250 25.63 23.43 -13.48
N LYS B 251 25.63 22.17 -13.02
CA LYS B 251 25.77 21.78 -11.62
C LYS B 251 27.17 22.05 -11.02
N ASP B 252 28.16 22.30 -11.89
CA ASP B 252 29.56 22.55 -11.52
C ASP B 252 29.76 23.91 -10.82
N GLU B 253 29.36 23.99 -9.53
CA GLU B 253 29.48 25.23 -8.72
C GLU B 253 30.94 25.61 -8.51
N SER B 254 31.81 24.61 -8.40
CA SER B 254 33.25 24.79 -8.23
C SER B 254 33.84 25.65 -9.36
N SER B 255 33.63 25.28 -10.66
CA SER B 255 34.15 26.01 -11.82
C SER B 255 33.54 27.39 -12.05
N TRP B 256 32.24 27.59 -11.72
CA TRP B 256 31.61 28.90 -11.86
C TRP B 256 32.33 29.88 -10.94
N LYS B 257 32.29 29.63 -9.61
CA LYS B 257 32.93 30.41 -8.56
C LYS B 257 34.42 30.73 -8.82
N ASN B 258 35.19 29.76 -9.37
CA ASN B 258 36.65 29.85 -9.60
C ASN B 258 37.10 30.55 -10.91
N SER B 259 36.27 30.56 -11.99
CA SER B 259 36.65 31.16 -13.28
C SER B 259 35.53 31.81 -14.10
N GLU B 260 34.33 31.19 -14.13
CA GLU B 260 33.20 31.63 -14.94
C GLU B 260 32.39 32.76 -14.33
N LYS B 261 32.49 32.93 -13.01
CA LYS B 261 31.80 33.98 -12.24
C LYS B 261 32.19 35.33 -12.85
N THR B 262 33.53 35.56 -12.97
CA THR B 262 34.20 36.75 -13.53
C THR B 262 33.77 37.00 -14.98
N THR B 263 33.85 35.95 -15.83
CA THR B 263 33.40 36.00 -17.23
C THR B 263 31.95 36.52 -17.31
N ALA B 264 31.04 35.92 -16.49
CA ALA B 264 29.63 36.28 -16.43
C ALA B 264 29.43 37.70 -15.98
N GLU B 265 30.22 38.17 -15.01
CA GLU B 265 30.11 39.53 -14.48
C GLU B 265 30.55 40.55 -15.54
N ASN B 266 31.66 40.24 -16.22
CA ASN B 266 32.31 41.01 -17.28
C ASN B 266 31.39 41.16 -18.52
N ASP B 267 30.63 40.11 -18.86
CA ASP B 267 29.78 40.08 -20.05
C ASP B 267 28.46 40.75 -19.83
N ALA B 268 27.81 40.47 -18.70
CA ALA B 268 26.51 41.04 -18.36
C ALA B 268 26.51 41.83 -17.03
N PRO B 269 27.27 42.95 -16.90
CA PRO B 269 27.19 43.72 -15.64
C PRO B 269 25.88 44.49 -15.55
N LEU B 270 25.44 44.83 -14.32
CA LEU B 270 24.19 45.57 -14.10
C LEU B 270 24.26 47.02 -14.63
N VAL B 271 23.07 47.69 -14.69
CA VAL B 271 22.85 49.06 -15.18
C VAL B 271 23.93 50.03 -14.69
N GLY B 272 24.59 50.69 -15.65
CA GLY B 272 25.65 51.64 -15.40
C GLY B 272 26.87 51.38 -16.26
N MET B 273 27.49 52.47 -16.77
CA MET B 273 28.70 52.42 -17.62
C MET B 273 29.96 52.03 -16.83
N VAL B 274 30.26 52.79 -15.76
CA VAL B 274 31.40 52.56 -14.87
C VAL B 274 30.95 52.64 -13.39
N GLY B 275 29.97 53.51 -13.10
CA GLY B 275 29.40 53.72 -11.77
C GLY B 275 28.23 52.80 -11.47
N SER B 276 28.47 51.78 -10.62
CA SER B 276 27.48 50.80 -10.21
C SER B 276 27.39 50.70 -8.67
N GLY B 277 28.54 50.75 -8.00
CA GLY B 277 28.66 50.66 -6.55
C GLY B 277 28.70 52.00 -5.83
N ALA B 278 27.53 52.68 -5.78
CA ALA B 278 27.34 53.97 -5.12
C ALA B 278 25.98 53.97 -4.39
N ALA B 279 25.87 53.13 -3.34
CA ALA B 279 24.68 52.96 -2.52
C ALA B 279 24.96 53.27 -1.05
N ASP B 349 35.99 42.35 -24.37
CA ASP B 349 35.43 43.60 -23.87
C ASP B 349 34.22 43.41 -22.96
N THR B 350 33.91 44.44 -22.14
CA THR B 350 32.81 44.45 -21.17
C THR B 350 31.43 44.80 -21.80
N ALA B 351 30.34 44.45 -21.10
CA ALA B 351 28.92 44.71 -21.44
C ALA B 351 28.52 44.40 -22.91
N THR B 352 29.03 43.29 -23.46
CA THR B 352 28.74 42.83 -24.83
C THR B 352 27.46 41.97 -24.93
N PHE B 353 27.05 41.32 -23.81
CA PHE B 353 25.86 40.47 -23.65
C PHE B 353 25.74 39.38 -24.73
N SER B 354 26.87 38.72 -25.02
CA SER B 354 26.97 37.67 -26.04
C SER B 354 27.24 36.27 -25.45
N LYS B 355 27.53 36.19 -24.13
CA LYS B 355 27.77 34.96 -23.39
C LYS B 355 26.68 34.72 -22.36
N TYR B 356 26.21 35.81 -21.69
CA TYR B 356 25.19 35.74 -20.65
C TYR B 356 24.14 36.85 -20.73
N LEU B 357 23.04 36.69 -19.96
CA LEU B 357 21.96 37.65 -19.78
C LEU B 357 21.89 37.94 -18.29
N ASN B 358 21.91 39.21 -17.88
CA ASN B 358 21.77 39.55 -16.48
C ASN B 358 20.28 39.71 -16.23
N THR B 359 19.69 38.82 -15.44
CA THR B 359 18.25 38.88 -15.19
C THR B 359 17.91 39.21 -13.73
N ALA B 360 18.75 40.04 -13.06
CA ALA B 360 18.53 40.45 -11.67
C ALA B 360 17.16 41.10 -11.44
N GLN B 361 16.71 41.99 -12.37
CA GLN B 361 15.42 42.68 -12.32
C GLN B 361 14.24 41.71 -12.43
N ALA B 362 14.30 40.75 -13.39
CA ALA B 362 13.25 39.73 -13.64
C ALA B 362 13.05 38.80 -12.45
N LEU B 363 14.17 38.40 -11.81
CA LEU B 363 14.26 37.51 -10.65
C LEU B 363 13.53 38.10 -9.47
N HIS B 364 13.82 39.39 -9.18
CA HIS B 364 13.23 40.17 -8.09
C HIS B 364 11.68 40.07 -8.05
N GLN B 365 11.02 40.37 -9.21
CA GLN B 365 9.56 40.34 -9.42
C GLN B 365 8.99 38.93 -9.24
N MET B 366 9.78 37.89 -9.58
CA MET B 366 9.42 36.47 -9.45
C MET B 366 9.27 36.06 -7.98
N GLY B 367 9.66 36.97 -7.09
CA GLY B 367 9.64 36.76 -5.66
C GLY B 367 10.94 36.18 -5.18
N VAL B 368 11.97 36.29 -6.03
CA VAL B 368 13.28 35.80 -5.67
C VAL B 368 14.02 36.98 -5.01
N ILE B 369 14.64 36.74 -3.83
CA ILE B 369 15.40 37.75 -3.08
C ILE B 369 16.66 38.10 -3.84
N VAL B 370 16.78 39.38 -4.24
CA VAL B 370 17.95 39.88 -4.96
C VAL B 370 18.49 41.08 -4.13
N PRO B 371 19.38 40.83 -3.13
CA PRO B 371 19.92 41.92 -2.30
C PRO B 371 20.50 43.10 -3.12
N GLY B 372 20.10 44.30 -2.74
CA GLY B 372 20.47 45.53 -3.43
C GLY B 372 19.27 46.08 -4.19
N LEU B 373 18.50 45.16 -4.82
CA LEU B 373 17.30 45.47 -5.60
C LEU B 373 16.07 45.75 -4.72
N GLU B 374 16.31 45.96 -3.41
CA GLU B 374 15.29 46.32 -2.43
C GLU B 374 15.28 47.86 -2.34
N LYS B 375 14.13 48.46 -2.72
CA LYS B 375 13.85 49.90 -2.81
C LYS B 375 14.28 50.72 -1.56
N TRP B 376 13.53 50.55 -0.44
CA TRP B 376 13.68 51.20 0.88
C TRP B 376 15.13 51.34 1.37
N THR B 440 30.61 41.22 -7.32
CA THR B 440 29.36 41.65 -6.67
C THR B 440 28.83 40.61 -5.66
N ASP B 441 27.94 41.09 -4.74
CA ASP B 441 27.26 40.33 -3.68
C ASP B 441 26.44 39.17 -4.26
N ALA B 442 26.57 37.96 -3.65
CA ALA B 442 25.85 36.77 -4.06
C ALA B 442 24.40 36.81 -3.59
N LEU B 443 23.59 35.84 -4.03
CA LEU B 443 22.18 35.75 -3.63
C LEU B 443 22.05 34.82 -2.42
N PRO B 444 20.94 34.89 -1.63
CA PRO B 444 20.79 33.94 -0.50
C PRO B 444 20.62 32.53 -1.05
N ASN B 445 21.05 31.52 -0.27
CA ASN B 445 21.01 30.12 -0.69
C ASN B 445 19.63 29.65 -1.21
N VAL B 446 19.63 28.58 -2.00
CA VAL B 446 18.47 27.97 -2.61
C VAL B 446 17.33 27.74 -1.58
N ILE B 447 17.61 27.13 -0.41
CA ILE B 447 16.62 26.83 0.62
C ILE B 447 15.86 28.09 1.13
N THR B 448 16.56 29.25 1.17
CA THR B 448 15.98 30.54 1.56
C THR B 448 14.96 31.02 0.51
N GLN B 449 15.40 31.14 -0.77
CA GLN B 449 14.53 31.53 -1.89
C GLN B 449 13.39 30.55 -1.97
N LEU B 450 13.63 29.26 -1.62
CA LEU B 450 12.60 28.21 -1.62
C LEU B 450 11.53 28.51 -0.60
N TYR B 451 11.93 28.91 0.61
CA TYR B 451 10.96 29.30 1.61
C TYR B 451 10.20 30.60 1.26
N HIS B 452 10.92 31.61 0.71
CA HIS B 452 10.40 32.93 0.33
C HIS B 452 9.41 32.87 -0.78
N THR B 453 9.73 32.15 -1.86
CA THR B 453 8.85 31.97 -3.02
C THR B 453 7.69 31.00 -2.70
N SER B 454 7.85 30.10 -1.69
CA SER B 454 6.82 29.13 -1.28
C SER B 454 5.61 29.76 -0.65
N THR B 455 5.79 30.91 0.06
CA THR B 455 4.69 31.59 0.76
C THR B 455 4.12 32.69 -0.18
N ALA B 456 3.27 32.25 -1.15
CA ALA B 456 2.73 33.13 -2.21
C ALA B 456 1.17 33.13 -2.37
N GLN B 457 0.48 32.05 -2.01
CA GLN B 457 -0.97 31.97 -2.24
C GLN B 457 -1.68 31.32 -1.07
N LEU B 458 -2.96 31.71 -0.79
CA LEU B 458 -3.74 31.12 0.30
C LEU B 458 -5.24 30.97 0.03
N ALA B 459 -5.91 30.19 0.90
CA ALA B 459 -7.36 29.94 0.95
C ALA B 459 -7.75 29.66 2.39
N TYR B 460 -9.05 29.75 2.71
CA TYR B 460 -9.55 29.58 4.06
C TYR B 460 -10.73 28.63 4.10
N LEU B 461 -10.60 27.55 4.85
CA LEU B 461 -11.68 26.59 4.94
C LEU B 461 -12.04 26.21 6.37
N ASN B 462 -12.97 26.99 6.92
CA ASN B 462 -13.56 26.80 8.24
C ASN B 462 -12.50 26.57 9.33
N GLY B 463 -11.82 27.66 9.68
CA GLY B 463 -10.77 27.70 10.69
C GLY B 463 -9.45 27.08 10.25
N GLN B 464 -9.31 26.78 8.92
CA GLN B 464 -8.12 26.16 8.35
C GLN B 464 -7.56 26.92 7.15
N ILE B 465 -6.32 27.43 7.29
CA ILE B 465 -5.66 28.20 6.23
C ILE B 465 -4.65 27.36 5.46
N VAL B 466 -4.87 27.24 4.14
CA VAL B 466 -3.99 26.52 3.22
C VAL B 466 -3.04 27.56 2.60
N VAL B 467 -1.76 27.25 2.48
CA VAL B 467 -0.81 28.18 1.86
C VAL B 467 0.06 27.43 0.85
N MET B 468 -0.08 27.74 -0.44
CA MET B 468 0.72 27.12 -1.50
C MET B 468 1.69 28.14 -2.10
N GLY B 469 2.56 27.66 -2.99
CA GLY B 469 3.61 28.47 -3.60
C GLY B 469 3.25 29.11 -4.91
N SER B 470 4.25 29.75 -5.51
CA SER B 470 4.19 30.47 -6.78
C SER B 470 4.06 29.57 -7.98
N ASP B 471 3.55 30.16 -9.06
CA ASP B 471 3.37 29.52 -10.36
C ASP B 471 4.62 29.68 -11.23
N ARG B 472 5.67 30.32 -10.69
CA ARG B 472 6.89 30.65 -11.42
C ARG B 472 8.17 29.94 -10.92
N VAL B 473 8.14 29.43 -9.68
CA VAL B 473 9.26 28.76 -9.03
C VAL B 473 8.70 27.47 -8.40
N PRO B 474 9.35 26.30 -8.64
CA PRO B 474 8.84 25.05 -8.05
C PRO B 474 8.82 25.07 -6.52
N SER B 475 7.77 24.46 -5.94
CA SER B 475 7.49 24.41 -4.51
C SER B 475 7.48 22.99 -4.05
N LEU B 476 8.20 22.72 -2.94
CA LEU B 476 8.39 21.42 -2.30
C LEU B 476 7.52 21.21 -1.05
N TRP B 477 6.83 22.26 -0.59
CA TRP B 477 5.99 22.18 0.61
C TRP B 477 4.85 23.17 0.57
N TYR B 478 3.78 22.91 1.34
CA TYR B 478 2.59 23.76 1.45
C TYR B 478 2.07 23.68 2.88
N TRP B 479 1.52 24.78 3.43
CA TRP B 479 1.02 24.79 4.80
C TRP B 479 -0.47 24.52 4.90
N VAL B 480 -0.91 23.89 6.02
CA VAL B 480 -2.34 23.67 6.34
C VAL B 480 -2.58 24.07 7.83
N VAL B 481 -2.17 25.30 8.19
CA VAL B 481 -2.27 25.90 9.54
C VAL B 481 -3.71 26.13 10.03
N GLY B 482 -3.92 25.95 11.32
CA GLY B 482 -5.19 26.19 11.98
C GLY B 482 -5.27 27.60 12.55
N GLU B 483 -6.44 28.25 12.38
CA GLU B 483 -6.78 29.60 12.83
C GLU B 483 -6.42 29.84 14.31
N ASP B 484 -6.44 28.76 15.09
CA ASP B 484 -6.19 28.69 16.53
C ASP B 484 -4.69 28.62 16.87
N GLN B 485 -3.87 27.97 16.02
CA GLN B 485 -2.43 27.78 16.25
C GLN B 485 -1.62 29.08 16.24
N GLU B 486 -0.46 29.03 16.91
CA GLU B 486 0.51 30.11 17.02
C GLU B 486 1.42 30.07 15.78
N SER B 487 1.94 28.88 15.45
CA SER B 487 2.77 28.64 14.29
C SER B 487 2.19 27.47 13.48
N GLY B 488 3.06 26.70 12.83
CA GLY B 488 2.68 25.56 12.00
C GLY B 488 3.67 25.32 10.89
N LYS B 489 4.17 24.09 10.81
CA LYS B 489 5.15 23.64 9.83
C LYS B 489 4.47 23.29 8.52
N ALA B 490 5.23 23.41 7.42
CA ALA B 490 4.76 23.08 6.09
C ALA B 490 4.74 21.55 5.89
N THR B 491 3.87 21.08 4.99
CA THR B 491 3.72 19.68 4.63
C THR B 491 4.50 19.48 3.34
N TRP B 492 5.36 18.46 3.33
CA TRP B 492 6.19 18.11 2.19
C TRP B 492 5.35 17.58 1.05
N TRP B 493 5.63 18.06 -0.18
CA TRP B 493 4.99 17.56 -1.40
C TRP B 493 5.56 16.18 -1.75
N ALA B 494 6.85 15.92 -1.38
CA ALA B 494 7.53 14.62 -1.59
C ALA B 494 6.81 13.52 -0.78
N LYS B 495 5.90 13.95 0.14
CA LYS B 495 5.11 13.11 1.05
C LYS B 495 3.61 13.22 0.78
N THR B 496 3.20 14.07 -0.17
CA THR B 496 1.80 14.23 -0.53
C THR B 496 1.58 13.49 -1.83
N GLU B 497 0.98 12.29 -1.71
CA GLU B 497 0.68 11.39 -2.84
C GLU B 497 -0.66 11.76 -3.48
N LEU B 498 -0.58 12.07 -4.78
CA LEU B 498 -1.73 12.49 -5.61
C LEU B 498 -2.15 11.39 -6.58
N ASN B 499 -3.44 11.31 -6.85
CA ASN B 499 -3.95 10.36 -7.83
C ASN B 499 -3.69 10.98 -9.20
N TRP B 500 -2.92 10.29 -10.05
CA TRP B 500 -2.58 10.84 -11.38
C TRP B 500 -3.57 10.34 -12.46
N GLY B 501 -4.71 9.83 -12.01
CA GLY B 501 -5.77 9.33 -12.88
C GLY B 501 -5.79 7.81 -12.89
N THR B 502 -4.61 7.21 -13.18
CA THR B 502 -4.37 5.76 -13.22
C THR B 502 -3.00 5.44 -12.60
N ASP B 503 -2.83 4.19 -12.12
CA ASP B 503 -1.60 3.69 -11.50
C ASP B 503 -0.39 3.87 -12.43
N LYS B 504 -0.60 3.63 -13.75
CA LYS B 504 0.45 3.74 -14.76
C LYS B 504 0.95 5.15 -14.88
N GLN B 505 0.03 6.13 -14.82
CA GLN B 505 0.34 7.56 -14.88
C GLN B 505 1.13 7.97 -13.67
N LYS B 506 0.86 7.35 -12.50
CA LYS B 506 1.62 7.59 -11.26
C LYS B 506 3.00 7.02 -11.47
N GLN B 507 3.06 5.74 -11.91
CA GLN B 507 4.27 5.01 -12.15
C GLN B 507 5.22 5.79 -13.05
N PHE B 508 4.74 6.23 -14.22
CA PHE B 508 5.53 6.98 -15.18
C PHE B 508 6.36 8.10 -14.52
N VAL B 509 5.71 8.90 -13.65
CA VAL B 509 6.33 10.01 -12.92
C VAL B 509 7.33 9.48 -11.90
N GLU B 510 6.86 8.67 -10.91
CA GLU B 510 7.66 8.06 -9.83
C GLU B 510 8.93 7.37 -10.34
N ASN B 511 8.78 6.58 -11.41
CA ASN B 511 9.87 5.85 -12.01
C ASN B 511 11.01 6.77 -12.48
N GLN B 512 10.68 7.94 -13.00
CA GLN B 512 11.73 8.87 -13.43
C GLN B 512 12.33 9.68 -12.22
N LEU B 513 11.77 9.56 -11.00
CA LEU B 513 12.31 10.27 -9.83
C LEU B 513 13.73 9.84 -9.48
N GLY B 514 14.07 8.60 -9.82
CA GLY B 514 15.39 8.05 -9.58
C GLY B 514 15.49 6.53 -9.72
N PHE B 515 16.62 5.99 -9.23
CA PHE B 515 16.97 4.57 -9.29
C PHE B 515 16.75 3.83 -7.98
N LYS B 516 16.04 2.69 -8.07
CA LYS B 516 15.74 1.82 -6.95
C LYS B 516 15.83 0.34 -7.32
N ASP B 517 16.66 -0.39 -6.60
CA ASP B 517 16.78 -1.83 -6.74
C ASP B 517 17.10 -2.41 -5.36
N ASP B 518 16.70 -3.68 -5.15
CA ASP B 518 16.91 -4.37 -3.87
C ASP B 518 18.39 -4.74 -3.63
N SER B 519 19.22 -4.75 -4.71
CA SER B 519 20.66 -5.04 -4.65
C SER B 519 21.42 -3.83 -4.13
N ASN B 520 20.89 -2.62 -4.43
CA ASN B 520 21.43 -1.33 -4.02
C ASN B 520 20.91 -0.93 -2.62
N SER B 521 21.83 -0.63 -1.70
CA SER B 521 21.54 -0.17 -0.34
C SER B 521 22.51 0.94 0.09
N ASP B 522 23.03 1.65 -0.93
CA ASP B 522 23.96 2.77 -0.81
C ASP B 522 23.27 4.01 -0.24
N SER B 523 24.00 4.76 0.61
CA SER B 523 23.51 6.01 1.20
C SER B 523 23.64 7.11 0.15
N LYS B 524 24.70 7.05 -0.69
CA LYS B 524 24.97 7.99 -1.79
C LYS B 524 23.92 7.94 -2.92
N ASN B 525 23.13 6.85 -2.97
CA ASN B 525 22.02 6.67 -3.89
C ASN B 525 20.83 7.22 -3.08
N SER B 526 20.67 8.56 -3.12
CA SER B 526 19.74 9.34 -2.31
C SER B 526 18.45 9.80 -2.99
N ASN B 527 18.22 9.42 -4.25
CA ASN B 527 17.03 9.84 -5.02
C ASN B 527 15.72 9.52 -4.31
N LEU B 528 14.68 10.33 -4.60
CA LEU B 528 13.34 10.17 -4.02
C LEU B 528 12.73 8.77 -4.16
N LYS B 529 12.83 8.16 -5.36
CA LYS B 529 12.29 6.82 -5.59
C LYS B 529 12.91 5.81 -4.61
N ALA B 530 14.25 5.88 -4.44
CA ALA B 530 15.02 5.03 -3.54
C ALA B 530 14.59 5.27 -2.09
N GLN B 531 14.25 6.54 -1.73
CA GLN B 531 13.80 6.84 -0.37
C GLN B 531 12.27 6.67 -0.23
N GLY B 532 11.65 6.07 -1.26
CA GLY B 532 10.22 5.80 -1.35
C GLY B 532 9.35 7.02 -1.21
N LEU B 533 9.76 8.15 -1.83
CA LEU B 533 9.04 9.44 -1.76
C LEU B 533 8.47 9.77 -3.12
N THR B 534 7.27 10.39 -3.15
CA THR B 534 6.54 10.73 -4.37
C THR B 534 7.05 12.10 -4.94
N GLN B 535 6.37 12.61 -5.99
CA GLN B 535 6.69 13.85 -6.70
C GLN B 535 6.91 15.02 -5.73
N PRO B 536 8.12 15.63 -5.78
CA PRO B 536 8.44 16.68 -4.80
C PRO B 536 8.05 18.13 -5.14
N ALA B 537 8.09 18.53 -6.42
CA ALA B 537 7.87 19.92 -6.78
C ALA B 537 6.73 20.18 -7.75
N TYR B 538 6.07 21.35 -7.55
CA TYR B 538 4.92 21.84 -8.30
C TYR B 538 5.02 23.33 -8.61
N LEU B 539 4.48 23.75 -9.78
CA LEU B 539 4.37 25.15 -10.21
C LEU B 539 2.87 25.45 -10.07
N ILE B 540 2.49 25.85 -8.84
CA ILE B 540 1.09 26.04 -8.41
C ILE B 540 0.44 27.22 -9.06
N ALA B 541 -0.57 26.90 -9.90
CA ALA B 541 -1.39 27.81 -10.68
C ALA B 541 -2.35 28.54 -9.74
N GLY B 542 -2.92 27.80 -8.79
CA GLY B 542 -3.79 28.36 -7.78
C GLY B 542 -4.57 27.37 -6.95
N LEU B 543 -5.25 27.91 -5.93
CA LEU B 543 -6.15 27.23 -5.01
C LEU B 543 -7.32 28.11 -4.75
N ASP B 544 -8.52 27.52 -4.64
CA ASP B 544 -9.73 28.27 -4.34
C ASP B 544 -10.71 27.40 -3.60
N VAL B 545 -11.48 28.03 -2.72
CA VAL B 545 -12.50 27.36 -1.89
C VAL B 545 -13.87 27.45 -2.57
N VAL B 546 -14.58 26.32 -2.63
CA VAL B 546 -15.93 26.25 -3.21
C VAL B 546 -16.71 25.07 -2.59
N ALA B 547 -17.98 25.33 -2.20
CA ALA B 547 -18.89 24.37 -1.57
C ALA B 547 -18.21 23.49 -0.49
N ASP B 548 -17.58 24.15 0.51
CA ASP B 548 -16.86 23.57 1.65
C ASP B 548 -15.73 22.59 1.23
N HIS B 549 -15.15 22.84 0.04
CA HIS B 549 -14.06 22.03 -0.51
C HIS B 549 -13.01 22.91 -1.17
N LEU B 550 -11.75 22.47 -1.11
CA LEU B 550 -10.68 23.22 -1.74
C LEU B 550 -10.34 22.61 -3.09
N VAL B 551 -10.23 23.47 -4.12
CA VAL B 551 -9.83 23.08 -5.47
C VAL B 551 -8.46 23.69 -5.76
N PHE B 552 -7.65 22.99 -6.53
CA PHE B 552 -6.32 23.48 -6.89
C PHE B 552 -5.92 22.95 -8.27
N ALA B 553 -4.86 23.54 -8.82
CA ALA B 553 -4.23 23.23 -10.09
C ALA B 553 -2.80 23.72 -10.00
N ALA B 554 -1.88 22.94 -10.63
CA ALA B 554 -0.44 23.20 -10.71
C ALA B 554 0.14 22.37 -11.82
N PHE B 555 1.28 22.81 -12.35
CA PHE B 555 2.03 22.07 -13.34
C PHE B 555 3.09 21.30 -12.57
N LYS B 556 3.13 19.96 -12.73
CA LYS B 556 4.15 19.13 -12.09
C LYS B 556 5.51 19.59 -12.62
N ALA B 557 6.41 20.04 -11.72
CA ALA B 557 7.77 20.45 -12.10
C ALA B 557 8.57 19.20 -12.36
N GLY B 558 9.52 19.31 -13.28
CA GLY B 558 10.40 18.21 -13.65
C GLY B 558 11.33 17.85 -12.51
N ALA B 559 11.19 16.60 -12.05
CA ALA B 559 12.02 16.04 -10.99
C ALA B 559 12.62 14.69 -11.44
N VAL B 560 13.88 14.72 -11.89
CA VAL B 560 14.60 13.54 -12.41
C VAL B 560 15.74 13.10 -11.47
N GLY B 561 16.47 12.04 -11.87
CA GLY B 561 17.63 11.55 -11.16
C GLY B 561 18.91 11.95 -11.86
N TYR B 562 20.07 11.91 -11.16
CA TYR B 562 21.33 12.24 -11.83
C TYR B 562 22.53 11.42 -11.30
N ASP B 563 23.54 11.10 -12.17
CA ASP B 563 24.71 10.31 -11.74
C ASP B 563 25.72 11.09 -10.84
N MET B 564 25.96 10.58 -9.65
CA MET B 564 26.88 11.20 -8.69
C MET B 564 28.32 10.64 -8.69
N THR B 565 28.61 9.71 -9.65
CA THR B 565 29.88 9.01 -9.81
C THR B 565 31.13 9.93 -9.94
N THR B 566 32.16 9.60 -9.16
CA THR B 566 33.47 10.25 -9.12
C THR B 566 34.19 9.92 -10.46
N ASP B 567 33.99 8.66 -10.94
CA ASP B 567 34.52 8.05 -12.17
C ASP B 567 34.13 8.82 -13.45
N SER B 568 35.02 9.73 -13.91
CA SER B 568 34.86 10.57 -15.11
C SER B 568 34.87 9.77 -16.44
N SER B 569 35.19 8.47 -16.39
CA SER B 569 35.19 7.61 -17.57
C SER B 569 33.87 6.84 -17.67
N ALA B 570 32.91 7.14 -16.77
CA ALA B 570 31.62 6.47 -16.75
C ALA B 570 30.74 6.99 -17.86
N SER B 571 29.83 6.12 -18.35
CA SER B 571 28.87 6.45 -19.42
C SER B 571 27.94 7.58 -19.01
N THR B 572 27.30 7.43 -17.85
CA THR B 572 26.34 8.41 -17.38
C THR B 572 26.98 9.44 -16.41
N TYR B 573 28.34 9.57 -16.42
CA TYR B 573 29.04 10.56 -15.61
C TYR B 573 28.63 11.99 -15.99
N ASN B 574 28.52 12.87 -14.98
CA ASN B 574 28.17 14.29 -15.08
C ASN B 574 26.87 14.59 -15.86
N GLN B 575 25.90 13.65 -15.85
CA GLN B 575 24.63 13.87 -16.58
C GLN B 575 23.39 13.48 -15.78
N ALA B 576 22.27 14.12 -16.16
CA ALA B 576 20.95 13.90 -15.58
C ALA B 576 20.27 12.85 -16.41
N LEU B 577 19.50 11.97 -15.76
CA LEU B 577 18.81 10.87 -16.39
C LEU B 577 17.30 11.11 -16.56
N ALA B 578 16.89 11.43 -17.81
CA ALA B 578 15.49 11.67 -18.22
C ALA B 578 15.24 11.24 -19.68
N TRP B 579 14.01 10.72 -19.95
CA TRP B 579 13.59 10.22 -21.27
C TRP B 579 12.09 10.47 -21.56
N SER B 580 11.75 10.52 -22.87
CA SER B 580 10.42 10.70 -23.44
C SER B 580 9.47 9.60 -22.96
N THR B 581 8.18 9.95 -22.76
CA THR B 581 7.16 9.03 -22.25
C THR B 581 5.89 9.07 -23.11
N THR B 582 6.02 9.56 -24.36
CA THR B 582 4.92 9.64 -25.31
C THR B 582 4.47 8.22 -25.65
N ALA B 583 3.13 7.98 -25.62
CA ALA B 583 2.50 6.68 -25.92
C ALA B 583 2.89 6.21 -27.33
N GLY B 584 3.15 4.92 -27.49
CA GLY B 584 3.55 4.31 -28.76
C GLY B 584 2.64 4.64 -29.93
N LEU B 585 3.18 4.59 -31.15
CA LEU B 585 2.39 4.87 -32.35
C LEU B 585 1.27 3.83 -32.50
N ASP B 586 1.58 2.59 -32.08
CA ASP B 586 0.70 1.42 -32.11
C ASP B 586 -0.26 1.32 -30.91
N SER B 587 -0.39 2.38 -30.12
CA SER B 587 -1.30 2.42 -28.96
C SER B 587 -2.75 2.14 -29.35
N ASP B 588 -3.50 1.50 -28.44
CA ASP B 588 -4.93 1.25 -28.62
C ASP B 588 -5.69 2.58 -28.51
N GLY B 589 -6.82 2.69 -29.20
CA GLY B 589 -7.61 3.91 -29.26
C GLY B 589 -8.40 4.24 -28.02
N GLY B 590 -8.49 5.53 -27.72
CA GLY B 590 -9.25 6.04 -26.57
C GLY B 590 -8.35 6.57 -25.49
N TYR B 591 -8.85 7.54 -24.69
CA TYR B 591 -8.11 8.20 -23.62
C TYR B 591 -7.47 7.22 -22.62
N LYS B 592 -8.26 6.34 -21.95
CA LYS B 592 -7.69 5.40 -20.97
C LYS B 592 -6.58 4.60 -21.59
N ALA B 593 -6.88 3.99 -22.76
CA ALA B 593 -5.98 3.19 -23.57
C ALA B 593 -4.67 3.93 -23.90
N LEU B 594 -4.75 5.26 -24.12
CA LEU B 594 -3.61 6.10 -24.46
C LEU B 594 -2.71 6.46 -23.28
N VAL B 595 -3.28 6.88 -22.12
CA VAL B 595 -2.50 7.28 -20.93
C VAL B 595 -1.80 6.09 -20.22
N GLU B 596 -2.37 4.88 -20.35
CA GLU B 596 -1.86 3.66 -19.75
C GLU B 596 -0.87 2.87 -20.66
N ASN B 597 -0.41 3.49 -21.78
CA ASN B 597 0.50 2.85 -22.72
C ASN B 597 1.91 2.81 -22.17
N THR B 598 2.50 1.62 -22.19
CA THR B 598 3.81 1.23 -21.66
C THR B 598 5.04 1.96 -22.29
N ALA B 599 4.88 2.70 -23.42
CA ALA B 599 6.03 3.39 -24.04
C ALA B 599 6.79 4.36 -23.09
N GLY B 600 7.99 3.91 -22.67
CA GLY B 600 8.91 4.66 -21.84
C GLY B 600 8.59 4.69 -20.36
N LEU B 601 7.82 3.67 -19.89
CA LEU B 601 7.40 3.51 -18.50
C LEU B 601 8.59 3.34 -17.56
N ASN B 602 9.50 2.38 -17.88
CA ASN B 602 10.62 2.10 -17.01
C ASN B 602 11.99 2.58 -17.52
N GLY B 603 12.07 3.03 -18.76
CA GLY B 603 13.33 3.54 -19.30
C GLY B 603 13.19 4.10 -20.70
N PRO B 604 14.28 4.65 -21.29
CA PRO B 604 14.18 5.22 -22.65
C PRO B 604 13.66 4.26 -23.74
N ILE B 605 13.01 4.80 -24.79
CA ILE B 605 12.44 4.04 -25.92
C ILE B 605 12.22 4.92 -27.17
N ASN B 606 11.98 6.24 -26.96
CA ASN B 606 11.70 7.17 -28.04
C ASN B 606 12.94 7.86 -28.58
N GLY B 607 12.90 8.12 -29.88
CA GLY B 607 13.95 8.76 -30.67
C GLY B 607 13.51 8.88 -32.11
N LEU B 608 14.44 9.18 -33.02
CA LEU B 608 14.11 9.29 -34.45
C LEU B 608 13.97 7.90 -35.10
N PHE B 609 12.76 7.59 -35.59
CA PHE B 609 12.43 6.35 -36.30
C PHE B 609 12.03 6.75 -37.71
N THR B 610 12.74 6.23 -38.72
CA THR B 610 12.47 6.56 -40.11
C THR B 610 11.47 5.56 -40.71
N LEU B 611 10.18 5.75 -40.39
CA LEU B 611 9.08 4.92 -40.86
C LEU B 611 8.85 5.27 -42.32
N LEU B 612 9.17 4.35 -43.25
CA LEU B 612 9.10 4.56 -44.70
C LEU B 612 9.82 5.89 -45.11
N ASP B 613 9.19 6.74 -45.98
CA ASP B 613 9.71 8.03 -46.46
C ASP B 613 9.31 9.20 -45.51
N THR B 614 9.12 8.89 -44.21
CA THR B 614 8.78 9.88 -43.18
C THR B 614 9.45 9.52 -41.84
N PHE B 615 9.63 10.53 -40.99
CA PHE B 615 10.26 10.41 -39.68
C PHE B 615 9.22 10.46 -38.54
N ALA B 616 9.55 9.80 -37.42
CA ALA B 616 8.70 9.73 -36.23
C ALA B 616 9.55 9.76 -34.96
N TYR B 617 9.27 10.68 -34.02
CA TYR B 617 10.04 10.77 -32.77
C TYR B 617 9.48 9.88 -31.63
N VAL B 618 8.58 8.93 -31.94
CA VAL B 618 7.93 8.01 -30.99
C VAL B 618 8.13 6.58 -31.48
N THR B 619 8.07 5.59 -30.56
CA THR B 619 8.25 4.17 -30.86
C THR B 619 7.09 3.59 -31.73
N PRO B 620 7.40 2.77 -32.77
CA PRO B 620 6.31 2.22 -33.59
C PRO B 620 5.81 0.87 -33.05
N VAL B 621 6.46 0.37 -31.99
CA VAL B 621 6.15 -0.87 -31.31
C VAL B 621 6.14 -0.56 -29.83
N SER B 622 5.02 -0.86 -29.16
CA SER B 622 4.84 -0.63 -27.73
C SER B 622 3.79 -1.57 -27.16
N GLY B 623 3.74 -1.64 -25.83
CA GLY B 623 2.78 -2.43 -25.07
C GLY B 623 2.89 -3.92 -25.30
N MET B 624 1.76 -4.56 -25.60
CA MET B 624 1.71 -5.99 -25.83
C MET B 624 1.55 -6.34 -27.33
N LYS B 625 2.43 -5.71 -28.16
CA LYS B 625 2.46 -5.80 -29.62
C LYS B 625 3.82 -6.17 -30.22
N GLY B 626 4.82 -6.39 -29.35
CA GLY B 626 6.17 -6.81 -29.75
C GLY B 626 6.24 -8.25 -30.24
N GLY B 627 7.36 -8.60 -30.88
CA GLY B 627 7.58 -9.93 -31.41
C GLY B 627 6.92 -10.15 -32.76
N SER B 628 7.22 -11.28 -33.42
CA SER B 628 6.64 -11.55 -34.73
C SER B 628 5.10 -11.66 -34.63
N GLN B 629 4.60 -12.52 -33.72
CA GLN B 629 3.19 -12.80 -33.45
C GLN B 629 2.37 -11.59 -33.00
N ASN B 630 3.05 -10.54 -32.50
CA ASN B 630 2.50 -9.26 -32.03
C ASN B 630 1.70 -9.36 -30.71
N ASN B 631 1.98 -10.40 -29.90
CA ASN B 631 1.35 -10.64 -28.60
C ASN B 631 2.36 -10.53 -27.45
N GLU B 632 3.67 -10.41 -27.77
CA GLU B 632 4.77 -10.27 -26.79
C GLU B 632 4.78 -8.87 -26.11
N GLU B 633 5.56 -8.74 -25.02
CA GLU B 633 5.74 -7.52 -24.26
C GLU B 633 6.86 -6.67 -24.81
N VAL B 634 6.64 -5.37 -24.92
CA VAL B 634 7.70 -4.46 -25.30
C VAL B 634 8.22 -3.92 -23.97
N GLN B 635 9.46 -4.35 -23.62
CA GLN B 635 10.14 -4.06 -22.36
C GLN B 635 10.94 -2.77 -22.38
N THR B 636 11.13 -2.21 -21.17
CA THR B 636 11.87 -0.96 -20.92
C THR B 636 12.52 -1.01 -19.49
N THR B 637 13.79 -0.52 -19.33
CA THR B 637 14.56 -0.62 -18.05
C THR B 637 15.33 0.69 -17.70
N TYR B 638 15.51 1.05 -16.37
CA TYR B 638 16.21 2.27 -15.90
C TYR B 638 17.67 2.31 -16.37
N PRO B 639 18.14 3.45 -16.97
CA PRO B 639 19.53 3.52 -17.49
C PRO B 639 20.69 3.42 -16.46
N VAL B 640 20.93 2.20 -16.00
CA VAL B 640 21.98 1.78 -15.08
C VAL B 640 22.35 0.38 -15.55
N LYS B 641 23.64 0.13 -15.85
CA LYS B 641 24.11 -1.18 -16.31
C LYS B 641 23.81 -2.23 -15.24
N SER B 642 23.39 -3.43 -15.68
CA SER B 642 23.03 -4.61 -14.90
C SER B 642 24.00 -4.88 -13.76
N ASP B 643 25.31 -5.02 -14.09
CA ASP B 643 26.38 -5.32 -13.13
C ASP B 643 26.81 -4.14 -12.25
N GLN B 644 26.34 -2.93 -12.57
CA GLN B 644 26.63 -1.66 -11.89
C GLN B 644 25.48 -1.28 -10.94
N LYS B 645 24.52 -2.21 -10.71
CA LYS B 645 23.32 -1.92 -9.94
C LYS B 645 23.56 -1.68 -8.45
N ALA B 646 24.29 -2.56 -7.74
CA ALA B 646 24.53 -2.39 -6.31
C ALA B 646 25.47 -1.21 -5.96
N THR B 647 26.28 -0.76 -6.94
CA THR B 647 27.27 0.29 -6.77
C THR B 647 26.72 1.72 -7.12
N ALA B 648 25.65 1.80 -7.94
CA ALA B 648 24.98 3.03 -8.45
C ALA B 648 24.70 4.12 -7.39
N LYS B 649 25.08 5.38 -7.70
CA LYS B 649 24.92 6.55 -6.83
C LYS B 649 24.02 7.57 -7.57
N ILE B 650 22.69 7.40 -7.47
CA ILE B 650 21.78 8.31 -8.15
C ILE B 650 21.07 9.19 -7.16
N ALA B 651 21.35 10.51 -7.23
CA ALA B 651 20.76 11.52 -6.39
C ALA B 651 19.55 12.09 -7.12
N SER B 652 18.80 13.02 -6.46
CA SER B 652 17.60 13.66 -7.01
C SER B 652 17.85 15.10 -7.50
N LEU B 653 17.33 15.45 -8.70
CA LEU B 653 17.46 16.76 -9.35
C LEU B 653 16.07 17.30 -9.71
N ILE B 654 15.85 18.64 -9.57
CA ILE B 654 14.58 19.35 -9.89
C ILE B 654 14.82 20.59 -10.78
N ASN B 655 14.01 20.71 -11.88
CA ASN B 655 14.03 21.82 -12.84
C ASN B 655 12.98 22.85 -12.42
N ALA B 656 13.17 24.12 -12.85
CA ALA B 656 12.24 25.22 -12.55
C ALA B 656 11.26 25.39 -13.70
N SER B 657 10.78 24.23 -14.23
CA SER B 657 9.87 24.12 -15.38
C SER B 657 9.10 22.77 -15.34
N PRO B 658 8.03 22.51 -16.16
CA PRO B 658 7.32 21.22 -16.02
C PRO B 658 7.86 20.08 -16.93
N LEU B 659 9.07 20.26 -17.49
CA LEU B 659 9.76 19.28 -18.33
C LEU B 659 10.74 18.48 -17.48
N ASN B 660 11.02 17.21 -17.90
CA ASN B 660 12.00 16.32 -17.29
C ASN B 660 13.34 16.41 -18.02
N SER B 661 13.38 16.23 -19.35
CA SER B 661 14.64 16.33 -20.09
C SER B 661 14.82 17.60 -20.95
N TYR B 662 15.99 18.26 -20.74
CA TYR B 662 16.44 19.45 -21.47
C TYR B 662 17.38 19.07 -22.63
N GLY B 663 17.38 17.80 -23.01
CA GLY B 663 18.17 17.26 -24.11
C GLY B 663 17.84 17.94 -25.43
N ASP B 664 18.83 18.64 -25.98
CA ASP B 664 18.76 19.42 -27.22
C ASP B 664 18.49 18.51 -28.46
N ASP B 665 17.22 18.07 -28.63
CA ASP B 665 16.80 17.13 -29.66
C ASP B 665 15.43 17.51 -30.18
N GLY B 666 14.89 16.70 -31.08
CA GLY B 666 13.57 16.85 -31.67
C GLY B 666 12.49 16.24 -30.80
N VAL B 667 12.77 15.04 -30.24
CA VAL B 667 11.89 14.27 -29.35
C VAL B 667 11.40 15.10 -28.14
N THR B 668 12.27 15.95 -27.57
CA THR B 668 11.89 16.81 -26.44
C THR B 668 10.98 17.89 -26.96
N VAL B 669 11.38 18.57 -28.05
CA VAL B 669 10.60 19.64 -28.71
C VAL B 669 9.17 19.17 -29.05
N PHE B 670 9.05 17.92 -29.56
CA PHE B 670 7.81 17.25 -29.94
C PHE B 670 6.93 16.92 -28.73
N ASP B 671 7.55 16.56 -27.62
CA ASP B 671 6.86 16.26 -26.35
C ASP B 671 6.32 17.56 -25.70
N ALA B 672 7.10 18.66 -25.77
CA ALA B 672 6.73 19.93 -25.14
C ALA B 672 5.70 20.72 -25.92
N LEU B 673 5.63 20.50 -27.26
CA LEU B 673 4.75 21.24 -28.16
C LEU B 673 3.48 20.47 -28.63
N GLY B 674 3.36 19.21 -28.21
CA GLY B 674 2.26 18.30 -28.57
C GLY B 674 2.19 17.98 -30.05
N LEU B 675 3.32 17.51 -30.62
CA LEU B 675 3.42 17.28 -32.06
C LEU B 675 3.46 15.80 -32.47
N ASN B 676 3.46 14.90 -31.48
CA ASN B 676 3.45 13.47 -31.69
C ASN B 676 2.01 12.96 -31.87
N PHE B 677 1.73 12.37 -33.06
CA PHE B 677 0.42 11.85 -33.45
C PHE B 677 0.56 10.49 -34.11
N ASN B 678 -0.47 9.64 -33.96
CA ASN B 678 -0.52 8.31 -34.59
C ASN B 678 -0.87 8.47 -36.08
N PHE B 679 -0.70 7.42 -36.90
CA PHE B 679 -1.00 7.53 -38.33
C PHE B 679 -2.34 6.88 -38.68
N LYS B 680 -3.39 7.27 -37.94
CA LYS B 680 -4.73 6.78 -38.14
C LYS B 680 -5.53 7.84 -38.88
N LEU B 681 -6.65 7.44 -39.54
CA LEU B 681 -7.52 8.34 -40.30
C LEU B 681 -8.00 9.48 -39.39
N ASN B 682 -8.62 9.13 -38.25
CA ASN B 682 -9.08 10.07 -37.25
C ASN B 682 -8.00 10.25 -36.18
N GLU B 683 -6.81 10.67 -36.67
CA GLU B 683 -5.56 10.96 -35.98
C GLU B 683 -5.79 11.49 -34.55
N GLU B 684 -5.14 10.83 -33.57
CA GLU B 684 -5.19 11.16 -32.15
C GLU B 684 -3.81 11.60 -31.72
N ARG B 685 -3.74 12.60 -30.84
CA ARG B 685 -2.45 13.04 -30.35
C ARG B 685 -1.97 12.11 -29.23
N LEU B 686 -0.71 11.65 -29.32
CA LEU B 686 -0.11 10.76 -28.33
C LEU B 686 0.43 11.58 -27.20
N PRO B 687 0.00 11.28 -25.94
CA PRO B 687 0.41 12.10 -24.80
C PRO B 687 1.66 11.69 -24.01
N SER B 688 2.29 12.67 -23.33
CA SER B 688 3.42 12.43 -22.42
C SER B 688 2.85 12.14 -21.05
N ARG B 689 3.61 11.43 -20.25
CA ARG B 689 3.14 11.06 -18.93
C ARG B 689 4.15 11.57 -17.85
N THR B 690 5.08 12.48 -18.29
CA THR B 690 6.13 13.15 -17.49
C THR B 690 6.39 14.63 -17.90
N ASP B 691 6.23 14.97 -19.18
CA ASP B 691 6.52 16.33 -19.65
C ASP B 691 5.22 17.13 -19.97
N GLN B 692 5.11 18.40 -19.42
CA GLN B 692 3.99 19.36 -19.55
C GLN B 692 2.69 18.89 -18.88
N LEU B 693 2.78 18.22 -17.73
CA LEU B 693 1.62 17.67 -17.04
C LEU B 693 0.91 18.63 -16.14
N LEU B 694 -0.43 18.67 -16.22
CA LEU B 694 -1.20 19.51 -15.33
C LEU B 694 -1.88 18.68 -14.25
N VAL B 695 -1.54 18.97 -13.02
CA VAL B 695 -2.13 18.35 -11.84
C VAL B 695 -3.24 19.28 -11.35
N TYR B 696 -4.41 18.71 -11.05
CA TYR B 696 -5.58 19.44 -10.56
C TYR B 696 -6.43 18.52 -9.73
N GLY B 697 -7.30 19.05 -8.89
CA GLY B 697 -8.16 18.22 -8.04
C GLY B 697 -8.98 18.95 -7.00
N ILE B 698 -9.77 18.17 -6.21
CA ILE B 698 -10.65 18.64 -5.13
C ILE B 698 -10.33 17.94 -3.80
N VAL B 699 -9.92 18.71 -2.78
CA VAL B 699 -9.58 18.16 -1.47
C VAL B 699 -10.62 18.58 -0.43
N ASN B 700 -10.79 17.75 0.62
CA ASN B 700 -11.74 18.02 1.72
C ASN B 700 -10.99 18.31 3.03
N GLU B 701 -11.72 18.80 4.04
CA GLU B 701 -11.21 19.12 5.38
C GLU B 701 -10.45 17.95 6.00
N SER B 702 -10.95 16.71 5.79
CA SER B 702 -10.36 15.48 6.30
C SER B 702 -8.99 15.23 5.69
N GLU B 703 -8.83 15.51 4.37
CA GLU B 703 -7.57 15.36 3.63
C GLU B 703 -6.56 16.41 4.11
N LEU B 704 -7.06 17.63 4.38
CA LEU B 704 -6.32 18.81 4.88
C LEU B 704 -5.81 18.60 6.30
N LYS B 705 -6.65 17.99 7.18
CA LYS B 705 -6.34 17.64 8.57
C LYS B 705 -5.18 16.64 8.55
N SER B 706 -5.29 15.62 7.69
CA SER B 706 -4.32 14.58 7.46
C SER B 706 -2.99 15.16 6.97
N ALA B 707 -3.05 16.25 6.16
CA ALA B 707 -1.85 16.92 5.67
C ALA B 707 -1.24 17.77 6.79
N ARG B 708 -2.08 18.36 7.66
CA ARG B 708 -1.65 19.16 8.81
C ARG B 708 -0.91 18.25 9.79
N GLU B 709 -1.54 17.15 10.24
CA GLU B 709 -1.00 16.15 11.18
C GLU B 709 0.36 15.60 10.78
N ASN B 710 0.53 15.31 9.48
CA ASN B 710 1.75 14.83 8.82
C ASN B 710 2.93 15.78 9.03
N ALA B 711 2.71 17.11 8.91
CA ALA B 711 3.74 18.12 9.06
C ALA B 711 4.21 18.25 10.50
N GLN B 712 3.26 18.24 11.47
CA GLN B 712 3.54 18.37 12.91
C GLN B 712 4.26 17.16 13.49
N SER B 713 4.23 16.00 12.79
CA SER B 713 4.93 14.78 13.17
C SER B 713 6.44 15.05 13.23
N THR B 714 7.12 14.58 14.30
CA THR B 714 8.56 14.76 14.50
C THR B 714 9.28 13.52 14.01
N SER B 715 9.14 13.23 12.68
CA SER B 715 9.71 12.07 11.95
C SER B 715 9.34 10.73 12.61
N ASP B 716 10.09 10.32 13.68
CA ASP B 716 9.91 9.10 14.49
C ASP B 716 9.65 7.83 13.64
N ASP B 717 8.70 6.98 14.09
CA ASP B 717 8.27 5.73 13.45
C ASP B 717 7.35 5.99 12.25
N ASN B 718 6.70 7.17 12.22
CA ASN B 718 5.80 7.63 11.15
C ASN B 718 6.52 8.51 10.11
N SER B 719 7.85 8.41 10.03
CA SER B 719 8.71 9.16 9.11
C SER B 719 8.51 8.82 7.63
N ASN B 720 7.91 7.65 7.35
CA ASN B 720 7.68 7.17 6.00
C ASN B 720 6.18 6.91 5.77
N THR B 721 5.36 7.85 6.26
CA THR B 721 3.90 7.86 6.17
C THR B 721 3.51 9.04 5.25
N LYS B 722 2.78 8.75 4.15
CA LYS B 722 2.39 9.73 3.15
C LYS B 722 0.92 10.16 3.21
N VAL B 723 0.65 11.40 2.77
CA VAL B 723 -0.65 12.06 2.65
C VAL B 723 -1.29 11.62 1.34
N LYS B 724 -2.47 10.97 1.40
CA LYS B 724 -3.14 10.52 0.19
C LYS B 724 -4.36 11.38 -0.21
N TRP B 725 -4.18 12.19 -1.28
CA TRP B 725 -5.21 13.02 -1.91
C TRP B 725 -5.73 12.23 -3.11
N THR B 726 -6.93 11.65 -2.95
CA THR B 726 -7.52 10.75 -3.93
C THR B 726 -8.22 11.46 -5.08
N ASN B 727 -8.94 12.58 -4.81
CA ASN B 727 -9.70 13.24 -5.88
C ASN B 727 -8.94 14.31 -6.64
N THR B 728 -7.83 13.90 -7.24
CA THR B 728 -6.97 14.71 -8.11
C THR B 728 -6.80 13.94 -9.42
N ALA B 729 -6.28 14.62 -10.46
CA ALA B 729 -5.99 14.02 -11.76
C ALA B 729 -4.85 14.75 -12.47
N SER B 730 -4.27 14.07 -13.49
CA SER B 730 -3.20 14.60 -14.34
C SER B 730 -3.67 14.67 -15.80
N HIS B 731 -3.13 15.66 -16.54
CA HIS B 731 -3.48 15.87 -17.92
C HIS B 731 -2.34 16.50 -18.67
N TYR B 732 -2.03 15.96 -19.84
CA TYR B 732 -0.94 16.41 -20.69
C TYR B 732 -1.29 17.74 -21.31
N LEU B 733 -0.63 18.81 -20.88
CA LEU B 733 -0.91 20.13 -21.42
C LEU B 733 0.32 20.83 -22.10
N PRO B 734 0.65 20.44 -23.36
CA PRO B 734 1.78 21.09 -24.07
C PRO B 734 1.53 22.52 -24.51
N VAL B 735 2.60 23.28 -24.81
CA VAL B 735 2.47 24.66 -25.32
C VAL B 735 2.04 24.63 -26.77
N PRO B 736 1.36 25.65 -27.32
CA PRO B 736 0.99 25.57 -28.73
C PRO B 736 2.21 25.50 -29.61
N TYR B 737 2.18 24.59 -30.58
CA TYR B 737 3.28 24.45 -31.53
C TYR B 737 3.43 25.74 -32.31
N TYR B 738 2.31 26.39 -32.67
CA TYR B 738 2.32 27.65 -33.42
C TYR B 738 2.94 28.85 -32.62
N TYR B 739 3.27 28.68 -31.32
CA TYR B 739 3.97 29.68 -30.50
C TYR B 739 5.43 29.81 -30.94
N SER B 740 5.96 28.77 -31.62
CA SER B 740 7.29 28.72 -32.21
C SER B 740 7.14 29.06 -33.68
N ALA B 741 8.16 29.74 -34.24
CA ALA B 741 8.18 30.18 -35.63
C ALA B 741 8.35 29.04 -36.66
N ASN B 742 8.85 27.87 -36.23
CA ASN B 742 9.05 26.68 -37.07
C ASN B 742 7.74 26.12 -37.66
N PHE B 743 6.74 25.90 -36.79
CA PHE B 743 5.45 25.30 -37.12
C PHE B 743 4.28 26.27 -36.87
N PRO B 744 4.01 27.27 -37.75
CA PRO B 744 2.89 28.19 -37.49
C PRO B 744 1.58 27.79 -38.18
N GLU B 745 0.57 27.38 -37.38
CA GLU B 745 -0.75 27.01 -37.90
C GLU B 745 -1.83 27.92 -37.26
N ALA B 746 -1.79 29.24 -37.61
CA ALA B 746 -2.67 30.34 -37.18
C ALA B 746 -3.01 30.34 -35.69
N ARG B 755 16.09 23.19 -40.27
CA ARG B 755 15.86 22.60 -41.58
C ARG B 755 15.98 21.07 -41.55
N ASN B 756 17.17 20.52 -41.19
CA ASN B 756 17.40 19.07 -41.09
C ASN B 756 17.15 18.62 -39.64
N GLY B 757 15.89 18.79 -39.22
CA GLY B 757 15.40 18.47 -37.90
C GLY B 757 15.44 19.67 -37.01
N VAL B 758 14.50 19.77 -36.07
CA VAL B 758 14.40 20.88 -35.11
C VAL B 758 14.72 20.39 -33.69
N LYS B 759 15.75 21.00 -33.07
CA LYS B 759 16.17 20.76 -31.69
C LYS B 759 15.82 21.99 -30.83
N ILE B 760 15.97 21.90 -29.49
CA ILE B 760 15.66 23.00 -28.56
C ILE B 760 16.40 24.31 -28.98
N SER B 761 17.70 24.21 -29.29
CA SER B 761 18.56 25.33 -29.68
C SER B 761 18.23 25.96 -31.07
N THR B 762 17.57 25.22 -32.00
CA THR B 762 17.21 25.75 -33.33
C THR B 762 15.75 26.26 -33.38
N LEU B 763 15.00 26.00 -32.30
CA LEU B 763 13.59 26.38 -32.11
C LEU B 763 13.43 27.91 -31.88
N GLU B 764 13.12 28.66 -32.97
CA GLU B 764 12.87 30.11 -32.96
C GLU B 764 11.48 30.35 -32.39
N SER B 765 11.36 31.30 -31.45
CA SER B 765 10.11 31.65 -30.79
C SER B 765 9.36 32.79 -31.46
N GLN B 766 8.03 32.70 -31.50
CA GLN B 766 7.17 33.77 -32.00
C GLN B 766 6.09 34.11 -30.91
N ALA B 767 6.36 33.67 -29.65
CA ALA B 767 5.54 33.88 -28.45
C ALA B 767 5.48 35.37 -28.09
N THR B 768 4.29 35.88 -27.84
CA THR B 768 4.09 37.27 -27.50
C THR B 768 3.60 37.40 -26.07
N ASP B 769 3.18 36.26 -25.49
CA ASP B 769 2.55 36.09 -24.16
C ASP B 769 3.44 36.43 -22.93
N GLY B 770 4.51 37.18 -23.16
CA GLY B 770 5.40 37.64 -22.10
C GLY B 770 6.50 36.71 -21.65
N PHE B 771 7.02 35.88 -22.59
CA PHE B 771 8.14 34.96 -22.37
C PHE B 771 9.01 34.97 -23.61
N ALA B 772 10.34 34.88 -23.41
CA ALA B 772 11.32 34.82 -24.50
C ALA B 772 11.38 33.40 -25.12
N ASN B 773 10.73 32.42 -24.46
CA ASN B 773 10.69 31.06 -24.96
C ASN B 773 9.28 30.66 -25.45
N SER B 774 9.21 29.54 -26.20
CA SER B 774 7.99 28.89 -26.73
C SER B 774 8.10 27.34 -26.50
N LEU B 775 8.69 26.95 -25.36
CA LEU B 775 8.98 25.56 -25.02
C LEU B 775 8.33 25.14 -23.70
N LEU B 776 8.28 26.05 -22.72
CA LEU B 776 7.78 25.77 -21.39
C LEU B 776 6.35 26.24 -21.14
N ASN B 777 5.55 25.43 -20.41
CA ASN B 777 4.19 25.85 -20.10
C ASN B 777 4.09 26.44 -18.71
N PHE B 778 3.22 27.44 -18.55
CA PHE B 778 2.97 28.13 -17.30
C PHE B 778 1.47 28.24 -17.08
N GLY B 779 1.02 28.05 -15.84
CA GLY B 779 -0.38 28.10 -15.44
C GLY B 779 -0.60 29.12 -14.34
N THR B 780 -1.60 30.01 -14.49
CA THR B 780 -1.91 31.07 -13.54
C THR B 780 -3.40 31.35 -13.39
N GLY B 781 -3.76 31.85 -12.21
CA GLY B 781 -5.06 32.35 -11.85
C GLY B 781 -6.21 31.38 -11.72
N LEU B 782 -6.02 30.30 -10.98
CA LEU B 782 -7.12 29.36 -10.77
C LEU B 782 -8.21 30.00 -9.91
N LYS B 783 -9.45 30.02 -10.44
CA LYS B 783 -10.60 30.57 -9.76
C LYS B 783 -11.78 29.69 -9.97
N ALA B 784 -12.42 29.29 -8.87
CA ALA B 784 -13.63 28.48 -8.85
C ALA B 784 -14.79 29.43 -9.08
N GLY B 785 -16.00 28.89 -9.20
CA GLY B 785 -17.18 29.71 -9.39
C GLY B 785 -18.45 28.92 -9.60
N VAL B 786 -19.50 29.28 -8.84
CA VAL B 786 -20.78 28.57 -8.92
C VAL B 786 -21.63 29.12 -10.05
N ASP B 787 -22.05 28.22 -10.97
CA ASP B 787 -22.89 28.51 -12.13
C ASP B 787 -24.22 29.10 -11.67
N PRO B 788 -24.55 30.36 -12.02
CA PRO B 788 -25.82 30.94 -11.56
C PRO B 788 -27.04 30.46 -12.36
N ALA B 789 -26.81 29.57 -13.35
CA ALA B 789 -27.82 28.99 -14.23
C ALA B 789 -28.91 28.25 -13.45
N PRO B 790 -30.16 28.11 -14.00
CA PRO B 790 -31.22 27.40 -13.26
C PRO B 790 -30.82 25.97 -12.85
N VAL B 791 -31.08 25.60 -11.58
CA VAL B 791 -30.76 24.30 -11.00
C VAL B 791 -31.70 23.19 -11.45
N ALA B 792 -31.15 21.96 -11.67
CA ALA B 792 -31.91 20.77 -12.03
C ALA B 792 -32.67 20.36 -10.76
N ARG B 793 -34.02 20.35 -10.85
CA ARG B 793 -34.94 20.08 -9.75
C ARG B 793 -34.50 18.91 -8.83
N GLY B 794 -33.94 19.29 -7.67
CA GLY B 794 -33.46 18.37 -6.64
C GLY B 794 -31.96 18.27 -6.48
N HIS B 795 -31.19 18.69 -7.51
CA HIS B 795 -29.72 18.62 -7.54
C HIS B 795 -29.04 19.89 -7.01
N LYS B 796 -27.78 19.73 -6.55
CA LYS B 796 -26.90 20.80 -6.04
C LYS B 796 -26.42 21.69 -7.21
N PRO B 797 -26.21 23.02 -6.99
CA PRO B 797 -25.76 23.88 -8.11
C PRO B 797 -24.37 23.54 -8.65
N ASN B 798 -24.21 23.60 -9.98
CA ASN B 798 -22.94 23.28 -10.64
C ASN B 798 -21.86 24.32 -10.39
N TYR B 799 -20.63 23.86 -10.27
CA TYR B 799 -19.46 24.70 -10.10
C TYR B 799 -18.28 24.13 -10.87
N SER B 800 -17.41 25.04 -11.34
CA SER B 800 -16.20 24.76 -12.10
C SER B 800 -15.11 25.70 -11.68
N ALA B 801 -13.87 25.36 -12.06
CA ALA B 801 -12.68 26.20 -11.85
C ALA B 801 -12.08 26.50 -13.21
N VAL B 802 -11.60 27.72 -13.41
CA VAL B 802 -10.95 28.10 -14.67
C VAL B 802 -9.54 28.62 -14.40
N LEU B 803 -8.66 28.42 -15.37
CA LEU B 803 -7.30 28.94 -15.26
C LEU B 803 -6.72 29.25 -16.62
N LEU B 804 -5.75 30.16 -16.62
CA LEU B 804 -5.08 30.57 -17.84
C LEU B 804 -3.72 29.92 -17.92
N VAL B 805 -3.49 29.16 -19.01
CA VAL B 805 -2.23 28.51 -19.35
C VAL B 805 -1.76 29.16 -20.66
N ARG B 806 -0.49 28.92 -21.06
CA ARG B 806 0.05 29.48 -22.28
C ARG B 806 -0.72 28.95 -23.51
N GLY B 807 -1.48 29.84 -24.15
CA GLY B 807 -2.22 29.51 -25.36
C GLY B 807 -3.71 29.30 -25.28
N GLY B 808 -4.25 29.24 -24.07
CA GLY B 808 -5.69 29.03 -23.94
C GLY B 808 -6.20 28.85 -22.54
N VAL B 809 -7.52 28.88 -22.37
CA VAL B 809 -8.14 28.71 -21.07
C VAL B 809 -8.52 27.26 -20.78
N VAL B 810 -8.19 26.79 -19.57
CA VAL B 810 -8.61 25.45 -19.18
C VAL B 810 -9.73 25.57 -18.14
N ARG B 811 -10.68 24.62 -18.20
CA ARG B 811 -11.82 24.55 -17.29
C ARG B 811 -11.88 23.16 -16.69
N LEU B 812 -11.96 23.13 -15.35
CA LEU B 812 -12.01 21.94 -14.51
C LEU B 812 -13.42 21.84 -13.96
N ASN B 813 -14.13 20.77 -14.31
CA ASN B 813 -15.54 20.55 -13.94
C ASN B 813 -15.68 19.53 -12.83
N PHE B 814 -16.62 19.78 -11.89
CA PHE B 814 -16.85 18.92 -10.72
C PHE B 814 -18.31 18.55 -10.56
N ASN B 815 -18.53 17.32 -10.09
CA ASN B 815 -19.87 16.80 -9.78
C ASN B 815 -20.24 17.40 -8.44
N PRO B 816 -21.28 18.26 -8.38
CA PRO B 816 -21.59 18.94 -7.11
C PRO B 816 -22.08 17.99 -6.03
N ASP B 817 -22.82 16.96 -6.45
CA ASP B 817 -23.44 15.93 -5.60
C ASP B 817 -22.38 15.12 -4.87
N THR B 818 -21.44 14.52 -5.62
CA THR B 818 -20.35 13.71 -5.01
C THR B 818 -19.23 14.57 -4.41
N ASP B 819 -19.14 15.86 -4.79
CA ASP B 819 -18.06 16.79 -4.40
C ASP B 819 -16.71 16.21 -4.87
N LYS B 820 -16.73 15.67 -6.10
CA LYS B 820 -15.61 15.02 -6.76
C LYS B 820 -15.50 15.52 -8.20
N LEU B 821 -14.40 15.15 -8.88
CA LEU B 821 -14.12 15.46 -10.27
C LEU B 821 -15.20 14.79 -11.09
N LEU B 822 -15.87 15.57 -11.96
CA LEU B 822 -16.96 15.11 -12.82
C LEU B 822 -16.44 14.04 -13.81
N ASP B 823 -16.84 12.78 -13.60
CA ASP B 823 -16.42 11.67 -14.45
C ASP B 823 -17.56 11.18 -15.34
N SER B 824 -17.23 10.41 -16.42
CA SER B 824 -18.19 9.94 -17.43
C SER B 824 -18.58 8.44 -17.37
N THR B 825 -17.83 7.62 -16.57
CA THR B 825 -17.98 6.15 -16.39
C THR B 825 -17.53 5.40 -17.68
N ASP B 826 -16.81 6.13 -18.57
CA ASP B 826 -16.26 5.61 -19.82
C ASP B 826 -14.75 5.80 -19.86
N LYS B 827 -14.03 4.78 -20.35
CA LYS B 827 -12.57 4.75 -20.47
C LYS B 827 -12.06 5.38 -21.79
N ASN B 828 -12.74 5.08 -22.93
CA ASN B 828 -12.39 5.59 -24.26
C ASN B 828 -12.53 7.11 -24.39
N SER B 829 -13.67 7.66 -23.94
CA SER B 829 -13.99 9.09 -24.00
C SER B 829 -12.99 9.94 -23.21
N GLU B 830 -12.71 11.15 -23.71
CA GLU B 830 -11.78 12.06 -23.05
C GLU B 830 -12.40 12.56 -21.75
N PRO B 831 -11.60 12.78 -20.68
CA PRO B 831 -12.17 13.19 -19.38
C PRO B 831 -13.01 14.45 -19.43
N ILE B 832 -14.23 14.35 -18.86
CA ILE B 832 -15.18 15.45 -18.83
C ILE B 832 -14.87 16.45 -17.66
N SER B 833 -13.89 16.11 -16.79
CA SER B 833 -13.46 17.01 -15.72
C SER B 833 -12.40 18.01 -16.20
N PHE B 834 -11.89 17.84 -17.46
CA PHE B 834 -10.90 18.75 -18.05
C PHE B 834 -11.31 19.20 -19.44
N SER B 835 -11.13 20.51 -19.71
CA SER B 835 -11.37 21.14 -21.01
C SER B 835 -10.31 22.20 -21.29
N TYR B 836 -9.82 22.25 -22.53
CA TYR B 836 -8.87 23.28 -22.94
C TYR B 836 -9.38 23.92 -24.23
N THR B 837 -9.46 25.25 -24.26
CA THR B 837 -9.89 26.00 -25.44
C THR B 837 -8.79 26.99 -25.79
N PRO B 838 -8.18 26.89 -27.00
CA PRO B 838 -7.12 27.84 -27.36
C PRO B 838 -7.73 29.20 -27.55
N PHE B 839 -7.07 30.23 -27.07
CA PHE B 839 -7.63 31.55 -27.23
C PHE B 839 -7.05 32.24 -28.45
N GLY B 840 -7.73 33.29 -28.91
CA GLY B 840 -7.35 34.06 -30.10
C GLY B 840 -6.03 34.82 -30.03
N SER B 841 -5.69 35.44 -31.17
CA SER B 841 -4.49 36.22 -31.44
C SER B 841 -4.20 37.27 -30.37
N ALA B 842 -5.22 38.14 -30.10
CA ALA B 842 -5.18 39.23 -29.13
C ALA B 842 -4.91 38.74 -27.72
N GLU B 843 -5.62 37.68 -27.28
CA GLU B 843 -5.41 37.18 -25.92
C GLU B 843 -4.07 36.47 -25.80
N SER B 844 -3.52 35.96 -26.91
CA SER B 844 -2.17 35.39 -26.92
C SER B 844 -1.11 36.51 -26.84
N ALA B 845 -1.53 37.81 -27.02
CA ALA B 845 -0.68 39.01 -26.95
C ALA B 845 -0.58 39.58 -25.54
N VAL B 846 -1.30 38.96 -24.59
CA VAL B 846 -1.37 39.38 -23.19
C VAL B 846 -0.25 38.71 -22.39
N ASP B 847 0.53 39.50 -21.62
CA ASP B 847 1.63 39.00 -20.78
C ASP B 847 1.01 38.33 -19.57
N LEU B 848 1.16 36.99 -19.45
CA LEU B 848 0.56 36.21 -18.36
C LEU B 848 1.25 36.36 -17.00
N THR B 849 2.49 36.88 -16.97
CA THR B 849 3.23 37.04 -15.70
C THR B 849 2.77 38.26 -14.91
N THR B 850 1.96 39.11 -15.55
CA THR B 850 1.47 40.35 -14.96
C THR B 850 0.03 40.23 -14.43
N LEU B 851 -0.43 39.02 -14.03
CA LEU B 851 -1.79 38.88 -13.49
C LEU B 851 -1.84 39.40 -12.08
N LYS B 852 -2.60 40.51 -11.91
CA LYS B 852 -2.79 41.17 -10.63
C LYS B 852 -3.97 40.58 -9.87
N ASP B 853 -5.12 40.40 -10.56
CA ASP B 853 -6.31 39.87 -9.90
C ASP B 853 -7.19 38.98 -10.78
N VAL B 854 -7.89 38.05 -10.13
CA VAL B 854 -8.89 37.17 -10.71
C VAL B 854 -10.15 37.47 -9.90
N THR B 855 -11.31 37.53 -10.55
CA THR B 855 -12.56 37.87 -9.90
C THR B 855 -13.70 37.15 -10.61
N TYR B 856 -14.58 36.53 -9.85
CA TYR B 856 -15.74 35.84 -10.38
C TYR B 856 -16.98 36.58 -9.92
N ILE B 857 -17.85 36.94 -10.87
CA ILE B 857 -19.12 37.62 -10.63
C ILE B 857 -20.23 36.59 -10.50
N ALA B 858 -20.61 36.28 -9.24
CA ALA B 858 -21.64 35.30 -8.89
C ALA B 858 -22.92 35.37 -9.72
N GLU B 859 -23.36 36.59 -10.07
CA GLU B 859 -24.57 36.86 -10.82
C GLU B 859 -24.43 36.67 -12.33
N SER B 860 -23.29 37.11 -12.94
CA SER B 860 -23.16 36.97 -14.40
C SER B 860 -22.43 35.69 -14.83
N GLY B 861 -21.97 34.90 -13.85
CA GLY B 861 -21.25 33.65 -14.09
C GLY B 861 -19.98 33.83 -14.88
N LEU B 862 -19.32 35.00 -14.71
CA LEU B 862 -18.11 35.41 -15.43
C LEU B 862 -16.88 35.57 -14.58
N TRP B 863 -15.74 35.33 -15.21
CA TRP B 863 -14.44 35.47 -14.59
C TRP B 863 -13.75 36.66 -15.23
N PHE B 864 -13.20 37.53 -14.40
CA PHE B 864 -12.49 38.69 -14.87
C PHE B 864 -11.01 38.68 -14.44
N TYR B 865 -10.12 38.42 -15.42
CA TYR B 865 -8.70 38.39 -15.17
C TYR B 865 -8.12 39.75 -15.48
N THR B 866 -7.61 40.44 -14.47
CA THR B 866 -6.99 41.75 -14.64
C THR B 866 -5.47 41.60 -14.67
N PHE B 867 -4.86 42.09 -15.76
CA PHE B 867 -3.41 42.09 -15.93
C PHE B 867 -2.89 43.52 -15.79
N ASP B 868 -1.80 43.70 -15.04
CA ASP B 868 -1.19 45.00 -14.78
C ASP B 868 0.26 45.01 -15.30
N ASN B 869 0.54 45.87 -16.32
CA ASN B 869 1.86 45.99 -16.96
C ASN B 869 3.00 46.29 -15.98
N GLY B 870 2.70 47.00 -14.90
CA GLY B 870 3.66 47.36 -13.85
C GLY B 870 4.34 46.19 -13.16
N GLU B 871 3.74 44.99 -13.29
CA GLU B 871 4.28 43.78 -12.70
C GLU B 871 5.45 43.20 -13.54
N LYS B 872 5.68 43.77 -14.76
CA LYS B 872 6.79 43.43 -15.65
C LYS B 872 8.09 43.89 -15.00
N PRO B 873 9.24 43.22 -15.25
CA PRO B 873 10.50 43.68 -14.65
C PRO B 873 10.94 45.05 -15.17
N THR B 874 11.96 45.62 -14.53
CA THR B 874 12.46 46.95 -14.86
C THR B 874 13.38 46.94 -16.10
N TYR B 875 14.22 45.90 -16.25
CA TYR B 875 15.18 45.74 -17.35
C TYR B 875 15.24 44.29 -17.84
N ASP B 876 15.49 44.10 -19.14
CA ASP B 876 15.61 42.74 -19.71
C ASP B 876 17.00 42.16 -19.43
N GLY B 877 17.28 40.98 -19.99
CA GLY B 877 18.55 40.28 -19.85
C GLY B 877 19.72 41.01 -20.49
N LYS B 878 19.43 41.80 -21.54
CA LYS B 878 20.43 42.63 -22.25
C LYS B 878 20.50 44.03 -21.60
N GLN B 879 19.91 44.16 -20.39
CA GLN B 879 19.87 45.30 -19.48
C GLN B 879 19.41 46.60 -20.12
N GLN B 880 18.26 46.55 -20.79
CA GLN B 880 17.61 47.69 -21.40
C GLN B 880 16.24 47.82 -20.75
N GLN B 881 15.82 49.07 -20.46
CA GLN B 881 14.53 49.38 -19.84
C GLN B 881 13.35 48.73 -20.58
N VAL B 882 12.44 48.13 -19.82
CA VAL B 882 11.29 47.42 -20.38
C VAL B 882 10.22 48.40 -20.90
N LYS B 883 9.79 48.17 -22.15
CA LYS B 883 8.75 48.92 -22.87
C LYS B 883 7.37 48.47 -22.38
N ASN B 884 6.33 49.31 -22.59
CA ASN B 884 4.95 49.04 -22.19
C ASN B 884 4.81 48.65 -20.70
N ARG B 885 5.45 49.42 -19.81
CA ARG B 885 5.36 49.16 -18.37
C ARG B 885 4.17 49.89 -17.75
N LYS B 886 3.63 50.83 -18.52
CA LYS B 886 2.42 51.56 -18.18
C LYS B 886 1.27 50.91 -18.96
N GLY B 887 0.16 50.69 -18.27
CA GLY B 887 -1.02 50.10 -18.87
C GLY B 887 -1.58 48.90 -18.14
N TYR B 888 -2.66 48.36 -18.70
CA TYR B 888 -3.39 47.21 -18.17
C TYR B 888 -4.21 46.56 -19.30
N ALA B 889 -4.65 45.31 -19.08
CA ALA B 889 -5.49 44.55 -20.00
C ALA B 889 -6.37 43.63 -19.20
N VAL B 890 -7.65 43.49 -19.60
CA VAL B 890 -8.62 42.61 -18.94
C VAL B 890 -9.13 41.48 -19.88
N ILE B 891 -9.14 40.23 -19.36
CA ILE B 891 -9.66 39.06 -20.06
C ILE B 891 -10.93 38.60 -19.33
N THR B 892 -11.93 38.18 -20.11
CA THR B 892 -13.17 37.61 -19.62
C THR B 892 -13.18 36.16 -20.04
N VAL B 893 -13.45 35.28 -19.09
CA VAL B 893 -13.62 33.85 -19.31
C VAL B 893 -15.11 33.63 -19.07
N SER B 894 -15.73 32.81 -19.92
CA SER B 894 -17.17 32.55 -19.82
C SER B 894 -17.43 31.10 -20.10
N ARG B 895 -18.46 30.53 -19.45
CA ARG B 895 -18.88 29.15 -19.69
C ARG B 895 -19.40 28.96 -21.12
N THR B 896 -19.17 27.77 -21.69
CA THR B 896 -19.65 27.37 -23.02
C THR B 896 -20.05 25.90 -22.98
N GLY B 897 -20.85 25.49 -23.96
CA GLY B 897 -21.31 24.10 -24.09
C GLY B 897 -22.44 23.68 -23.16
N ILE B 898 -22.86 22.40 -23.30
CA ILE B 898 -23.91 21.74 -22.52
C ILE B 898 -23.46 21.58 -21.08
N GLU B 899 -24.29 22.03 -20.13
CA GLU B 899 -23.97 21.99 -18.71
C GLU B 899 -24.62 20.82 -17.99
N PHE B 900 -23.90 20.18 -17.03
CA PHE B 900 -24.34 19.02 -16.24
C PHE B 900 -25.71 19.22 -15.60
N ASN B 901 -26.70 18.48 -16.12
CA ASN B 901 -28.12 18.52 -15.75
C ASN B 901 -28.75 19.85 -16.17
N GLU B 902 -28.59 20.23 -17.46
CA GLU B 902 -29.14 21.45 -18.07
C GLU B 902 -30.67 21.30 -18.13
N ASP B 903 -31.14 20.14 -18.65
CA ASP B 903 -32.54 19.73 -18.74
C ASP B 903 -32.75 18.48 -17.85
N ALA B 904 -33.77 17.66 -18.15
CA ALA B 904 -34.07 16.44 -17.40
C ALA B 904 -33.19 15.25 -17.85
N ASN B 905 -33.17 14.98 -19.17
CA ASN B 905 -32.48 13.86 -19.82
C ASN B 905 -30.96 14.08 -20.03
N THR B 906 -30.39 15.18 -19.48
CA THR B 906 -28.96 15.50 -19.56
C THR B 906 -28.17 14.78 -18.43
N THR B 907 -28.19 13.43 -18.47
CA THR B 907 -27.57 12.50 -17.51
C THR B 907 -26.04 12.64 -17.50
N THR B 908 -25.37 11.88 -18.40
CA THR B 908 -23.91 11.88 -18.59
C THR B 908 -23.60 12.55 -19.93
N LEU B 909 -22.67 13.51 -19.92
CA LEU B 909 -22.30 14.31 -21.09
C LEU B 909 -21.18 13.67 -21.91
N SER B 910 -21.35 13.64 -23.25
CA SER B 910 -20.37 13.07 -24.19
C SER B 910 -19.11 13.95 -24.28
N GLN B 911 -19.31 15.29 -24.25
CA GLN B 911 -18.26 16.32 -24.27
C GLN B 911 -18.08 16.93 -22.85
N ALA B 912 -17.06 17.79 -22.66
CA ALA B 912 -16.79 18.44 -21.38
C ALA B 912 -17.19 19.91 -21.44
N PRO B 913 -17.85 20.50 -20.39
CA PRO B 913 -18.20 21.93 -20.43
C PRO B 913 -16.94 22.81 -20.48
N ALA B 914 -16.81 23.58 -21.55
CA ALA B 914 -15.66 24.44 -21.78
C ALA B 914 -15.86 25.90 -21.37
N ALA B 915 -14.81 26.70 -21.54
CA ALA B 915 -14.78 28.11 -21.22
C ALA B 915 -14.24 28.92 -22.44
N LEU B 916 -14.44 30.25 -22.47
CA LEU B 916 -13.94 31.09 -23.55
C LEU B 916 -13.25 32.35 -23.04
N ALA B 917 -11.94 32.49 -23.35
CA ALA B 917 -11.12 33.64 -22.95
C ALA B 917 -11.09 34.71 -24.03
N VAL B 918 -11.45 35.94 -23.69
CA VAL B 918 -11.44 37.05 -24.64
C VAL B 918 -11.00 38.34 -23.99
N GLN B 919 -10.24 39.17 -24.74
CA GLN B 919 -9.79 40.50 -24.32
C GLN B 919 -11.01 41.35 -24.67
N ASN B 920 -11.91 41.53 -23.70
CA ASN B 920 -13.20 42.22 -23.80
C ASN B 920 -13.15 43.71 -24.13
N GLY B 921 -11.96 44.32 -24.14
CA GLY B 921 -11.84 45.74 -24.47
C GLY B 921 -11.38 46.68 -23.37
N ILE B 922 -11.28 46.20 -22.12
CA ILE B 922 -10.74 47.01 -21.04
C ILE B 922 -9.22 46.84 -21.13
N ALA B 923 -8.57 47.77 -21.80
CA ALA B 923 -7.12 47.76 -22.02
C ALA B 923 -6.60 49.17 -22.27
N SER B 924 -5.36 49.40 -21.85
CA SER B 924 -4.65 50.67 -22.03
C SER B 924 -3.16 50.40 -21.90
N SER B 925 -2.36 51.30 -22.48
CA SER B 925 -0.90 51.22 -22.46
C SER B 925 -0.44 52.61 -22.09
N GLN B 926 -1.17 53.26 -21.16
CA GLN B 926 -0.88 54.64 -20.78
C GLN B 926 -0.72 54.90 -19.29
N ASP B 927 -1.70 54.52 -18.46
CA ASP B 927 -1.65 54.86 -17.04
C ASP B 927 -1.40 53.69 -16.10
N ASP B 928 -1.11 53.99 -14.81
CA ASP B 928 -0.87 52.97 -13.78
C ASP B 928 -2.19 52.60 -13.12
N LEU B 929 -2.58 51.33 -13.27
CA LEU B 929 -3.81 50.79 -12.72
C LEU B 929 -3.78 50.79 -11.21
N THR B 930 -4.96 51.00 -10.61
CA THR B 930 -5.22 50.87 -9.18
C THR B 930 -6.11 49.63 -9.08
N GLY B 931 -7.16 49.60 -9.90
CA GLY B 931 -8.08 48.47 -9.97
C GLY B 931 -9.32 48.68 -10.80
N ILE B 932 -10.12 47.62 -10.93
CA ILE B 932 -11.39 47.63 -11.65
C ILE B 932 -12.53 47.24 -10.70
N LEU B 933 -13.51 48.11 -10.56
CA LEU B 933 -14.66 47.89 -9.67
C LEU B 933 -15.85 47.47 -10.52
N PRO B 934 -16.26 46.18 -10.49
CA PRO B 934 -17.39 45.73 -11.30
C PRO B 934 -18.73 46.23 -10.77
N LEU B 935 -19.08 47.50 -11.11
CA LEU B 935 -20.27 48.24 -10.67
C LEU B 935 -21.56 47.45 -10.87
N SER B 936 -21.78 47.02 -12.11
CA SER B 936 -22.94 46.26 -12.52
C SER B 936 -22.57 45.34 -13.68
N ASP B 937 -23.48 44.44 -14.05
CA ASP B 937 -23.32 43.49 -15.17
C ASP B 937 -23.06 44.24 -16.50
N GLU B 938 -23.46 45.53 -16.56
CA GLU B 938 -23.36 46.42 -17.73
C GLU B 938 -22.20 47.41 -17.65
N PHE B 939 -21.81 47.84 -16.43
CA PHE B 939 -20.78 48.86 -16.25
C PHE B 939 -19.74 48.53 -15.22
N SER B 940 -18.50 48.86 -15.57
CA SER B 940 -17.33 48.66 -14.73
C SER B 940 -16.44 49.90 -14.83
N ALA B 941 -15.90 50.35 -13.69
CA ALA B 941 -14.99 51.50 -13.64
C ALA B 941 -13.53 51.05 -13.47
N VAL B 942 -12.59 51.75 -14.14
CA VAL B 942 -11.15 51.48 -14.05
C VAL B 942 -10.48 52.64 -13.26
N ILE B 943 -9.81 52.31 -12.15
CA ILE B 943 -9.19 53.30 -11.29
C ILE B 943 -7.71 53.39 -11.65
N THR B 944 -7.21 54.62 -11.83
CA THR B 944 -5.85 54.87 -12.28
C THR B 944 -5.08 55.83 -11.35
N LYS B 945 -3.75 55.61 -11.24
CA LYS B 945 -2.80 56.39 -10.42
C LYS B 945 -2.07 57.44 -11.29
N ASP B 946 -0.71 57.52 -11.12
CA ASP B 946 0.31 58.38 -11.72
C ASP B 946 0.13 59.88 -11.38
N GLN B 947 -1.11 60.40 -11.56
CA GLN B 947 -1.49 61.79 -11.28
C GLN B 947 -1.44 62.10 -9.78
N THR B 948 -1.19 63.38 -9.44
CA THR B 948 -1.11 63.83 -8.05
C THR B 948 -2.47 63.66 -7.36
N TRP B 949 -2.50 62.81 -6.29
CA TRP B 949 -3.60 62.38 -5.41
C TRP B 949 -3.94 60.89 -5.56
N THR B 950 -3.93 60.36 -6.83
CA THR B 950 -4.23 58.98 -7.25
C THR B 950 -5.75 58.69 -7.25
N GLY B 951 -6.30 58.37 -8.44
CA GLY B 951 -7.70 58.02 -8.63
C GLY B 951 -8.33 58.72 -9.82
N LYS B 952 -7.99 58.30 -11.05
CA LYS B 952 -8.54 58.94 -12.26
C LYS B 952 -10.01 58.57 -12.50
N VAL B 953 -10.34 57.26 -12.60
CA VAL B 953 -11.71 56.75 -12.82
C VAL B 953 -12.16 56.92 -14.28
N ASP B 954 -12.52 55.81 -14.92
CA ASP B 954 -13.02 55.71 -16.28
C ASP B 954 -14.07 54.60 -16.36
N ILE B 955 -15.32 54.93 -16.77
CA ILE B 955 -16.43 53.99 -16.89
C ILE B 955 -16.44 53.34 -18.27
N TYR B 956 -16.66 52.02 -18.29
CA TYR B 956 -16.71 51.17 -19.46
C TYR B 956 -18.02 50.40 -19.48
N LYS B 957 -18.76 50.51 -20.59
CA LYS B 957 -20.04 49.84 -20.78
C LYS B 957 -19.91 48.60 -21.64
N ASN B 958 -20.47 47.49 -21.15
CA ASN B 958 -20.53 46.19 -21.80
C ASN B 958 -21.65 46.18 -22.90
N THR B 959 -21.27 45.79 -24.13
CA THR B 959 -22.17 45.77 -25.29
C THR B 959 -22.02 44.43 -26.02
N ASN B 960 -22.99 43.52 -25.75
CA ASN B 960 -23.05 42.14 -26.27
C ASN B 960 -21.85 41.30 -25.79
N GLY B 961 -21.23 41.72 -24.67
CA GLY B 961 -20.06 41.09 -24.06
C GLY B 961 -18.80 41.94 -24.17
N LEU B 962 -18.75 42.79 -25.18
CA LEU B 962 -17.64 43.67 -25.54
C LEU B 962 -17.71 45.04 -24.82
N PHE B 963 -16.69 45.35 -23.99
CA PHE B 963 -16.57 46.63 -23.30
C PHE B 963 -16.16 47.76 -24.24
N GLU B 964 -16.61 48.97 -23.91
CA GLU B 964 -16.34 50.19 -24.65
C GLU B 964 -16.42 51.30 -23.63
N LYS B 965 -15.45 52.25 -23.61
CA LYS B 965 -15.43 53.38 -22.67
C LYS B 965 -16.64 54.28 -22.87
N ASP B 966 -17.31 54.68 -21.79
CA ASP B 966 -18.45 55.58 -21.87
C ASP B 966 -17.92 57.00 -21.63
N ASP B 967 -17.65 57.74 -22.75
CA ASP B 967 -17.11 59.10 -22.73
C ASP B 967 -17.87 59.99 -21.77
N GLN B 968 -19.21 59.98 -21.93
CA GLN B 968 -20.20 60.75 -21.19
C GLN B 968 -20.15 60.54 -19.69
N LEU B 969 -20.15 59.27 -19.24
CA LEU B 969 -20.14 58.87 -17.84
C LEU B 969 -18.78 59.07 -17.16
N SER B 970 -17.68 58.79 -17.88
CA SER B 970 -16.32 58.94 -17.35
C SER B 970 -16.00 60.40 -17.17
N GLU B 971 -16.45 61.26 -18.09
CA GLU B 971 -16.28 62.71 -18.04
C GLU B 971 -17.07 63.29 -16.88
N ASN B 972 -18.17 62.58 -16.49
CA ASN B 972 -19.11 62.94 -15.44
C ASN B 972 -18.54 62.71 -14.06
N VAL B 973 -18.09 61.48 -13.80
CA VAL B 973 -17.49 61.07 -12.54
C VAL B 973 -16.10 61.72 -12.39
N LYS B 974 -15.35 61.81 -13.52
CA LYS B 974 -13.99 62.38 -13.57
C LYS B 974 -14.01 63.89 -13.49
N ARG B 975 -14.13 64.38 -12.27
CA ARG B 975 -13.98 65.78 -11.96
C ARG B 975 -13.30 65.87 -10.63
N ARG B 976 -14.05 66.14 -9.54
CA ARG B 976 -13.45 66.22 -8.22
C ARG B 976 -14.06 65.17 -7.27
C2 BGC C . 29.95 -29.65 -7.54
C3 BGC C . 30.10 -30.83 -6.58
C4 BGC C . 31.55 -31.30 -6.45
C5 BGC C . 32.21 -31.57 -7.81
C6 BGC C . 32.47 -33.03 -8.06
C1 BGC C . 30.90 -29.76 -8.73
O1 BGC C . 30.25 -29.32 -9.88
O2 BGC C . 30.19 -28.43 -6.84
O3 BGC C . 29.25 -31.91 -6.98
O4 BGC C . 32.32 -30.36 -5.70
O5 BGC C . 31.36 -31.11 -8.88
O6 BGC C . 33.15 -33.23 -9.29
C1 GAL C . 32.68 -30.70 -4.37
C2 GAL C . 34.14 -30.26 -4.14
C3 GAL C . 34.54 -30.46 -2.68
C4 GAL C . 33.54 -29.81 -1.74
C5 GAL C . 32.13 -30.33 -2.05
C6 GAL C . 31.05 -29.72 -1.20
O2 GAL C . 35.00 -31.01 -4.99
O3 GAL C . 35.84 -29.95 -2.43
O4 GAL C . 33.58 -28.39 -1.88
O5 GAL C . 31.81 -30.05 -3.43
O6 GAL C . 29.82 -30.42 -1.36
C1 SIA C . 28.60 -29.98 0.65
C2 SIA C . 28.65 -29.77 -0.89
C3 SIA C . 27.53 -30.42 -1.67
C4 SIA C . 26.19 -29.73 -1.39
C5 SIA C . 26.25 -28.22 -1.48
C6 SIA C . 27.50 -27.65 -0.79
C7 SIA C . 27.76 -26.16 -1.07
C8 SIA C . 29.06 -25.58 -0.51
C9 SIA C . 29.01 -24.08 -0.34
C10 SIA C . 24.05 -27.14 -1.64
C11 SIA C . 22.77 -26.85 -0.90
N5 SIA C . 25.04 -27.65 -0.91
O1A SIA C . 29.10 -29.21 1.45
O1B SIA C . 27.99 -31.08 1.03
O4 SIA C . 25.17 -30.25 -2.24
O6 SIA C . 28.70 -28.37 -1.14
O7 SIA C . 27.72 -25.92 -2.46
O8 SIA C . 29.43 -26.17 0.74
O9 SIA C . 28.73 -23.43 -1.58
O10 SIA C . 24.17 -26.93 -2.85
C2 BGC D . 23.88 0.57 -36.34
C3 BGC D . 22.60 0.07 -36.98
C4 BGC D . 22.52 0.49 -38.45
C5 BGC D . 23.73 -0.04 -39.22
C6 BGC D . 24.38 0.99 -40.13
C1 BGC D . 25.11 0.14 -37.15
O1 BGC D . 25.95 1.24 -37.36
O2 BGC D . 23.99 0.06 -35.01
O3 BGC D . 21.46 0.56 -36.28
O4 BGC D . 21.32 -0.04 -39.02
O5 BGC D . 24.75 -0.58 -38.34
O6 BGC D . 25.54 0.47 -40.77
C1 GAL D . 20.56 0.75 -39.92
C2 GAL D . 20.13 -0.16 -41.07
C3 GAL D . 19.13 0.53 -42.00
C4 GAL D . 17.96 1.11 -41.21
C5 GAL D . 18.51 2.04 -40.12
C6 GAL D . 17.44 2.65 -39.24
O2 GAL D . 21.29 -0.56 -41.82
O3 GAL D . 18.64 -0.37 -42.99
O4 GAL D . 17.19 0.08 -40.62
O5 GAL D . 19.42 1.30 -39.26
O6 GAL D . 17.98 3.73 -38.48
C1 SIA D . 16.08 5.05 -37.90
C2 SIA D . 17.23 4.16 -37.37
C3 SIA D . 18.24 4.87 -36.50
C4 SIA D . 17.63 5.28 -35.16
C5 SIA D . 16.86 4.16 -34.47
C6 SIA D . 15.97 3.39 -35.45
C7 SIA D . 15.37 2.09 -34.89
C8 SIA D . 14.59 1.23 -35.88
C9 SIA D . 13.61 0.29 -35.19
C10 SIA D . 16.39 4.57 -32.09
C11 SIA D . 15.63 5.42 -31.13
N5 SIA D . 16.07 4.71 -33.38
O1A SIA D . 16.37 6.32 -38.02
O1B SIA D . 14.98 4.61 -38.20
O4 SIA D . 18.63 5.82 -34.28
O6 SIA D . 16.65 3.06 -36.68
O7 SIA D . 16.40 1.31 -34.32
O8 SIA D . 13.87 2.01 -36.84
O9 SIA D . 14.27 -0.56 -34.28
O10 SIA D . 17.28 3.80 -31.72
#